data_6BL4
#
_entry.id   6BL4
#
_cell.length_a   214.795
_cell.length_b   120.414
_cell.length_c   134.417
_cell.angle_alpha   90.000
_cell.angle_beta   123.600
_cell.angle_gamma   90.000
#
_symmetry.space_group_name_H-M   'C 1 2 1'
#
loop_
_entity.id
_entity.type
_entity.pdbx_description
1 polymer 'Prostaglandin G/H synthase 2'
2 branched 2-acetamido-2-deoxy-beta-D-glucopyranose-(1-4)-2-acetamido-2-deoxy-beta-D-glucopyranose
3 non-polymer 'PROTOPORPHYRIN IX CONTAINING FE'
4 non-polymer 2-acetamido-2-deoxy-beta-D-glucopyranose
5 non-polymer 2-[1-(4-chlorobenzene-1-carbonyl)-5-methoxy-2-methyl-1H-indol-3-yl]-N-[2-({[5-(dimethylamino)naphthalen-1-yl]sulfonyl}amino)ethyl]acetamide
6 non-polymer 'octyl beta-D-glucopyranoside'
7 water water
#
_entity_poly.entity_id   1
_entity_poly.type   'polypeptide(L)'
_entity_poly.pdbx_seq_one_letter_code
;ANPCCSNPCQNRGECMSTGFDQYKCDCTRTGFYGENCTTPEFLTRIKLLLKPTPNTVHYILTHFKGVWNIVNNIPFLRSL
IMKYVLTSRSYLIDSPPTYNVHYGYKSWEAFSNLSYYTRALPPVADDCPTPMGVKGNKELPDSKEVLEKVLLRREFIPDP
QGSNMMFAFFAQHFTHQFFKTDHKRGPGFTRGLGHGVDLNHIYGETLDRQHKLRLFKDGKLKYQVIGGEVYPPTVKDTQV
EMIYPPHIPENLQFAVGQEVFGLVPGLMMYATIWLREHNRVCDILKQEHPEWGDEQLFQTSRLILIGETIKIVIEDYVQH
LSGYHFKLKFDPELLFNQQFQYQNRIASEFNTLYHWHPLLPDTFNIEDQEYSFKQFLYNNSILLEHGLTQFVESFTRQIA
GRVAGGRNVPIAVQAVAKASIDQSREMKYQSLNEYRKRFSLKPYTSFEELTGEKEMAAELKALYSDIDVMELYPALLVEK
PRPDAIFGETMVELGAPFSLKGLMGNPICSPQYWKPSTFGGEVGFKIINTASIQSLICNNVKGCPFTSFNVQDPQPTKTA
TINASASHSRLDDINPTVLIKRRSTEL
;
_entity_poly.pdbx_strand_id   A,B,C,D
#
# COMPACT_ATOMS: atom_id res chain seq x y z
N ALA A 1 -55.23 -49.52 -9.46
CA ALA A 1 -56.44 -49.77 -8.68
C ALA A 1 -56.69 -48.66 -7.67
N ASN A 2 -55.68 -47.82 -7.42
CA ASN A 2 -55.90 -46.63 -6.62
C ASN A 2 -57.02 -45.81 -7.27
N PRO A 3 -58.09 -45.50 -6.54
CA PRO A 3 -59.22 -44.78 -7.16
C PRO A 3 -58.86 -43.37 -7.61
N CYS A 4 -57.72 -42.84 -7.18
CA CYS A 4 -57.25 -41.52 -7.58
C CYS A 4 -56.34 -41.58 -8.81
N CYS A 5 -56.20 -42.75 -9.45
CA CYS A 5 -55.26 -42.89 -10.56
C CYS A 5 -55.63 -42.04 -11.77
N SER A 6 -56.90 -41.73 -11.95
CA SER A 6 -57.34 -40.95 -13.09
C SER A 6 -57.20 -39.45 -12.89
N ASN A 7 -56.56 -39.01 -11.81
CA ASN A 7 -56.43 -37.62 -11.44
C ASN A 7 -57.79 -36.90 -11.54
N PRO A 8 -58.81 -37.38 -10.83
CA PRO A 8 -60.16 -36.86 -11.06
C PRO A 8 -60.40 -35.45 -10.52
N CYS A 9 -59.66 -35.00 -9.51
CA CYS A 9 -59.90 -33.70 -8.91
C CYS A 9 -59.26 -32.58 -9.74
N GLN A 10 -60.06 -31.60 -10.11
CA GLN A 10 -59.59 -30.48 -10.92
C GLN A 10 -59.30 -29.26 -10.06
N ASN A 11 -58.61 -28.29 -10.66
CA ASN A 11 -58.43 -26.95 -10.10
C ASN A 11 -57.67 -27.01 -8.76
N ARG A 12 -56.71 -27.93 -8.68
CA ARG A 12 -55.79 -28.06 -7.56
C ARG A 12 -56.46 -28.60 -6.30
N GLY A 13 -57.69 -29.12 -6.44
CA GLY A 13 -58.24 -29.96 -5.39
C GLY A 13 -57.44 -31.24 -5.24
N GLU A 14 -57.46 -31.80 -4.04
CA GLU A 14 -56.64 -32.94 -3.69
C GLU A 14 -57.47 -34.21 -3.62
N CYS A 15 -56.99 -35.27 -4.26
CA CYS A 15 -57.68 -36.54 -4.30
C CYS A 15 -57.21 -37.42 -3.15
N MET A 16 -58.17 -38.01 -2.45
CA MET A 16 -57.93 -38.94 -1.36
C MET A 16 -58.86 -40.11 -1.56
N SER A 17 -58.33 -41.32 -1.43
CA SER A 17 -59.18 -42.50 -1.46
C SER A 17 -60.04 -42.56 -0.21
N THR A 18 -61.29 -42.99 -0.38
CA THR A 18 -62.23 -43.19 0.72
C THR A 18 -62.80 -44.62 0.65
N GLY A 19 -61.90 -45.59 0.66
CA GLY A 19 -62.26 -46.97 0.41
C GLY A 19 -61.55 -47.48 -0.83
N PHE A 20 -61.81 -48.75 -1.14
CA PHE A 20 -61.06 -49.42 -2.20
C PHE A 20 -61.41 -48.88 -3.59
N ASP A 21 -62.66 -48.49 -3.82
CA ASP A 21 -63.10 -48.11 -5.16
C ASP A 21 -63.82 -46.76 -5.17
N GLN A 22 -63.52 -45.90 -4.20
CA GLN A 22 -64.13 -44.59 -4.10
C GLN A 22 -63.07 -43.56 -3.75
N TYR A 23 -63.33 -42.31 -4.10
CA TYR A 23 -62.43 -41.21 -3.79
C TYR A 23 -63.23 -40.00 -3.34
N LYS A 24 -62.51 -39.03 -2.78
CA LYS A 24 -63.07 -37.75 -2.38
C LYS A 24 -62.10 -36.65 -2.79
N CYS A 25 -62.64 -35.55 -3.33
CA CYS A 25 -61.84 -34.40 -3.68
C CYS A 25 -61.94 -33.36 -2.58
N ASP A 26 -60.79 -32.91 -2.08
CA ASP A 26 -60.74 -31.82 -1.11
C ASP A 26 -60.61 -30.52 -1.90
N CYS A 27 -61.71 -29.80 -2.04
CA CYS A 27 -61.74 -28.57 -2.82
C CYS A 27 -61.44 -27.34 -1.97
N THR A 28 -61.00 -27.54 -0.73
CA THR A 28 -60.69 -26.43 0.16
C THR A 28 -59.86 -25.36 -0.54
N ARG A 29 -60.40 -24.13 -0.57
CA ARG A 29 -59.72 -22.94 -1.07
C ARG A 29 -59.32 -23.04 -2.54
N THR A 30 -59.93 -23.93 -3.32
CA THR A 30 -59.64 -23.94 -4.75
C THR A 30 -60.43 -22.90 -5.53
N GLY A 31 -61.46 -22.30 -4.93
CA GLY A 31 -62.39 -21.48 -5.66
C GLY A 31 -63.49 -22.26 -6.34
N PHE A 32 -63.46 -23.59 -6.23
CA PHE A 32 -64.42 -24.47 -6.87
C PHE A 32 -65.01 -25.41 -5.83
N TYR A 33 -66.16 -25.99 -6.17
CA TYR A 33 -66.76 -27.03 -5.36
C TYR A 33 -67.30 -28.10 -6.31
N GLY A 34 -67.96 -29.10 -5.74
CA GLY A 34 -68.45 -30.23 -6.49
C GLY A 34 -67.56 -31.46 -6.34
N GLU A 35 -68.08 -32.57 -6.85
CA GLU A 35 -67.41 -33.86 -6.69
C GLU A 35 -65.97 -33.83 -7.16
N ASN A 36 -65.70 -33.16 -8.28
CA ASN A 36 -64.38 -33.09 -8.87
C ASN A 36 -63.77 -31.70 -8.76
N CYS A 37 -64.35 -30.83 -7.94
CA CYS A 37 -63.95 -29.42 -7.84
C CYS A 37 -64.01 -28.72 -9.20
N THR A 38 -65.12 -28.92 -9.91
CA THR A 38 -65.28 -28.30 -11.23
C THR A 38 -66.36 -27.24 -11.28
N THR A 39 -67.16 -27.07 -10.23
CA THR A 39 -68.18 -26.04 -10.20
C THR A 39 -67.57 -24.75 -9.67
N PRO A 40 -67.43 -23.71 -10.49
CA PRO A 40 -66.78 -22.49 -10.00
C PRO A 40 -67.70 -21.72 -9.06
N GLU A 41 -67.10 -21.17 -8.00
CA GLU A 41 -67.83 -20.19 -7.23
C GLU A 41 -68.00 -18.90 -8.02
N PHE A 42 -68.88 -18.03 -7.53
CA PHE A 42 -69.25 -16.83 -8.30
C PHE A 42 -68.04 -15.95 -8.57
N LEU A 43 -67.28 -15.61 -7.53
CA LEU A 43 -66.07 -14.81 -7.71
C LEU A 43 -65.10 -15.50 -8.66
N THR A 44 -65.12 -16.84 -8.70
CA THR A 44 -64.23 -17.57 -9.60
C THR A 44 -64.67 -17.43 -11.06
N ARG A 45 -65.98 -17.47 -11.31
CA ARG A 45 -66.48 -17.23 -12.67
C ARG A 45 -65.99 -15.88 -13.19
N ILE A 46 -66.05 -14.85 -12.35
CA ILE A 46 -65.68 -13.50 -12.77
C ILE A 46 -64.21 -13.44 -13.16
N LYS A 47 -63.33 -13.83 -12.24
CA LYS A 47 -61.90 -13.70 -12.48
C LYS A 47 -61.46 -14.58 -13.66
N LEU A 48 -62.06 -15.77 -13.79
CA LEU A 48 -61.80 -16.61 -14.95
C LEU A 48 -62.17 -15.89 -16.24
N LEU A 49 -63.30 -15.18 -16.22
CA LEU A 49 -63.78 -14.47 -17.38
C LEU A 49 -62.97 -13.21 -17.66
N LEU A 50 -62.28 -12.67 -16.65
CA LEU A 50 -61.46 -11.47 -16.81
C LEU A 50 -59.98 -11.76 -16.95
N LYS A 51 -59.56 -13.04 -16.92
CA LYS A 51 -58.13 -13.36 -16.97
C LYS A 51 -57.68 -13.53 -18.41
N PRO A 52 -56.75 -12.70 -18.90
CA PRO A 52 -56.21 -12.89 -20.24
C PRO A 52 -55.37 -14.16 -20.32
N THR A 53 -55.25 -14.70 -21.54
CA THR A 53 -54.43 -15.89 -21.70
C THR A 53 -52.95 -15.52 -21.65
N PRO A 54 -52.10 -16.47 -21.27
CA PRO A 54 -50.65 -16.19 -21.29
C PRO A 54 -50.14 -15.74 -22.65
N ASN A 55 -50.68 -16.27 -23.75
CA ASN A 55 -50.24 -15.82 -25.05
C ASN A 55 -50.74 -14.41 -25.35
N THR A 56 -51.88 -14.01 -24.78
CA THR A 56 -52.31 -12.63 -24.90
C THR A 56 -51.37 -11.71 -24.14
N VAL A 57 -51.03 -12.07 -22.91
CA VAL A 57 -50.12 -11.28 -22.10
C VAL A 57 -48.74 -11.20 -22.76
N HIS A 58 -48.24 -12.34 -23.26
CA HIS A 58 -46.93 -12.33 -23.90
C HIS A 58 -46.89 -11.39 -25.08
N TYR A 59 -48.00 -11.26 -25.81
CA TYR A 59 -48.07 -10.31 -26.91
C TYR A 59 -47.91 -8.88 -26.40
N ILE A 60 -48.62 -8.54 -25.32
CA ILE A 60 -48.59 -7.18 -24.80
C ILE A 60 -47.21 -6.85 -24.25
N LEU A 61 -46.53 -7.83 -23.65
CA LEU A 61 -45.21 -7.60 -23.06
C LEU A 61 -44.11 -7.48 -24.10
N THR A 62 -44.32 -8.03 -25.30
CA THR A 62 -43.32 -7.99 -26.37
C THR A 62 -43.66 -6.99 -27.47
N HIS A 63 -44.74 -6.23 -27.32
CA HIS A 63 -45.09 -5.18 -28.28
C HIS A 63 -45.32 -3.86 -27.58
N PHE A 64 -45.76 -2.84 -28.32
CA PHE A 64 -45.99 -1.50 -27.76
C PHE A 64 -44.73 -0.98 -27.11
N LYS A 65 -43.61 -1.10 -27.82
CA LYS A 65 -42.31 -0.75 -27.27
C LYS A 65 -42.28 0.67 -26.76
N GLY A 66 -42.98 1.59 -27.43
CA GLY A 66 -43.03 2.97 -26.96
C GLY A 66 -43.75 3.11 -25.64
N VAL A 67 -44.87 2.42 -25.46
CA VAL A 67 -45.61 2.50 -24.20
C VAL A 67 -44.76 1.92 -23.07
N TRP A 68 -44.08 0.81 -23.34
CA TRP A 68 -43.22 0.23 -22.31
C TRP A 68 -42.03 1.13 -21.99
N ASN A 69 -41.53 1.87 -22.98
CA ASN A 69 -40.44 2.80 -22.72
C ASN A 69 -40.85 3.86 -21.70
N ILE A 70 -42.12 4.26 -21.71
CA ILE A 70 -42.58 5.25 -20.73
C ILE A 70 -42.69 4.62 -19.37
N VAL A 71 -43.25 3.41 -19.30
CA VAL A 71 -43.40 2.70 -18.02
C VAL A 71 -42.05 2.54 -17.33
N ASN A 72 -41.03 2.13 -18.08
CA ASN A 72 -39.73 1.88 -17.47
C ASN A 72 -39.14 3.13 -16.82
N ASN A 73 -39.43 4.30 -17.37
CA ASN A 73 -38.86 5.55 -16.88
C ASN A 73 -39.73 6.21 -15.81
N ILE A 74 -40.75 5.51 -15.31
CA ILE A 74 -41.54 6.01 -14.19
C ILE A 74 -41.36 5.04 -13.03
N PRO A 75 -40.40 5.30 -12.13
CA PRO A 75 -40.06 4.32 -11.08
C PRO A 75 -41.26 3.74 -10.35
N PHE A 76 -42.25 4.55 -10.01
CA PHE A 76 -43.41 4.06 -9.28
C PHE A 76 -44.20 3.06 -10.12
N LEU A 77 -44.32 3.32 -11.43
CA LEU A 77 -45.07 2.44 -12.30
C LEU A 77 -44.33 1.12 -12.53
N ARG A 78 -43.04 1.19 -12.85
CA ARG A 78 -42.23 -0.02 -13.03
C ARG A 78 -42.24 -0.87 -11.76
N SER A 79 -42.07 -0.23 -10.60
CA SER A 79 -42.13 -0.96 -9.34
C SER A 79 -43.46 -1.66 -9.18
N LEU A 80 -44.56 -0.97 -9.53
CA LEU A 80 -45.88 -1.57 -9.40
C LEU A 80 -46.05 -2.80 -10.29
N ILE A 81 -45.53 -2.73 -11.52
CA ILE A 81 -45.66 -3.85 -12.44
C ILE A 81 -44.76 -5.01 -12.01
N MET A 82 -43.51 -4.72 -11.67
CA MET A 82 -42.60 -5.76 -11.19
C MET A 82 -43.15 -6.43 -9.94
N LYS A 83 -43.76 -5.66 -9.03
CA LYS A 83 -44.39 -6.23 -7.85
C LYS A 83 -45.45 -7.25 -8.25
N TYR A 84 -46.27 -6.93 -9.24
CA TYR A 84 -47.27 -7.88 -9.72
C TYR A 84 -46.61 -9.12 -10.31
N VAL A 85 -45.52 -8.93 -11.07
CA VAL A 85 -44.80 -10.08 -11.62
C VAL A 85 -44.42 -11.06 -10.51
N LEU A 86 -43.95 -10.53 -9.37
CA LEU A 86 -43.44 -11.39 -8.30
C LEU A 86 -44.55 -12.10 -7.55
N THR A 87 -45.70 -11.47 -7.37
CA THR A 87 -46.76 -12.03 -6.54
C THR A 87 -47.89 -12.66 -7.33
N SER A 88 -48.04 -12.29 -8.57
CA SER A 88 -49.14 -12.80 -9.32
C SER A 88 -49.25 -14.29 -9.31
N ARG A 89 -48.16 -15.01 -9.29
CA ARG A 89 -48.24 -16.45 -9.33
C ARG A 89 -47.87 -17.21 -8.08
N SER A 90 -47.77 -16.55 -6.97
CA SER A 90 -47.33 -17.27 -5.80
C SER A 90 -48.26 -18.45 -5.51
N TYR A 91 -49.55 -18.29 -5.74
CA TYR A 91 -50.47 -19.37 -5.61
C TYR A 91 -50.05 -20.62 -6.36
N LEU A 92 -49.10 -20.55 -7.28
CA LEU A 92 -48.77 -21.74 -8.08
C LEU A 92 -47.71 -22.61 -7.41
N ILE A 93 -46.91 -22.08 -6.49
CA ILE A 93 -45.87 -22.85 -5.81
C ILE A 93 -46.34 -23.17 -4.40
N ASP A 94 -46.34 -24.46 -4.06
CA ASP A 94 -46.60 -24.87 -2.68
C ASP A 94 -45.39 -24.49 -1.83
N SER A 95 -45.57 -23.55 -0.91
CA SER A 95 -44.48 -23.18 -0.01
C SER A 95 -45.03 -22.93 1.38
N PRO A 96 -44.67 -23.73 2.38
CA PRO A 96 -43.75 -24.89 2.37
C PRO A 96 -44.14 -26.01 1.40
N PRO A 97 -43.17 -26.81 0.98
CA PRO A 97 -43.39 -27.78 -0.09
C PRO A 97 -44.21 -28.97 0.39
N THR A 98 -44.70 -29.73 -0.59
CA THR A 98 -45.61 -30.83 -0.30
C THR A 98 -45.02 -32.15 -0.81
N TYR A 99 -45.35 -32.56 -2.04
CA TYR A 99 -45.08 -33.91 -2.48
C TYR A 99 -43.61 -34.09 -2.90
N ASN A 100 -43.20 -35.35 -3.05
CA ASN A 100 -41.92 -35.70 -3.67
C ASN A 100 -42.10 -37.06 -4.35
N VAL A 101 -41.00 -37.60 -4.90
CA VAL A 101 -41.12 -38.79 -5.74
C VAL A 101 -41.74 -39.96 -4.99
N HIS A 102 -41.52 -40.04 -3.68
CA HIS A 102 -42.00 -41.16 -2.89
C HIS A 102 -43.32 -40.88 -2.19
N TYR A 103 -43.82 -39.65 -2.22
CA TYR A 103 -45.04 -39.31 -1.48
C TYR A 103 -46.03 -38.57 -2.38
N GLY A 104 -47.15 -39.20 -2.69
CA GLY A 104 -48.28 -38.61 -3.36
C GLY A 104 -49.28 -37.97 -2.43
N TYR A 105 -48.99 -37.99 -1.14
CA TYR A 105 -49.74 -37.30 -0.10
C TYR A 105 -48.75 -36.56 0.78
N LYS A 106 -49.24 -35.55 1.49
CA LYS A 106 -48.39 -34.79 2.39
C LYS A 106 -47.99 -35.63 3.59
N SER A 107 -46.71 -35.55 3.98
CA SER A 107 -46.19 -36.31 5.11
C SER A 107 -45.02 -35.55 5.72
N TRP A 108 -44.74 -35.83 7.00
CA TRP A 108 -43.59 -35.18 7.62
C TRP A 108 -42.29 -35.60 6.97
N GLU A 109 -42.21 -36.84 6.47
CA GLU A 109 -41.03 -37.28 5.74
C GLU A 109 -40.82 -36.43 4.50
N ALA A 110 -41.89 -36.18 3.74
CA ALA A 110 -41.75 -35.37 2.53
C ALA A 110 -41.38 -33.93 2.85
N PHE A 111 -41.96 -33.36 3.92
CA PHE A 111 -41.62 -31.98 4.25
C PHE A 111 -40.19 -31.86 4.75
N SER A 112 -39.73 -32.79 5.57
CA SER A 112 -38.53 -32.56 6.37
C SER A 112 -37.25 -33.08 5.71
N ASN A 113 -37.35 -34.08 4.84
CA ASN A 113 -36.17 -34.70 4.25
C ASN A 113 -35.72 -33.86 3.06
N LEU A 114 -34.66 -33.08 3.27
CA LEU A 114 -34.12 -32.14 2.31
C LEU A 114 -33.34 -32.82 1.17
N SER A 115 -33.13 -34.13 1.25
CA SER A 115 -32.42 -34.85 0.19
C SER A 115 -33.31 -35.11 -1.03
N TYR A 116 -34.61 -34.88 -0.93
CA TYR A 116 -35.52 -35.00 -2.05
C TYR A 116 -35.62 -33.68 -2.81
N TYR A 117 -35.73 -33.77 -4.14
CA TYR A 117 -36.42 -32.72 -4.85
C TYR A 117 -37.89 -32.76 -4.46
N THR A 118 -38.52 -31.59 -4.35
CA THR A 118 -39.96 -31.58 -4.13
C THR A 118 -40.66 -31.75 -5.47
N ARG A 119 -41.98 -31.87 -5.44
CA ARG A 119 -42.76 -32.18 -6.64
C ARG A 119 -43.96 -31.25 -6.72
N ALA A 120 -44.08 -30.55 -7.86
CA ALA A 120 -45.24 -29.68 -8.06
C ALA A 120 -46.51 -30.50 -8.25
N LEU A 121 -46.40 -31.68 -8.86
CA LEU A 121 -47.52 -32.60 -8.90
C LEU A 121 -47.10 -33.93 -8.30
N PRO A 122 -47.98 -34.55 -7.50
CA PRO A 122 -47.63 -35.84 -6.91
C PRO A 122 -47.34 -36.86 -7.99
N PRO A 123 -46.53 -37.88 -7.69
CA PRO A 123 -46.31 -38.93 -8.67
C PRO A 123 -47.57 -39.74 -8.94
N VAL A 124 -47.62 -40.34 -10.13
CA VAL A 124 -48.64 -41.34 -10.42
C VAL A 124 -48.40 -42.54 -9.53
N ALA A 125 -49.46 -43.00 -8.85
CA ALA A 125 -49.32 -44.08 -7.89
C ALA A 125 -48.79 -45.34 -8.57
N ASP A 126 -48.00 -46.10 -7.80
CA ASP A 126 -47.28 -47.26 -8.37
C ASP A 126 -48.23 -48.29 -8.97
N ASP A 127 -49.41 -48.44 -8.40
CA ASP A 127 -50.36 -49.48 -8.80
C ASP A 127 -51.34 -49.01 -9.86
N CYS A 128 -51.17 -47.81 -10.39
CA CYS A 128 -52.07 -47.36 -11.45
C CYS A 128 -51.88 -48.22 -12.70
N PRO A 129 -52.95 -48.50 -13.43
CA PRO A 129 -52.84 -49.45 -14.56
C PRO A 129 -51.95 -48.97 -15.69
N THR A 130 -51.85 -47.66 -15.92
CA THR A 130 -51.01 -47.11 -16.98
C THR A 130 -50.05 -46.08 -16.40
N PRO A 131 -48.94 -45.81 -17.09
CA PRO A 131 -47.94 -44.88 -16.53
C PRO A 131 -48.48 -43.49 -16.24
N MET A 132 -49.40 -42.98 -17.05
CA MET A 132 -49.97 -41.67 -16.80
C MET A 132 -51.19 -41.74 -15.87
N GLY A 133 -51.59 -42.93 -15.47
CA GLY A 133 -52.70 -43.10 -14.56
C GLY A 133 -53.67 -44.17 -15.05
N VAL A 134 -54.65 -43.75 -15.84
CA VAL A 134 -55.55 -44.68 -16.50
C VAL A 134 -55.53 -44.56 -18.02
N LYS A 135 -55.07 -43.43 -18.57
CA LYS A 135 -55.03 -43.23 -20.01
C LYS A 135 -53.79 -43.86 -20.63
N GLY A 136 -53.86 -44.09 -21.94
CA GLY A 136 -52.71 -44.59 -22.69
C GLY A 136 -52.56 -46.09 -22.60
N ASN A 137 -51.48 -46.57 -23.20
CA ASN A 137 -51.19 -47.99 -23.22
C ASN A 137 -50.42 -48.39 -21.96
N LYS A 138 -50.30 -49.71 -21.77
CA LYS A 138 -49.55 -50.28 -20.66
C LYS A 138 -48.19 -49.60 -20.52
N GLU A 139 -47.50 -49.41 -21.64
CA GLU A 139 -46.19 -48.76 -21.65
C GLU A 139 -46.18 -47.55 -22.57
N LEU A 140 -45.44 -46.52 -22.15
CA LEU A 140 -45.24 -45.34 -22.96
C LEU A 140 -44.37 -45.68 -24.18
N PRO A 141 -44.39 -44.85 -25.22
CA PRO A 141 -43.61 -45.16 -26.43
C PRO A 141 -42.12 -45.26 -26.13
N ASP A 142 -41.44 -46.09 -26.92
CA ASP A 142 -40.00 -46.25 -26.80
C ASP A 142 -39.31 -44.89 -26.75
N SER A 143 -38.48 -44.69 -25.71
CA SER A 143 -37.88 -43.37 -25.51
C SER A 143 -36.84 -43.05 -26.57
N LYS A 144 -36.11 -44.06 -27.07
CA LYS A 144 -35.21 -43.83 -28.18
C LYS A 144 -35.99 -43.38 -29.41
N GLU A 145 -37.13 -44.02 -29.65
CA GLU A 145 -38.07 -43.63 -30.69
C GLU A 145 -38.42 -42.15 -30.60
N VAL A 146 -38.89 -41.70 -29.44
CA VAL A 146 -39.25 -40.31 -29.22
C VAL A 146 -38.04 -39.42 -29.45
N LEU A 147 -36.91 -39.78 -28.83
CA LEU A 147 -35.66 -39.03 -28.97
C LEU A 147 -35.32 -38.77 -30.44
N GLU A 148 -35.26 -39.82 -31.24
CA GLU A 148 -34.75 -39.67 -32.60
C GLU A 148 -35.74 -38.95 -33.50
N LYS A 149 -37.04 -39.25 -33.35
CA LYS A 149 -38.02 -38.72 -34.28
C LYS A 149 -38.26 -37.22 -34.07
N VAL A 150 -38.24 -36.74 -32.82
CA VAL A 150 -38.61 -35.34 -32.59
C VAL A 150 -37.60 -34.52 -31.78
N LEU A 151 -36.62 -35.16 -31.15
CA LEU A 151 -35.72 -34.40 -30.29
C LEU A 151 -34.35 -34.13 -30.89
N LEU A 152 -33.74 -35.11 -31.57
CA LEU A 152 -32.35 -34.95 -32.00
C LEU A 152 -32.22 -33.90 -33.10
N ARG A 153 -31.13 -33.15 -33.03
CA ARG A 153 -30.85 -32.12 -34.01
C ARG A 153 -30.48 -32.76 -35.34
N ARG A 154 -31.10 -32.29 -36.41
CA ARG A 154 -30.61 -32.56 -37.75
C ARG A 154 -29.62 -31.46 -38.13
N GLU A 155 -30.15 -30.28 -38.40
CA GLU A 155 -29.35 -29.08 -38.67
C GLU A 155 -29.52 -28.12 -37.50
N PHE A 156 -28.44 -27.44 -37.13
CA PHE A 156 -28.48 -26.51 -36.01
C PHE A 156 -29.57 -25.47 -36.25
N ILE A 157 -30.46 -25.31 -35.27
CA ILE A 157 -31.51 -24.31 -35.32
C ILE A 157 -31.11 -23.20 -34.35
N PRO A 158 -30.73 -22.03 -34.85
CA PRO A 158 -30.26 -20.96 -33.94
C PRO A 158 -31.41 -20.37 -33.14
N ASP A 159 -31.05 -19.83 -31.99
CA ASP A 159 -32.04 -19.13 -31.17
C ASP A 159 -32.43 -17.83 -31.86
N PRO A 160 -33.71 -17.62 -32.19
CA PRO A 160 -34.10 -16.34 -32.81
C PRO A 160 -34.01 -15.16 -31.87
N GLN A 161 -34.01 -15.38 -30.55
CA GLN A 161 -33.76 -14.30 -29.62
C GLN A 161 -32.28 -13.95 -29.51
N GLY A 162 -31.41 -14.73 -30.14
CA GLY A 162 -30.01 -14.39 -30.20
C GLY A 162 -29.16 -14.76 -29.01
N SER A 163 -29.63 -15.66 -28.14
CA SER A 163 -28.83 -16.10 -27.01
C SER A 163 -27.45 -16.57 -27.48
N ASN A 164 -26.43 -16.20 -26.74
CA ASN A 164 -25.07 -16.57 -27.09
C ASN A 164 -24.54 -17.60 -26.10
N MET A 165 -23.25 -17.90 -26.19
CA MET A 165 -22.69 -18.93 -25.33
C MET A 165 -22.39 -18.41 -23.93
N MET A 166 -22.18 -17.10 -23.75
CA MET A 166 -22.17 -16.53 -22.41
C MET A 166 -23.46 -16.83 -21.68
N PHE A 167 -24.59 -16.71 -22.36
CA PHE A 167 -25.87 -17.05 -21.75
C PHE A 167 -25.96 -18.54 -21.47
N ALA A 168 -25.63 -19.36 -22.47
CA ALA A 168 -25.77 -20.80 -22.31
C ALA A 168 -24.92 -21.31 -21.15
N PHE A 169 -23.66 -20.86 -21.07
CA PHE A 169 -22.81 -21.31 -19.98
C PHE A 169 -23.18 -20.64 -18.66
N PHE A 170 -23.73 -19.43 -18.69
CA PHE A 170 -24.23 -18.84 -17.46
C PHE A 170 -25.40 -19.65 -16.91
N ALA A 171 -26.34 -20.02 -17.79
CA ALA A 171 -27.46 -20.85 -17.36
C ALA A 171 -26.97 -22.17 -16.78
N GLN A 172 -25.98 -22.80 -17.42
CA GLN A 172 -25.48 -24.07 -16.91
C GLN A 172 -24.79 -23.88 -15.56
N HIS A 173 -23.92 -22.90 -15.46
CA HIS A 173 -23.19 -22.64 -14.21
C HIS A 173 -24.14 -22.28 -13.08
N PHE A 174 -25.04 -21.34 -13.33
CA PHE A 174 -25.96 -20.86 -12.29
C PHE A 174 -26.86 -21.97 -11.79
N THR A 175 -27.48 -22.72 -12.71
CA THR A 175 -28.43 -23.75 -12.29
C THR A 175 -27.77 -24.93 -11.61
N HIS A 176 -26.48 -25.15 -11.83
CA HIS A 176 -25.86 -26.34 -11.26
C HIS A 176 -25.48 -26.17 -9.81
N GLN A 177 -25.91 -25.09 -9.16
CA GLN A 177 -25.83 -25.03 -7.71
C GLN A 177 -27.06 -25.59 -7.02
N PHE A 178 -28.22 -25.64 -7.70
CA PHE A 178 -29.40 -26.23 -7.11
C PHE A 178 -29.98 -27.42 -7.89
N PHE A 179 -29.46 -27.71 -9.08
CA PHE A 179 -29.70 -29.00 -9.75
C PHE A 179 -28.42 -29.82 -9.61
N LYS A 180 -28.42 -30.76 -8.65
CA LYS A 180 -27.26 -31.58 -8.31
C LYS A 180 -27.78 -32.95 -7.89
N THR A 181 -28.23 -33.72 -8.88
CA THR A 181 -28.92 -34.97 -8.59
C THR A 181 -27.99 -35.96 -7.91
N ASP A 182 -28.49 -36.60 -6.86
CA ASP A 182 -27.74 -37.59 -6.09
C ASP A 182 -27.99 -38.94 -6.74
N HIS A 183 -27.17 -39.28 -7.73
CA HIS A 183 -27.39 -40.53 -8.46
C HIS A 183 -27.20 -41.76 -7.58
N LYS A 184 -26.52 -41.63 -6.45
CA LYS A 184 -26.42 -42.74 -5.51
C LYS A 184 -27.77 -43.05 -4.85
N ARG A 185 -28.68 -42.09 -4.80
CA ARG A 185 -30.02 -42.31 -4.26
C ARG A 185 -31.07 -42.46 -5.36
N GLY A 186 -30.98 -41.66 -6.41
CA GLY A 186 -31.93 -41.73 -7.49
C GLY A 186 -32.23 -40.36 -8.08
N PRO A 187 -32.93 -40.33 -9.20
CA PRO A 187 -33.18 -39.05 -9.88
C PRO A 187 -34.04 -38.08 -9.08
N GLY A 188 -34.85 -38.55 -8.13
CA GLY A 188 -35.64 -37.66 -7.32
C GLY A 188 -34.93 -37.06 -6.12
N PHE A 189 -33.61 -37.20 -6.06
CA PHE A 189 -32.82 -36.78 -4.92
C PHE A 189 -31.73 -35.80 -5.34
N THR A 190 -31.44 -34.85 -4.45
CA THR A 190 -30.48 -33.80 -4.73
C THR A 190 -29.41 -33.76 -3.65
N ARG A 191 -28.24 -33.25 -4.03
CA ARG A 191 -27.17 -32.93 -3.08
C ARG A 191 -27.12 -31.45 -2.74
N GLY A 192 -27.95 -30.63 -3.38
CA GLY A 192 -27.99 -29.22 -3.04
C GLY A 192 -28.95 -28.97 -1.91
N LEU A 193 -28.53 -29.28 -0.69
CA LEU A 193 -29.41 -29.18 0.47
C LEU A 193 -29.81 -27.75 0.79
N GLY A 194 -29.12 -26.74 0.23
CA GLY A 194 -29.57 -25.38 0.38
C GLY A 194 -30.78 -25.02 -0.47
N HIS A 195 -31.07 -25.83 -1.49
CA HIS A 195 -32.28 -25.71 -2.30
C HIS A 195 -32.44 -24.31 -2.89
N GLY A 196 -31.35 -23.74 -3.37
CA GLY A 196 -31.45 -22.43 -3.99
C GLY A 196 -30.11 -21.80 -4.27
N VAL A 197 -30.11 -20.48 -4.30
CA VAL A 197 -28.93 -19.71 -4.73
C VAL A 197 -28.11 -19.44 -3.48
N ASP A 198 -27.34 -20.44 -3.06
CA ASP A 198 -26.41 -20.30 -1.96
C ASP A 198 -24.97 -20.21 -2.42
N LEU A 199 -24.73 -20.34 -3.72
CA LEU A 199 -23.40 -20.26 -4.30
C LEU A 199 -22.49 -21.36 -3.79
N ASN A 200 -23.08 -22.50 -3.41
CA ASN A 200 -22.27 -23.68 -3.10
C ASN A 200 -21.42 -24.11 -4.29
N HIS A 201 -21.82 -23.75 -5.50
CA HIS A 201 -20.98 -24.09 -6.66
C HIS A 201 -19.70 -23.26 -6.70
N ILE A 202 -19.59 -22.23 -5.85
CA ILE A 202 -18.37 -21.46 -5.70
C ILE A 202 -17.67 -21.82 -4.39
N TYR A 203 -18.43 -21.89 -3.30
CA TYR A 203 -17.88 -22.01 -1.96
C TYR A 203 -17.91 -23.44 -1.44
N GLY A 204 -18.57 -24.34 -2.12
CA GLY A 204 -18.67 -25.69 -1.62
C GLY A 204 -19.95 -25.93 -0.85
N GLU A 205 -20.45 -27.18 -0.96
CA GLU A 205 -21.68 -27.55 -0.27
C GLU A 205 -21.47 -27.67 1.23
N THR A 206 -20.31 -28.17 1.66
CA THR A 206 -20.05 -28.40 3.07
C THR A 206 -18.96 -27.46 3.59
N LEU A 207 -18.91 -27.34 4.92
CA LEU A 207 -17.94 -26.46 5.57
C LEU A 207 -16.52 -26.96 5.32
N ASP A 208 -16.32 -28.27 5.43
CA ASP A 208 -15.02 -28.88 5.17
C ASP A 208 -14.50 -28.51 3.80
N ARG A 209 -15.37 -28.60 2.79
CA ARG A 209 -14.96 -28.27 1.44
C ARG A 209 -14.69 -26.77 1.32
N GLN A 210 -15.56 -25.96 1.92
CA GLN A 210 -15.35 -24.52 1.89
C GLN A 210 -14.00 -24.12 2.46
N HIS A 211 -13.63 -24.73 3.60
CA HIS A 211 -12.38 -24.33 4.25
C HIS A 211 -11.17 -24.74 3.43
N LYS A 212 -11.27 -25.84 2.67
CA LYS A 212 -10.19 -26.24 1.78
C LYS A 212 -10.04 -25.31 0.58
N LEU A 213 -11.10 -24.60 0.21
CA LEU A 213 -11.05 -23.65 -0.91
C LEU A 213 -10.61 -22.26 -0.49
N ARG A 214 -10.58 -21.98 0.81
CA ARG A 214 -10.35 -20.63 1.31
C ARG A 214 -8.88 -20.40 1.63
N LEU A 215 -8.44 -19.16 1.41
CA LEU A 215 -7.08 -18.76 1.72
C LEU A 215 -6.89 -18.44 3.19
N PHE A 216 -7.98 -18.10 3.89
CA PHE A 216 -7.96 -17.64 5.28
C PHE A 216 -7.08 -16.42 5.49
N LYS A 217 -6.86 -15.65 4.42
CA LYS A 217 -6.33 -14.30 4.51
C LYS A 217 -7.29 -13.37 3.77
N ASP A 218 -7.68 -12.29 4.44
CA ASP A 218 -8.47 -11.22 3.83
C ASP A 218 -9.80 -11.72 3.26
N GLY A 219 -10.33 -12.80 3.83
CA GLY A 219 -11.58 -13.37 3.37
C GLY A 219 -11.50 -14.12 2.05
N LYS A 220 -10.32 -14.26 1.47
CA LYS A 220 -10.22 -14.62 0.06
C LYS A 220 -10.30 -16.13 -0.14
N LEU A 221 -10.61 -16.50 -1.38
CA LEU A 221 -10.50 -17.87 -1.85
C LEU A 221 -9.10 -18.12 -2.38
N LYS A 222 -8.63 -19.35 -2.23
CA LYS A 222 -7.33 -19.71 -2.79
C LYS A 222 -7.37 -19.58 -4.31
N TYR A 223 -6.20 -19.31 -4.87
CA TYR A 223 -6.05 -19.13 -6.30
C TYR A 223 -4.60 -19.34 -6.66
N GLN A 224 -4.37 -19.60 -7.95
CA GLN A 224 -3.04 -19.67 -8.51
C GLN A 224 -2.93 -18.68 -9.66
N VAL A 225 -1.70 -18.27 -9.96
CA VAL A 225 -1.43 -17.37 -11.06
C VAL A 225 -0.73 -18.16 -12.16
N ILE A 226 -1.30 -18.12 -13.35
CA ILE A 226 -0.76 -18.79 -14.53
C ILE A 226 -0.66 -17.74 -15.64
N GLY A 227 0.55 -17.49 -16.12
CA GLY A 227 0.73 -16.49 -17.16
C GLY A 227 0.19 -15.13 -16.80
N GLY A 228 0.43 -14.70 -15.56
CA GLY A 228 -0.09 -13.43 -15.09
C GLY A 228 -1.57 -13.41 -14.80
N GLU A 229 -2.25 -14.54 -14.93
CA GLU A 229 -3.70 -14.61 -14.82
C GLU A 229 -4.10 -15.44 -13.60
N VAL A 230 -5.19 -15.05 -12.96
CA VAL A 230 -5.68 -15.71 -11.75
C VAL A 230 -6.67 -16.81 -12.13
N TYR A 231 -6.40 -18.02 -11.69
CA TYR A 231 -7.25 -19.17 -11.89
C TYR A 231 -7.50 -19.87 -10.57
N PRO A 232 -8.51 -20.73 -10.51
CA PRO A 232 -8.76 -21.48 -9.27
C PRO A 232 -7.59 -22.38 -8.92
N PRO A 233 -7.48 -22.77 -7.67
CA PRO A 233 -6.39 -23.69 -7.26
C PRO A 233 -6.58 -25.09 -7.80
N THR A 234 -5.64 -25.96 -7.51
CA THR A 234 -5.68 -27.33 -7.98
C THR A 234 -6.25 -28.26 -6.92
N VAL A 235 -6.59 -29.47 -7.36
CA VAL A 235 -6.97 -30.56 -6.47
C VAL A 235 -5.80 -30.91 -5.55
N LYS A 236 -4.58 -30.83 -6.07
CA LYS A 236 -3.40 -31.19 -5.30
C LYS A 236 -3.18 -30.22 -4.14
N ASP A 237 -3.34 -28.92 -4.41
CA ASP A 237 -3.12 -27.90 -3.39
C ASP A 237 -4.20 -27.93 -2.32
N THR A 238 -5.45 -28.16 -2.71
CA THR A 238 -6.58 -27.98 -1.81
C THR A 238 -7.08 -29.27 -1.19
N GLN A 239 -6.80 -30.42 -1.80
CA GLN A 239 -7.41 -31.71 -1.44
C GLN A 239 -8.92 -31.73 -1.64
N VAL A 240 -9.43 -30.80 -2.44
CA VAL A 240 -10.84 -30.76 -2.78
C VAL A 240 -11.15 -31.78 -3.87
N GLU A 241 -12.16 -32.61 -3.64
CA GLU A 241 -12.49 -33.65 -4.60
C GLU A 241 -13.19 -33.06 -5.81
N MET A 242 -12.71 -33.43 -6.99
CA MET A 242 -13.27 -33.00 -8.26
C MET A 242 -13.43 -34.22 -9.14
N ILE A 243 -14.37 -34.13 -10.09
CA ILE A 243 -14.60 -35.19 -11.05
C ILE A 243 -13.78 -34.87 -12.30
N TYR A 244 -12.80 -35.73 -12.59
CA TYR A 244 -11.91 -35.59 -13.72
C TYR A 244 -11.59 -36.97 -14.28
N PRO A 245 -11.49 -37.10 -15.60
CA PRO A 245 -11.06 -38.37 -16.18
C PRO A 245 -9.63 -38.69 -15.77
N PRO A 246 -9.26 -39.96 -15.71
CA PRO A 246 -7.93 -40.33 -15.18
C PRO A 246 -6.75 -39.69 -15.89
N HIS A 247 -6.90 -39.26 -17.13
CA HIS A 247 -5.75 -38.76 -17.89
C HIS A 247 -5.46 -37.27 -17.67
N ILE A 248 -6.32 -36.55 -16.95
CA ILE A 248 -6.13 -35.11 -16.77
C ILE A 248 -4.91 -34.84 -15.90
N PRO A 249 -3.91 -34.09 -16.40
CA PRO A 249 -2.72 -33.81 -15.60
C PRO A 249 -3.09 -33.05 -14.34
N GLU A 250 -2.29 -33.25 -13.30
CA GLU A 250 -2.63 -32.67 -11.99
C GLU A 250 -2.73 -31.15 -12.05
N ASN A 251 -1.83 -30.50 -12.80
CA ASN A 251 -1.87 -29.04 -12.86
C ASN A 251 -3.08 -28.51 -13.63
N LEU A 252 -3.86 -29.37 -14.26
CA LEU A 252 -5.10 -28.96 -14.93
C LEU A 252 -6.35 -29.40 -14.16
N GLN A 253 -6.19 -30.06 -13.01
CA GLN A 253 -7.32 -30.43 -12.17
C GLN A 253 -7.66 -29.25 -11.26
N PHE A 254 -8.37 -28.28 -11.83
CA PHE A 254 -8.82 -27.12 -11.06
C PHE A 254 -9.89 -27.51 -10.05
N ALA A 255 -9.81 -26.94 -8.85
CA ALA A 255 -10.72 -27.24 -7.76
C ALA A 255 -11.64 -26.04 -7.54
N VAL A 256 -12.95 -26.27 -7.64
CA VAL A 256 -13.95 -25.25 -7.42
C VAL A 256 -15.08 -25.82 -6.58
N GLY A 257 -16.01 -24.94 -6.19
CA GLY A 257 -17.04 -25.35 -5.26
C GLY A 257 -17.85 -26.54 -5.76
N GLN A 258 -18.14 -26.56 -7.06
CA GLN A 258 -18.95 -27.61 -7.67
C GLN A 258 -18.03 -28.64 -8.32
N GLU A 259 -18.16 -29.89 -7.90
CA GLU A 259 -17.19 -30.93 -8.28
C GLU A 259 -17.26 -31.31 -9.75
N VAL A 260 -18.31 -30.92 -10.47
CA VAL A 260 -18.42 -31.27 -11.89
C VAL A 260 -17.98 -30.14 -12.81
N PHE A 261 -17.51 -29.01 -12.28
CA PHE A 261 -17.27 -27.86 -13.15
C PHE A 261 -15.98 -27.98 -13.96
N GLY A 262 -15.20 -29.04 -13.78
CA GLY A 262 -14.14 -29.33 -14.74
C GLY A 262 -14.61 -30.02 -16.00
N LEU A 263 -15.87 -30.37 -16.07
CA LEU A 263 -16.42 -31.01 -17.23
C LEU A 263 -16.34 -30.19 -18.51
N VAL A 264 -16.45 -28.88 -18.40
CA VAL A 264 -16.43 -28.05 -19.61
C VAL A 264 -15.75 -26.73 -19.30
N PRO A 265 -14.86 -26.26 -20.17
CA PRO A 265 -14.20 -24.96 -19.93
C PRO A 265 -15.17 -23.80 -19.88
N GLY A 266 -16.36 -23.93 -20.46
CA GLY A 266 -17.37 -22.88 -20.31
C GLY A 266 -17.77 -22.71 -18.86
N LEU A 267 -17.84 -23.81 -18.10
CA LEU A 267 -18.10 -23.72 -16.68
C LEU A 267 -16.89 -23.19 -15.91
N MET A 268 -15.69 -23.68 -16.23
CA MET A 268 -14.50 -23.17 -15.56
C MET A 268 -14.33 -21.67 -15.81
N MET A 269 -14.76 -21.18 -16.97
CA MET A 269 -14.73 -19.74 -17.24
C MET A 269 -15.51 -18.97 -16.17
N TYR A 270 -16.76 -19.38 -15.93
CA TYR A 270 -17.58 -18.67 -14.94
C TYR A 270 -17.08 -18.93 -13.52
N ALA A 271 -16.62 -20.15 -13.24
CA ALA A 271 -16.01 -20.43 -11.94
C ALA A 271 -14.83 -19.50 -11.68
N THR A 272 -14.06 -19.21 -12.73
CA THR A 272 -12.91 -18.32 -12.59
C THR A 272 -13.36 -16.87 -12.42
N ILE A 273 -14.35 -16.44 -13.18
CA ILE A 273 -14.84 -15.06 -13.07
C ILE A 273 -15.41 -14.81 -11.68
N TRP A 274 -16.19 -15.75 -11.16
CA TRP A 274 -16.80 -15.56 -9.85
C TRP A 274 -15.80 -15.68 -8.71
N LEU A 275 -14.80 -16.56 -8.84
CA LEU A 275 -13.71 -16.57 -7.87
C LEU A 275 -13.01 -15.22 -7.84
N ARG A 276 -12.66 -14.69 -9.02
CA ARG A 276 -12.07 -13.36 -9.08
C ARG A 276 -12.99 -12.32 -8.47
N GLU A 277 -14.30 -12.44 -8.72
CA GLU A 277 -15.25 -11.46 -8.19
C GLU A 277 -15.29 -11.50 -6.66
N HIS A 278 -15.25 -12.71 -6.10
CA HIS A 278 -15.22 -12.83 -4.64
C HIS A 278 -14.01 -12.13 -4.04
N ASN A 279 -12.83 -12.35 -4.63
CA ASN A 279 -11.62 -11.73 -4.10
C ASN A 279 -11.58 -10.23 -4.34
N ARG A 280 -12.20 -9.76 -5.42
CA ARG A 280 -12.32 -8.32 -5.63
C ARG A 280 -13.14 -7.67 -4.53
N VAL A 281 -14.29 -8.28 -4.20
CA VAL A 281 -15.14 -7.74 -3.15
C VAL A 281 -14.42 -7.80 -1.80
N CYS A 282 -13.58 -8.83 -1.59
CA CYS A 282 -12.77 -8.89 -0.38
C CYS A 282 -11.85 -7.67 -0.26
N ASP A 283 -11.23 -7.27 -1.37
CA ASP A 283 -10.38 -6.08 -1.33
C ASP A 283 -11.19 -4.84 -1.01
N ILE A 284 -12.38 -4.72 -1.61
CA ILE A 284 -13.25 -3.57 -1.36
C ILE A 284 -13.67 -3.53 0.10
N LEU A 285 -14.07 -4.68 0.65
CA LEU A 285 -14.54 -4.72 2.03
C LEU A 285 -13.40 -4.47 3.01
N LYS A 286 -12.20 -4.97 2.69
CA LYS A 286 -11.06 -4.73 3.58
C LYS A 286 -10.66 -3.26 3.59
N GLN A 287 -10.81 -2.56 2.46
CA GLN A 287 -10.52 -1.14 2.44
C GLN A 287 -11.50 -0.36 3.30
N GLU A 288 -12.77 -0.77 3.27
CA GLU A 288 -13.79 -0.14 4.10
C GLU A 288 -13.69 -0.54 5.56
N HIS A 289 -13.14 -1.72 5.83
CA HIS A 289 -13.10 -2.31 7.17
C HIS A 289 -11.72 -2.86 7.46
N PRO A 290 -10.72 -1.99 7.68
CA PRO A 290 -9.42 -2.49 8.13
C PRO A 290 -9.48 -3.26 9.43
N GLU A 291 -10.53 -3.06 10.21
CA GLU A 291 -10.67 -3.72 11.51
C GLU A 291 -11.28 -5.11 11.40
N TRP A 292 -11.72 -5.52 10.21
CA TRP A 292 -12.37 -6.82 10.06
C TRP A 292 -11.35 -7.94 9.95
N GLY A 293 -11.76 -9.12 10.38
CA GLY A 293 -10.94 -10.31 10.24
C GLY A 293 -11.27 -11.12 9.00
N ASP A 294 -10.48 -12.16 8.77
CA ASP A 294 -10.68 -12.99 7.59
C ASP A 294 -12.09 -13.57 7.54
N GLU A 295 -12.60 -14.06 8.67
CA GLU A 295 -13.89 -14.74 8.65
C GLU A 295 -15.00 -13.81 8.20
N GLN A 296 -15.02 -12.59 8.73
CA GLN A 296 -16.10 -11.66 8.37
C GLN A 296 -15.96 -11.17 6.94
N LEU A 297 -14.73 -11.01 6.45
CA LEU A 297 -14.55 -10.64 5.04
C LEU A 297 -15.10 -11.73 4.11
N PHE A 298 -14.81 -13.00 4.41
CA PHE A 298 -15.34 -14.08 3.57
C PHE A 298 -16.86 -14.11 3.59
N GLN A 299 -17.46 -14.10 4.78
CA GLN A 299 -18.90 -14.27 4.88
C GLN A 299 -19.65 -13.10 4.23
N THR A 300 -19.17 -11.87 4.45
CA THR A 300 -19.84 -10.71 3.88
C THR A 300 -19.70 -10.71 2.37
N SER A 301 -18.51 -11.07 1.86
CA SER A 301 -18.33 -11.21 0.43
C SER A 301 -19.30 -12.24 -0.15
N ARG A 302 -19.44 -13.38 0.54
CA ARG A 302 -20.37 -14.40 0.05
C ARG A 302 -21.80 -13.87 -0.03
N LEU A 303 -22.23 -13.08 0.96
CA LEU A 303 -23.57 -12.51 0.92
C LEU A 303 -23.72 -11.54 -0.24
N ILE A 304 -22.68 -10.77 -0.53
CA ILE A 304 -22.73 -9.80 -1.63
C ILE A 304 -22.79 -10.55 -2.96
N LEU A 305 -22.00 -11.61 -3.12
CA LEU A 305 -22.00 -12.37 -4.36
C LEU A 305 -23.34 -13.07 -4.59
N ILE A 306 -23.98 -13.56 -3.53
CA ILE A 306 -25.34 -14.07 -3.67
C ILE A 306 -26.26 -12.98 -4.22
N GLY A 307 -26.14 -11.77 -3.68
CA GLY A 307 -26.95 -10.67 -4.17
C GLY A 307 -26.67 -10.31 -5.62
N GLU A 308 -25.39 -10.26 -6.00
CA GLU A 308 -25.04 -9.98 -7.38
C GLU A 308 -25.67 -11.00 -8.32
N THR A 309 -25.57 -12.27 -7.95
CA THR A 309 -26.12 -13.36 -8.75
C THR A 309 -27.61 -13.16 -9.00
N ILE A 310 -28.37 -12.87 -7.94
CA ILE A 310 -29.81 -12.69 -8.09
C ILE A 310 -30.10 -11.45 -8.94
N LYS A 311 -29.35 -10.37 -8.72
CA LYS A 311 -29.47 -9.16 -9.51
C LYS A 311 -29.27 -9.45 -10.99
N ILE A 312 -28.17 -10.13 -11.33
CA ILE A 312 -27.87 -10.45 -12.72
C ILE A 312 -28.91 -11.38 -13.30
N VAL A 313 -29.33 -12.40 -12.55
CA VAL A 313 -30.29 -13.37 -13.08
C VAL A 313 -31.60 -12.68 -13.45
N ILE A 314 -32.06 -11.74 -12.61
CA ILE A 314 -33.34 -11.11 -12.87
C ILE A 314 -33.21 -10.06 -13.98
N GLU A 315 -32.26 -9.14 -13.85
CA GLU A 315 -32.25 -7.95 -14.70
C GLU A 315 -31.49 -8.13 -16.00
N ASP A 316 -30.64 -9.14 -16.11
CA ASP A 316 -29.95 -9.43 -17.36
C ASP A 316 -30.40 -10.75 -17.97
N TYR A 317 -30.38 -11.81 -17.17
CA TYR A 317 -30.57 -13.18 -17.64
C TYR A 317 -32.03 -13.44 -17.99
N VAL A 318 -32.92 -13.29 -17.01
CA VAL A 318 -34.35 -13.42 -17.28
C VAL A 318 -34.82 -12.34 -18.23
N GLN A 319 -34.29 -11.12 -18.08
CA GLN A 319 -34.63 -10.03 -18.99
C GLN A 319 -34.40 -10.45 -20.44
N HIS A 320 -33.24 -11.04 -20.70
CA HIS A 320 -32.94 -11.52 -22.05
C HIS A 320 -33.91 -12.62 -22.46
N LEU A 321 -34.12 -13.61 -21.58
CA LEU A 321 -35.01 -14.71 -21.88
C LEU A 321 -36.40 -14.21 -22.24
N SER A 322 -36.88 -13.17 -21.55
CA SER A 322 -38.26 -12.74 -21.70
C SER A 322 -38.51 -12.08 -23.05
N GLY A 323 -37.55 -11.33 -23.57
CA GLY A 323 -37.80 -10.50 -24.72
C GLY A 323 -38.79 -9.40 -24.45
N TYR A 324 -39.07 -9.13 -23.18
CA TYR A 324 -39.99 -8.04 -22.83
C TYR A 324 -39.30 -6.70 -23.04
N HIS A 325 -40.12 -5.69 -23.36
CA HIS A 325 -39.63 -4.32 -23.37
C HIS A 325 -39.64 -3.72 -21.97
N PHE A 326 -40.55 -4.19 -21.11
CA PHE A 326 -40.53 -3.79 -19.71
C PHE A 326 -39.27 -4.31 -19.05
N LYS A 327 -38.64 -3.45 -18.24
CA LYS A 327 -37.37 -3.79 -17.62
C LYS A 327 -37.62 -4.39 -16.24
N LEU A 328 -37.44 -5.71 -16.14
CA LEU A 328 -37.49 -6.41 -14.86
C LEU A 328 -36.52 -5.78 -13.86
N LYS A 329 -36.76 -6.01 -12.57
CA LYS A 329 -36.03 -5.33 -11.52
C LYS A 329 -35.85 -6.25 -10.34
N PHE A 330 -34.63 -6.31 -9.79
CA PHE A 330 -34.39 -6.99 -8.51
C PHE A 330 -34.57 -5.95 -7.41
N ASP A 331 -35.69 -6.03 -6.70
CA ASP A 331 -35.99 -5.12 -5.61
C ASP A 331 -36.74 -5.87 -4.53
N PRO A 332 -36.02 -6.44 -3.56
CA PRO A 332 -36.68 -7.13 -2.45
C PRO A 332 -37.72 -6.30 -1.69
N GLU A 333 -37.60 -4.97 -1.67
CA GLU A 333 -38.59 -4.18 -0.95
C GLU A 333 -39.98 -4.30 -1.55
N LEU A 334 -40.09 -4.67 -2.84
CA LEU A 334 -41.39 -4.82 -3.46
C LEU A 334 -42.25 -5.87 -2.79
N LEU A 335 -41.65 -6.81 -2.06
CA LEU A 335 -42.40 -7.86 -1.37
C LEU A 335 -42.66 -7.56 0.09
N PHE A 336 -42.15 -6.44 0.61
CA PHE A 336 -42.19 -6.19 2.04
C PHE A 336 -43.60 -5.95 2.57
N ASN A 337 -44.52 -5.47 1.72
CA ASN A 337 -45.92 -5.33 2.12
C ASN A 337 -46.80 -6.43 1.55
N GLN A 338 -46.20 -7.56 1.14
CA GLN A 338 -46.91 -8.64 0.48
C GLN A 338 -46.75 -9.94 1.26
N GLN A 339 -47.73 -10.82 1.15
CA GLN A 339 -47.57 -12.17 1.65
C GLN A 339 -46.59 -12.92 0.78
N PHE A 340 -45.53 -13.44 1.40
CA PHE A 340 -44.48 -14.11 0.66
C PHE A 340 -43.66 -14.94 1.64
N GLN A 341 -43.34 -16.17 1.24
CA GLN A 341 -42.57 -17.09 2.05
C GLN A 341 -41.10 -17.03 1.66
N TYR A 342 -40.25 -16.61 2.60
CA TYR A 342 -38.81 -16.55 2.36
C TYR A 342 -38.21 -17.93 2.62
N GLN A 343 -38.49 -18.84 1.69
CA GLN A 343 -37.95 -20.19 1.69
C GLN A 343 -38.15 -20.77 0.29
N ASN A 344 -37.43 -21.85 0.01
CA ASN A 344 -37.53 -22.51 -1.29
C ASN A 344 -37.11 -23.97 -1.17
N ARG A 345 -37.79 -24.83 -1.93
CA ARG A 345 -37.43 -26.24 -2.09
C ARG A 345 -37.40 -26.52 -3.58
N ILE A 346 -36.28 -27.06 -4.06
CA ILE A 346 -36.11 -27.23 -5.51
C ILE A 346 -37.00 -28.37 -5.99
N ALA A 347 -37.85 -28.07 -6.97
CA ALA A 347 -38.78 -29.04 -7.53
C ALA A 347 -38.11 -29.84 -8.64
N SER A 348 -38.43 -31.14 -8.67
CA SER A 348 -37.96 -32.01 -9.75
C SER A 348 -38.34 -31.46 -11.11
N GLU A 349 -39.61 -31.06 -11.27
CA GLU A 349 -40.08 -30.56 -12.56
C GLU A 349 -39.34 -29.30 -12.99
N PHE A 350 -38.87 -28.50 -12.04
CA PHE A 350 -38.04 -27.35 -12.36
C PHE A 350 -36.70 -27.79 -12.95
N ASN A 351 -36.10 -28.81 -12.35
CA ASN A 351 -34.90 -29.42 -12.90
C ASN A 351 -35.16 -29.91 -14.32
N THR A 352 -36.27 -30.63 -14.52
CA THR A 352 -36.57 -31.24 -15.81
C THR A 352 -36.71 -30.20 -16.91
N LEU A 353 -37.46 -29.13 -16.68
CA LEU A 353 -37.63 -28.20 -17.78
C LEU A 353 -36.46 -27.24 -17.92
N TYR A 354 -35.53 -27.21 -16.98
CA TYR A 354 -34.29 -26.48 -17.18
C TYR A 354 -33.27 -27.26 -18.00
N HIS A 355 -33.65 -28.43 -18.54
CA HIS A 355 -32.77 -29.20 -19.42
C HIS A 355 -32.76 -28.56 -20.80
N TRP A 356 -31.94 -27.52 -20.92
CA TRP A 356 -31.85 -26.68 -22.11
C TRP A 356 -30.69 -27.07 -23.02
N HIS A 357 -30.45 -28.36 -23.22
CA HIS A 357 -29.32 -28.80 -24.03
C HIS A 357 -29.40 -28.40 -25.51
N PRO A 358 -30.59 -28.14 -26.09
CA PRO A 358 -30.60 -27.54 -27.43
C PRO A 358 -29.84 -26.23 -27.53
N LEU A 359 -29.58 -25.54 -26.41
CA LEU A 359 -28.74 -24.35 -26.44
C LEU A 359 -27.37 -24.66 -27.03
N LEU A 360 -26.88 -25.87 -26.83
CA LEU A 360 -25.49 -26.17 -27.14
C LEU A 360 -25.25 -26.12 -28.65
N PRO A 361 -24.13 -25.57 -29.09
CA PRO A 361 -23.80 -25.54 -30.51
C PRO A 361 -23.23 -26.89 -30.94
N ASP A 362 -22.99 -27.02 -32.24
CA ASP A 362 -22.34 -28.23 -32.73
C ASP A 362 -20.84 -28.22 -32.47
N THR A 363 -20.23 -27.04 -32.46
CA THR A 363 -18.83 -26.87 -32.07
C THR A 363 -18.72 -25.61 -31.24
N PHE A 364 -17.72 -25.55 -30.39
CA PHE A 364 -17.48 -24.39 -29.56
C PHE A 364 -16.39 -23.55 -30.20
N ASN A 365 -16.74 -22.32 -30.59
CA ASN A 365 -15.91 -21.47 -31.43
C ASN A 365 -15.18 -20.45 -30.55
N ILE A 366 -13.92 -20.71 -30.28
CA ILE A 366 -13.10 -19.80 -29.49
C ILE A 366 -12.00 -19.26 -30.39
N GLU A 367 -11.98 -17.95 -30.57
CA GLU A 367 -11.04 -17.31 -31.49
C GLU A 367 -11.26 -17.91 -32.88
N ASP A 368 -10.25 -18.62 -33.41
CA ASP A 368 -10.33 -19.21 -34.74
C ASP A 368 -10.52 -20.72 -34.72
N GLN A 369 -10.56 -21.34 -33.55
CA GLN A 369 -10.75 -22.79 -33.44
C GLN A 369 -12.22 -23.12 -33.29
N GLU A 370 -12.59 -24.33 -33.73
CA GLU A 370 -13.96 -24.84 -33.57
C GLU A 370 -13.84 -26.22 -32.93
N TYR A 371 -13.96 -26.27 -31.61
CA TYR A 371 -13.79 -27.53 -30.90
C TYR A 371 -15.07 -28.34 -30.93
N SER A 372 -14.93 -29.62 -31.26
CA SER A 372 -16.01 -30.56 -31.10
C SER A 372 -16.19 -30.86 -29.62
N PHE A 373 -17.30 -31.55 -29.31
CA PHE A 373 -17.57 -31.97 -27.94
C PHE A 373 -16.42 -32.79 -27.37
N LYS A 374 -15.91 -33.75 -28.15
CA LYS A 374 -14.85 -34.62 -27.66
C LYS A 374 -13.60 -33.82 -27.28
N GLN A 375 -13.24 -32.82 -28.10
CA GLN A 375 -12.08 -31.99 -27.79
C GLN A 375 -12.40 -31.01 -26.67
N PHE A 376 -13.66 -30.63 -26.52
CA PHE A 376 -14.04 -29.59 -25.58
C PHE A 376 -14.21 -30.12 -24.16
N LEU A 377 -14.82 -31.29 -24.02
CA LEU A 377 -15.16 -31.81 -22.70
C LEU A 377 -13.91 -32.11 -21.88
N TYR A 378 -13.94 -31.70 -20.62
CA TYR A 378 -12.89 -31.97 -19.64
C TYR A 378 -11.50 -31.52 -20.10
N ASN A 379 -11.44 -30.38 -20.80
CA ASN A 379 -10.20 -29.92 -21.41
C ASN A 379 -9.94 -28.47 -21.00
N ASN A 380 -9.39 -28.30 -19.81
CA ASN A 380 -9.08 -26.97 -19.30
C ASN A 380 -7.89 -26.32 -19.97
N SER A 381 -7.08 -27.07 -20.71
CA SER A 381 -5.98 -26.45 -21.46
C SER A 381 -6.49 -25.46 -22.49
N ILE A 382 -7.73 -25.64 -22.96
CA ILE A 382 -8.33 -24.66 -23.87
C ILE A 382 -8.47 -23.33 -23.16
N LEU A 383 -8.94 -23.35 -21.91
CA LEU A 383 -9.10 -22.09 -21.17
C LEU A 383 -7.76 -21.39 -20.98
N LEU A 384 -6.72 -22.15 -20.64
CA LEU A 384 -5.41 -21.56 -20.44
C LEU A 384 -4.81 -21.07 -21.76
N GLU A 385 -5.04 -21.80 -22.85
CA GLU A 385 -4.41 -21.40 -24.10
C GLU A 385 -4.99 -20.09 -24.63
N HIS A 386 -6.32 -19.97 -24.60
CA HIS A 386 -6.94 -18.77 -25.14
C HIS A 386 -7.09 -17.66 -24.09
N GLY A 387 -7.29 -18.02 -22.83
CA GLY A 387 -7.52 -17.03 -21.79
C GLY A 387 -8.98 -16.62 -21.70
N LEU A 388 -9.27 -15.89 -20.61
CA LEU A 388 -10.65 -15.51 -20.33
C LEU A 388 -11.15 -14.43 -21.28
N THR A 389 -10.30 -13.46 -21.61
CA THR A 389 -10.71 -12.37 -22.50
C THR A 389 -11.18 -12.93 -23.84
N GLN A 390 -10.40 -13.84 -24.41
CA GLN A 390 -10.76 -14.44 -25.70
C GLN A 390 -11.99 -15.34 -25.55
N PHE A 391 -12.11 -16.04 -24.42
CA PHE A 391 -13.32 -16.81 -24.16
C PHE A 391 -14.56 -15.92 -24.19
N VAL A 392 -14.51 -14.80 -23.48
CA VAL A 392 -15.64 -13.90 -23.42
C VAL A 392 -15.97 -13.34 -24.80
N GLU A 393 -14.95 -12.83 -25.50
CA GLU A 393 -15.17 -12.26 -26.81
C GLU A 393 -15.76 -13.29 -27.77
N SER A 394 -15.27 -14.53 -27.71
CA SER A 394 -15.77 -15.57 -28.59
C SER A 394 -17.17 -16.02 -28.19
N PHE A 395 -17.39 -16.28 -26.90
CA PHE A 395 -18.70 -16.77 -26.50
C PHE A 395 -19.77 -15.68 -26.59
N THR A 396 -19.39 -14.41 -26.51
CA THR A 396 -20.36 -13.34 -26.75
C THR A 396 -20.83 -13.34 -28.20
N ARG A 397 -19.98 -13.78 -29.13
CA ARG A 397 -20.33 -13.78 -30.54
C ARG A 397 -21.04 -15.05 -31.02
N GLN A 398 -20.85 -16.19 -30.36
CA GLN A 398 -21.36 -17.45 -30.89
C GLN A 398 -22.80 -17.70 -30.46
N ILE A 399 -23.66 -17.97 -31.45
CA ILE A 399 -25.10 -18.12 -31.24
C ILE A 399 -25.40 -19.46 -30.60
N ALA A 400 -26.39 -19.48 -29.71
CA ALA A 400 -26.90 -20.68 -29.07
C ALA A 400 -28.09 -21.22 -29.85
N GLY A 401 -28.41 -22.49 -29.59
CA GLY A 401 -29.52 -23.13 -30.28
C GLY A 401 -30.87 -22.82 -29.65
N ARG A 402 -31.91 -22.91 -30.48
CA ARG A 402 -33.28 -22.78 -30.00
C ARG A 402 -33.69 -24.01 -29.21
N VAL A 403 -34.46 -23.79 -28.13
CA VAL A 403 -34.82 -24.85 -27.20
C VAL A 403 -36.16 -25.49 -27.55
N ALA A 404 -37.20 -24.67 -27.71
CA ALA A 404 -38.47 -25.20 -28.20
C ALA A 404 -38.42 -25.33 -29.72
N GLY A 405 -39.51 -25.83 -30.31
CA GLY A 405 -39.61 -25.94 -31.75
C GLY A 405 -39.14 -27.27 -32.32
N GLY A 406 -38.55 -28.13 -31.51
CA GLY A 406 -38.29 -29.50 -31.92
C GLY A 406 -36.94 -29.70 -32.55
N ARG A 407 -36.43 -30.95 -32.44
CA ARG A 407 -35.31 -31.46 -33.22
C ARG A 407 -34.07 -30.57 -33.15
N ASN A 408 -33.66 -30.22 -31.92
CA ASN A 408 -32.45 -29.41 -31.79
C ASN A 408 -31.55 -29.83 -30.64
N VAL A 409 -31.71 -31.04 -30.11
CA VAL A 409 -30.79 -31.58 -29.11
C VAL A 409 -29.56 -32.12 -29.85
N PRO A 410 -28.35 -31.63 -29.60
CA PRO A 410 -27.19 -32.18 -30.30
C PRO A 410 -26.98 -33.63 -29.91
N ILE A 411 -26.66 -34.47 -30.91
CA ILE A 411 -26.55 -35.90 -30.67
C ILE A 411 -25.42 -36.21 -29.71
N ALA A 412 -24.48 -35.26 -29.53
CA ALA A 412 -23.41 -35.46 -28.57
C ALA A 412 -23.93 -35.76 -27.17
N VAL A 413 -25.10 -35.22 -26.81
CA VAL A 413 -25.64 -35.44 -25.47
C VAL A 413 -26.98 -36.19 -25.56
N GLN A 414 -27.13 -37.04 -26.58
CA GLN A 414 -28.38 -37.77 -26.72
C GLN A 414 -28.66 -38.69 -25.55
N ALA A 415 -27.62 -39.21 -24.89
CA ALA A 415 -27.84 -40.05 -23.73
C ALA A 415 -28.50 -39.29 -22.59
N VAL A 416 -28.18 -38.00 -22.46
CA VAL A 416 -28.80 -37.17 -21.41
C VAL A 416 -30.26 -36.93 -21.74
N ALA A 417 -30.57 -36.68 -23.01
CA ALA A 417 -31.96 -36.47 -23.40
C ALA A 417 -32.77 -37.74 -23.20
N LYS A 418 -32.17 -38.90 -23.50
CA LYS A 418 -32.88 -40.16 -23.27
C LYS A 418 -33.06 -40.42 -21.78
N ALA A 419 -32.08 -40.05 -20.96
CA ALA A 419 -32.23 -40.20 -19.52
C ALA A 419 -33.30 -39.28 -18.96
N SER A 420 -33.42 -38.07 -19.51
CA SER A 420 -34.50 -37.18 -19.09
C SER A 420 -35.85 -37.83 -19.33
N ILE A 421 -36.03 -38.51 -20.47
CA ILE A 421 -37.28 -39.23 -20.73
C ILE A 421 -37.42 -40.40 -19.76
N ASP A 422 -36.41 -41.25 -19.68
CA ASP A 422 -36.52 -42.48 -18.91
C ASP A 422 -36.73 -42.19 -17.44
N GLN A 423 -36.01 -41.20 -16.90
CA GLN A 423 -36.07 -40.94 -15.47
C GLN A 423 -37.27 -40.09 -15.09
N SER A 424 -37.78 -39.26 -16.00
CA SER A 424 -39.10 -38.66 -15.79
C SER A 424 -40.14 -39.74 -15.57
N ARG A 425 -40.05 -40.82 -16.35
CA ARG A 425 -40.99 -41.94 -16.21
C ARG A 425 -40.75 -42.71 -14.92
N GLU A 426 -39.52 -42.89 -14.56
CA GLU A 426 -39.14 -43.56 -13.38
C GLU A 426 -39.76 -42.82 -12.16
N MET A 427 -39.68 -41.50 -12.17
CA MET A 427 -40.23 -40.63 -11.14
C MET A 427 -41.74 -40.47 -11.24
N LYS A 428 -42.39 -41.20 -12.16
CA LYS A 428 -43.85 -41.25 -12.27
C LYS A 428 -44.45 -39.86 -12.47
N TYR A 429 -43.83 -39.08 -13.37
CA TYR A 429 -44.37 -37.78 -13.74
C TYR A 429 -45.76 -37.94 -14.34
N GLN A 430 -46.66 -37.03 -13.97
CA GLN A 430 -47.94 -36.96 -14.65
C GLN A 430 -47.74 -36.43 -16.07
N SER A 431 -48.84 -36.42 -16.83
CA SER A 431 -48.77 -36.05 -18.23
C SER A 431 -48.56 -34.56 -18.39
N LEU A 432 -48.15 -34.17 -19.61
CA LEU A 432 -48.02 -32.76 -19.97
C LEU A 432 -49.28 -31.98 -19.64
N ASN A 433 -50.44 -32.49 -20.05
CA ASN A 433 -51.68 -31.74 -19.85
C ASN A 433 -52.07 -31.67 -18.38
N GLU A 434 -51.69 -32.66 -17.57
CA GLU A 434 -51.87 -32.50 -16.13
C GLU A 434 -51.01 -31.36 -15.62
N TYR A 435 -49.77 -31.26 -16.10
CA TYR A 435 -48.91 -30.15 -15.69
C TYR A 435 -49.43 -28.83 -16.22
N ARG A 436 -49.97 -28.80 -17.45
CA ARG A 436 -50.58 -27.58 -17.96
C ARG A 436 -51.74 -27.13 -17.07
N LYS A 437 -52.66 -28.03 -16.75
CA LYS A 437 -53.75 -27.70 -15.84
C LYS A 437 -53.22 -27.20 -14.50
N ARG A 438 -52.15 -27.81 -13.99
CA ARG A 438 -51.61 -27.44 -12.69
C ARG A 438 -51.09 -26.01 -12.68
N PHE A 439 -50.71 -25.47 -13.84
CA PHE A 439 -50.21 -24.10 -13.92
C PHE A 439 -51.17 -23.20 -14.71
N SER A 440 -52.46 -23.53 -14.66
CA SER A 440 -53.56 -22.69 -15.15
C SER A 440 -53.50 -22.48 -16.67
N LEU A 441 -53.02 -23.50 -17.39
CA LEU A 441 -52.97 -23.47 -18.84
C LEU A 441 -54.03 -24.40 -19.41
N LYS A 442 -54.45 -24.11 -20.63
CA LYS A 442 -55.41 -24.98 -21.31
C LYS A 442 -54.74 -26.27 -21.76
N PRO A 443 -55.35 -27.43 -21.51
CA PRO A 443 -54.85 -28.66 -22.12
C PRO A 443 -54.78 -28.53 -23.63
N TYR A 444 -53.69 -29.02 -24.20
CA TYR A 444 -53.60 -29.15 -25.65
C TYR A 444 -54.61 -30.20 -26.11
N THR A 445 -55.28 -29.92 -27.23
CA THR A 445 -56.32 -30.79 -27.74
C THR A 445 -55.86 -31.65 -28.92
N SER A 446 -54.62 -31.47 -29.37
CA SER A 446 -54.04 -32.30 -30.43
C SER A 446 -52.54 -32.10 -30.41
N PHE A 447 -51.83 -33.03 -31.07
CA PHE A 447 -50.38 -32.88 -31.18
C PHE A 447 -50.02 -31.72 -32.10
N GLU A 448 -50.85 -31.44 -33.11
CA GLU A 448 -50.57 -30.32 -33.99
C GLU A 448 -50.69 -29.00 -33.26
N GLU A 449 -51.65 -28.90 -32.33
CA GLU A 449 -51.73 -27.69 -31.52
C GLU A 449 -50.47 -27.52 -30.67
N LEU A 450 -49.93 -28.64 -30.19
CA LEU A 450 -48.71 -28.59 -29.38
C LEU A 450 -47.51 -28.11 -30.20
N THR A 451 -47.28 -28.70 -31.38
CA THR A 451 -46.11 -28.34 -32.18
C THR A 451 -46.33 -27.14 -33.08
N GLY A 452 -47.56 -26.88 -33.51
CA GLY A 452 -47.80 -25.86 -34.49
C GLY A 452 -47.38 -26.22 -35.90
N GLU A 453 -46.98 -27.47 -36.13
CA GLU A 453 -46.64 -27.96 -37.46
C GLU A 453 -47.26 -29.35 -37.62
N LYS A 454 -46.91 -30.05 -38.70
CA LYS A 454 -47.58 -31.30 -39.04
C LYS A 454 -46.71 -32.55 -38.92
N GLU A 455 -45.41 -32.44 -39.21
CA GLU A 455 -44.56 -33.62 -39.32
C GLU A 455 -44.19 -34.19 -37.95
N MET A 456 -43.64 -33.36 -37.05
CA MET A 456 -43.36 -33.86 -35.71
C MET A 456 -44.64 -34.30 -35.02
N ALA A 457 -45.71 -33.52 -35.17
CA ALA A 457 -46.99 -33.89 -34.57
C ALA A 457 -47.43 -35.28 -35.03
N ALA A 458 -47.30 -35.57 -36.32
CA ALA A 458 -47.74 -36.86 -36.83
C ALA A 458 -46.89 -38.00 -36.27
N GLU A 459 -45.57 -37.83 -36.24
CA GLU A 459 -44.71 -38.81 -35.57
C GLU A 459 -45.13 -39.00 -34.11
N LEU A 460 -45.36 -37.90 -33.39
CA LEU A 460 -45.76 -38.01 -31.99
C LEU A 460 -47.14 -38.66 -31.85
N LYS A 461 -48.05 -38.39 -32.78
CA LYS A 461 -49.38 -39.00 -32.69
C LYS A 461 -49.32 -40.51 -32.91
N ALA A 462 -48.44 -40.98 -33.80
CA ALA A 462 -48.26 -42.41 -33.97
C ALA A 462 -47.66 -43.06 -32.74
N LEU A 463 -46.83 -42.33 -32.00
CA LEU A 463 -46.19 -42.90 -30.82
C LEU A 463 -47.11 -42.89 -29.62
N TYR A 464 -47.83 -41.79 -29.40
CA TYR A 464 -48.59 -41.60 -28.17
C TYR A 464 -50.09 -41.82 -28.31
N SER A 465 -50.62 -41.82 -29.54
CA SER A 465 -52.05 -41.93 -29.81
C SER A 465 -52.84 -40.75 -29.25
N ASP A 466 -52.84 -40.61 -27.93
CA ASP A 466 -53.67 -39.64 -27.23
C ASP A 466 -52.79 -38.50 -26.72
N ILE A 467 -53.22 -37.26 -27.00
CA ILE A 467 -52.50 -36.08 -26.56
C ILE A 467 -52.41 -36.01 -25.04
N ASP A 468 -53.42 -36.52 -24.33
CA ASP A 468 -53.43 -36.49 -22.88
C ASP A 468 -52.43 -37.47 -22.26
N VAL A 469 -51.74 -38.24 -23.10
CA VAL A 469 -50.67 -39.13 -22.66
C VAL A 469 -49.30 -38.56 -22.99
N MET A 470 -49.23 -37.47 -23.75
CA MET A 470 -47.96 -36.82 -24.04
C MET A 470 -47.23 -36.46 -22.75
N GLU A 471 -45.91 -36.65 -22.77
CA GLU A 471 -45.08 -36.43 -21.60
C GLU A 471 -44.56 -35.00 -21.56
N LEU A 472 -44.25 -34.54 -20.34
CA LEU A 472 -43.89 -33.13 -20.14
C LEU A 472 -42.55 -32.79 -20.79
N TYR A 473 -41.52 -33.59 -20.54
CA TYR A 473 -40.17 -33.22 -21.02
C TYR A 473 -40.09 -33.16 -22.54
N PRO A 474 -40.44 -34.21 -23.31
CA PRO A 474 -40.39 -34.06 -24.78
C PRO A 474 -41.25 -32.94 -25.29
N ALA A 475 -42.40 -32.71 -24.64
CA ALA A 475 -43.32 -31.68 -25.11
C ALA A 475 -42.68 -30.30 -25.05
N LEU A 476 -41.88 -30.05 -24.02
CA LEU A 476 -41.20 -28.76 -23.89
C LEU A 476 -40.24 -28.50 -25.05
N LEU A 477 -39.60 -29.55 -25.51
CA LEU A 477 -38.61 -29.45 -26.53
C LEU A 477 -39.16 -29.43 -27.98
N VAL A 478 -40.37 -29.91 -28.15
CA VAL A 478 -41.04 -29.89 -29.44
C VAL A 478 -42.12 -28.83 -29.52
N GLU A 479 -42.39 -28.12 -28.43
CA GLU A 479 -43.51 -27.18 -28.38
C GLU A 479 -43.33 -26.04 -29.38
N LYS A 480 -44.46 -25.57 -29.91
CA LYS A 480 -44.50 -24.37 -30.73
C LYS A 480 -43.97 -23.20 -29.91
N PRO A 481 -42.89 -22.54 -30.36
CA PRO A 481 -42.39 -21.37 -29.62
C PRO A 481 -43.32 -20.17 -29.79
N ARG A 482 -43.21 -19.24 -28.84
CA ARG A 482 -43.79 -17.92 -29.05
C ARG A 482 -43.14 -17.30 -30.30
N PRO A 483 -43.81 -16.32 -30.93
CA PRO A 483 -43.29 -15.78 -32.20
C PRO A 483 -41.84 -15.33 -32.09
N ASP A 484 -40.95 -16.01 -32.82
CA ASP A 484 -39.51 -15.75 -32.79
C ASP A 484 -38.92 -15.85 -31.39
N ALA A 485 -39.45 -16.75 -30.56
CA ALA A 485 -38.98 -16.87 -29.20
C ALA A 485 -38.21 -18.17 -29.01
N ILE A 486 -37.50 -18.24 -27.89
CA ILE A 486 -36.67 -19.40 -27.61
C ILE A 486 -37.51 -20.54 -27.01
N PHE A 487 -38.61 -20.22 -26.34
CA PHE A 487 -39.42 -21.16 -25.59
C PHE A 487 -40.87 -21.14 -26.06
N GLY A 488 -41.58 -22.23 -25.74
CA GLY A 488 -43.02 -22.26 -25.85
C GLY A 488 -43.69 -21.84 -24.55
N GLU A 489 -45.02 -21.89 -24.57
CA GLU A 489 -45.81 -21.40 -23.43
C GLU A 489 -45.55 -22.22 -22.17
N THR A 490 -45.50 -23.54 -22.32
CA THR A 490 -45.40 -24.41 -21.15
C THR A 490 -44.12 -24.14 -20.37
N MET A 491 -43.00 -24.01 -21.10
CA MET A 491 -41.72 -23.70 -20.47
C MET A 491 -41.78 -22.43 -19.65
N VAL A 492 -42.27 -21.35 -20.27
CA VAL A 492 -42.31 -20.06 -19.59
C VAL A 492 -43.22 -20.13 -18.38
N GLU A 493 -44.43 -20.67 -18.58
CA GLU A 493 -45.46 -20.61 -17.54
C GLU A 493 -45.19 -21.55 -16.38
N LEU A 494 -44.58 -22.71 -16.64
CA LEU A 494 -44.23 -23.60 -15.54
C LEU A 494 -42.93 -23.17 -14.89
N GLY A 495 -41.97 -22.69 -15.68
CA GLY A 495 -40.66 -22.38 -15.15
C GLY A 495 -40.58 -21.06 -14.42
N ALA A 496 -41.34 -20.05 -14.85
CA ALA A 496 -41.23 -18.74 -14.22
C ALA A 496 -41.54 -18.76 -12.72
N PRO A 497 -42.62 -19.39 -12.25
CA PRO A 497 -42.87 -19.38 -10.79
C PRO A 497 -41.75 -20.01 -9.98
N PHE A 498 -41.25 -21.19 -10.39
CA PHE A 498 -40.12 -21.79 -9.69
C PHE A 498 -38.92 -20.84 -9.70
N SER A 499 -38.68 -20.20 -10.84
CA SER A 499 -37.50 -19.35 -10.99
C SER A 499 -37.53 -18.17 -10.03
N LEU A 500 -38.64 -17.42 -10.01
CA LEU A 500 -38.71 -16.25 -9.14
C LEU A 500 -38.79 -16.65 -7.68
N LYS A 501 -39.44 -17.78 -7.39
CA LYS A 501 -39.50 -18.29 -6.03
C LYS A 501 -38.10 -18.65 -5.52
N GLY A 502 -37.28 -19.25 -6.38
CA GLY A 502 -35.92 -19.58 -6.01
C GLY A 502 -35.02 -18.38 -5.85
N LEU A 503 -35.37 -17.25 -6.47
CA LEU A 503 -34.58 -16.02 -6.36
C LEU A 503 -35.05 -15.15 -5.19
N MET A 504 -36.35 -14.82 -5.15
CA MET A 504 -36.87 -13.97 -4.09
C MET A 504 -37.06 -14.72 -2.77
N GLY A 505 -37.09 -16.05 -2.79
CA GLY A 505 -37.19 -16.83 -1.56
C GLY A 505 -35.93 -16.85 -0.72
N ASN A 506 -34.81 -16.37 -1.27
CA ASN A 506 -33.53 -16.40 -0.58
C ASN A 506 -33.59 -15.50 0.66
N PRO A 507 -32.92 -15.88 1.76
CA PRO A 507 -33.02 -15.07 2.99
C PRO A 507 -32.46 -13.65 2.86
N ILE A 508 -31.50 -13.38 1.97
CA ILE A 508 -31.00 -12.02 1.86
C ILE A 508 -32.05 -11.06 1.32
N CYS A 509 -33.13 -11.57 0.73
CA CYS A 509 -34.25 -10.73 0.30
C CYS A 509 -35.27 -10.46 1.40
N SER A 510 -35.13 -11.11 2.55
CA SER A 510 -36.05 -10.86 3.65
C SER A 510 -35.71 -9.53 4.33
N PRO A 511 -36.71 -8.89 4.98
CA PRO A 511 -36.47 -7.53 5.52
C PRO A 511 -35.30 -7.43 6.48
N GLN A 512 -35.08 -8.43 7.33
CA GLN A 512 -34.01 -8.32 8.31
C GLN A 512 -32.64 -8.49 7.68
N TYR A 513 -32.56 -9.06 6.48
CA TYR A 513 -31.30 -9.13 5.76
C TYR A 513 -31.09 -7.97 4.79
N TRP A 514 -32.17 -7.47 4.17
CA TRP A 514 -32.03 -6.52 3.07
C TRP A 514 -31.82 -5.10 3.60
N LYS A 515 -30.62 -4.87 4.10
CA LYS A 515 -30.21 -3.57 4.63
C LYS A 515 -28.69 -3.48 4.53
N PRO A 516 -28.12 -2.27 4.47
CA PRO A 516 -26.70 -2.12 4.13
C PRO A 516 -25.74 -2.88 5.03
N SER A 517 -26.00 -2.94 6.34
CA SER A 517 -25.03 -3.53 7.24
C SER A 517 -24.88 -5.04 7.06
N THR A 518 -25.90 -5.71 6.50
CA THR A 518 -25.72 -7.11 6.13
C THR A 518 -24.54 -7.29 5.19
N PHE A 519 -24.28 -6.28 4.36
CA PHE A 519 -23.30 -6.36 3.29
C PHE A 519 -22.09 -5.49 3.55
N GLY A 520 -21.85 -5.12 4.82
CA GLY A 520 -20.72 -4.31 5.17
C GLY A 520 -20.90 -2.82 4.98
N GLY A 521 -22.13 -2.36 4.82
CA GLY A 521 -22.42 -0.95 4.65
C GLY A 521 -22.88 -0.63 3.24
N GLU A 522 -23.06 0.67 2.99
CA GLU A 522 -23.61 1.10 1.72
C GLU A 522 -22.71 0.72 0.55
N VAL A 523 -21.41 0.62 0.77
CA VAL A 523 -20.50 0.27 -0.31
C VAL A 523 -20.74 -1.18 -0.75
N GLY A 524 -20.89 -2.09 0.21
CA GLY A 524 -21.21 -3.47 -0.15
C GLY A 524 -22.60 -3.60 -0.75
N PHE A 525 -23.57 -2.91 -0.17
CA PHE A 525 -24.94 -2.90 -0.71
C PHE A 525 -24.97 -2.43 -2.15
N LYS A 526 -24.16 -1.42 -2.48
CA LYS A 526 -24.14 -0.88 -3.84
C LYS A 526 -23.57 -1.87 -4.84
N ILE A 527 -22.63 -2.73 -4.41
CA ILE A 527 -22.11 -3.74 -5.32
C ILE A 527 -23.24 -4.66 -5.80
N ILE A 528 -24.14 -5.02 -4.89
CA ILE A 528 -25.31 -5.83 -5.29
C ILE A 528 -26.18 -5.04 -6.25
N ASN A 529 -26.55 -3.83 -5.86
CA ASN A 529 -27.59 -3.09 -6.56
C ASN A 529 -27.12 -2.47 -7.88
N THR A 530 -25.84 -2.58 -8.21
CA THR A 530 -25.35 -2.18 -9.52
C THR A 530 -24.78 -3.32 -10.34
N ALA A 531 -24.85 -4.56 -9.86
CA ALA A 531 -24.24 -5.66 -10.58
C ALA A 531 -24.93 -5.86 -11.92
N SER A 532 -24.18 -6.46 -12.85
CA SER A 532 -24.67 -6.79 -14.18
C SER A 532 -23.70 -7.79 -14.77
N ILE A 533 -24.16 -8.51 -15.79
CA ILE A 533 -23.23 -9.39 -16.50
C ILE A 533 -22.10 -8.59 -17.12
N GLN A 534 -22.40 -7.38 -17.60
CA GLN A 534 -21.35 -6.58 -18.21
C GLN A 534 -20.29 -6.18 -17.20
N SER A 535 -20.71 -5.71 -16.03
CA SER A 535 -19.72 -5.27 -15.05
C SER A 535 -19.01 -6.44 -14.39
N LEU A 536 -19.70 -7.58 -14.20
CA LEU A 536 -19.03 -8.78 -13.70
C LEU A 536 -17.84 -9.15 -14.58
N ILE A 537 -18.02 -9.13 -15.90
CA ILE A 537 -16.92 -9.43 -16.80
C ILE A 537 -15.91 -8.29 -16.77
N CYS A 538 -16.39 -7.05 -16.73
CA CYS A 538 -15.50 -5.90 -16.85
C CYS A 538 -14.50 -5.82 -15.70
N ASN A 539 -14.96 -6.05 -14.47
CA ASN A 539 -14.07 -5.96 -13.32
C ASN A 539 -13.12 -7.14 -13.20
N ASN A 540 -13.43 -8.28 -13.82
CA ASN A 540 -12.71 -9.52 -13.56
C ASN A 540 -12.06 -10.15 -14.77
N VAL A 541 -12.23 -9.57 -15.97
CA VAL A 541 -11.64 -10.11 -17.19
C VAL A 541 -10.74 -9.05 -17.78
N LYS A 542 -9.47 -9.41 -18.02
CA LYS A 542 -8.48 -8.45 -18.49
C LYS A 542 -8.93 -7.76 -19.77
N GLY A 543 -8.77 -6.44 -19.81
CA GLY A 543 -9.18 -5.63 -20.93
C GLY A 543 -10.61 -5.15 -20.89
N CYS A 544 -11.41 -5.62 -19.93
CA CYS A 544 -12.82 -5.30 -19.83
C CYS A 544 -13.53 -5.46 -21.18
N PRO A 545 -13.56 -6.67 -21.74
CA PRO A 545 -14.22 -6.85 -23.03
C PRO A 545 -15.72 -6.70 -22.88
N PHE A 546 -16.34 -6.17 -23.93
CA PHE A 546 -17.80 -6.09 -23.96
C PHE A 546 -18.39 -7.50 -23.88
N THR A 547 -19.49 -7.64 -23.13
CA THR A 547 -20.25 -8.87 -23.17
C THR A 547 -21.73 -8.55 -22.97
N SER A 548 -22.53 -9.57 -23.22
CA SER A 548 -23.99 -9.54 -23.03
C SER A 548 -24.48 -10.95 -23.27
N PHE A 549 -25.78 -11.15 -23.09
CA PHE A 549 -26.40 -12.45 -23.27
C PHE A 549 -26.97 -12.68 -24.66
N ASN A 550 -26.90 -11.69 -25.56
CA ASN A 550 -27.33 -11.88 -26.93
C ASN A 550 -26.19 -11.56 -27.89
N VAL A 551 -26.21 -12.21 -29.05
CA VAL A 551 -25.22 -11.90 -30.07
C VAL A 551 -25.47 -10.49 -30.59
N GLN A 552 -24.38 -9.80 -30.91
CA GLN A 552 -24.41 -8.37 -31.18
C GLN A 552 -25.21 -7.59 -30.17
N ALA B 1 -12.19 -4.09 22.23
CA ALA B 1 -11.72 -3.03 21.36
C ALA B 1 -12.67 -2.82 20.19
N ASN B 2 -13.52 -3.80 19.94
CA ASN B 2 -14.59 -3.66 18.98
C ASN B 2 -15.44 -2.45 19.34
N PRO B 3 -15.61 -1.49 18.42
CA PRO B 3 -16.39 -0.29 18.76
C PRO B 3 -17.86 -0.56 19.03
N CYS B 4 -18.37 -1.74 18.69
CA CYS B 4 -19.76 -2.11 18.94
C CYS B 4 -19.95 -2.81 20.28
N CYS B 5 -18.89 -2.90 21.10
CA CYS B 5 -18.96 -3.67 22.33
C CYS B 5 -19.96 -3.08 23.32
N SER B 6 -20.19 -1.78 23.26
CA SER B 6 -21.09 -1.13 24.20
C SER B 6 -22.54 -1.22 23.77
N ASN B 7 -22.83 -1.97 22.70
CA ASN B 7 -24.17 -2.08 22.12
C ASN B 7 -24.81 -0.70 21.91
N PRO B 8 -24.17 0.19 21.14
CA PRO B 8 -24.65 1.58 21.09
C PRO B 8 -25.94 1.77 20.32
N CYS B 9 -26.27 0.89 19.37
CA CYS B 9 -27.46 1.10 18.54
C CYS B 9 -28.70 0.65 19.29
N GLN B 10 -29.67 1.55 19.39
CA GLN B 10 -30.92 1.26 20.10
C GLN B 10 -32.01 0.88 19.09
N ASN B 11 -33.10 0.34 19.64
CA ASN B 11 -34.34 0.12 18.90
C ASN B 11 -34.16 -0.83 17.71
N ARG B 12 -33.31 -1.84 17.89
CA ARG B 12 -33.06 -2.92 16.95
C ARG B 12 -32.26 -2.46 15.74
N GLY B 13 -31.67 -1.26 15.78
CA GLY B 13 -30.65 -0.91 14.83
C GLY B 13 -29.44 -1.82 14.98
N GLU B 14 -28.72 -1.97 13.89
CA GLU B 14 -27.59 -2.84 13.86
C GLU B 14 -26.27 -2.13 13.88
N CYS B 15 -25.36 -2.60 14.71
CA CYS B 15 -24.08 -1.94 14.84
C CYS B 15 -23.05 -2.58 13.91
N MET B 16 -22.30 -1.73 13.23
CA MET B 16 -21.24 -2.17 12.35
C MET B 16 -20.01 -1.31 12.60
N SER B 17 -18.85 -1.95 12.73
CA SER B 17 -17.62 -1.18 12.84
C SER B 17 -17.29 -0.54 11.48
N THR B 18 -16.83 0.71 11.53
CA THR B 18 -16.41 1.43 10.34
C THR B 18 -14.98 1.91 10.55
N GLY B 19 -14.08 0.99 10.86
CA GLY B 19 -12.75 1.32 11.30
C GLY B 19 -12.50 0.78 12.70
N PHE B 20 -11.28 1.05 13.19
CA PHE B 20 -10.85 0.44 14.45
C PHE B 20 -11.58 1.01 15.65
N ASP B 21 -11.93 2.30 15.61
CA ASP B 21 -12.49 2.96 16.79
C ASP B 21 -13.78 3.71 16.47
N GLN B 22 -14.50 3.32 15.41
CA GLN B 22 -15.72 3.99 15.01
C GLN B 22 -16.76 2.94 14.65
N TYR B 23 -18.03 3.31 14.77
CA TYR B 23 -19.13 2.43 14.43
C TYR B 23 -20.21 3.21 13.69
N LYS B 24 -21.11 2.47 13.07
CA LYS B 24 -22.26 3.04 12.36
C LYS B 24 -23.48 2.20 12.71
N CYS B 25 -24.59 2.86 12.99
CA CYS B 25 -25.85 2.18 13.26
C CYS B 25 -26.71 2.17 12.01
N ASP B 26 -27.14 0.97 11.61
CA ASP B 26 -28.08 0.80 10.51
C ASP B 26 -29.48 0.84 11.11
N CYS B 27 -30.17 1.95 10.94
CA CYS B 27 -31.49 2.14 11.52
C CYS B 27 -32.62 1.74 10.58
N THR B 28 -32.29 1.12 9.45
CA THR B 28 -33.27 0.71 8.44
C THR B 28 -34.49 0.04 9.04
N ARG B 29 -35.66 0.62 8.78
CA ARG B 29 -36.96 0.10 9.18
C ARG B 29 -37.12 -0.09 10.69
N THR B 30 -36.29 0.58 11.49
CA THR B 30 -36.49 0.51 12.94
C THR B 30 -37.58 1.46 13.41
N GLY B 31 -37.97 2.42 12.58
CA GLY B 31 -38.80 3.51 13.01
C GLY B 31 -38.04 4.67 13.64
N PHE B 32 -36.73 4.56 13.76
CA PHE B 32 -35.89 5.58 14.37
C PHE B 32 -34.75 5.94 13.42
N TYR B 33 -34.17 7.11 13.65
CA TYR B 33 -32.97 7.53 12.93
C TYR B 33 -32.01 8.20 13.91
N GLY B 34 -30.89 8.68 13.41
CA GLY B 34 -29.85 9.26 14.24
C GLY B 34 -28.71 8.29 14.48
N GLU B 35 -27.64 8.84 15.07
CA GLU B 35 -26.40 8.09 15.26
C GLU B 35 -26.64 6.75 15.95
N ASN B 36 -27.50 6.73 16.96
CA ASN B 36 -27.75 5.53 17.74
C ASN B 36 -29.16 4.97 17.53
N CYS B 37 -29.87 5.44 16.48
CA CYS B 37 -31.26 5.07 16.21
C CYS B 37 -32.17 5.36 17.41
N THR B 38 -32.03 6.55 17.98
CA THR B 38 -32.84 6.94 19.13
C THR B 38 -33.81 8.08 18.83
N THR B 39 -33.72 8.73 17.67
CA THR B 39 -34.63 9.81 17.33
C THR B 39 -35.85 9.21 16.66
N PRO B 40 -37.03 9.22 17.29
CA PRO B 40 -38.19 8.56 16.70
C PRO B 40 -38.75 9.34 15.53
N GLU B 41 -39.16 8.61 14.49
CA GLU B 41 -39.95 9.23 13.45
C GLU B 41 -41.34 9.57 13.99
N PHE B 42 -42.06 10.41 13.24
CA PHE B 42 -43.31 10.95 13.73
C PHE B 42 -44.30 9.84 14.05
N LEU B 43 -44.53 8.93 13.08
CA LEU B 43 -45.43 7.82 13.31
C LEU B 43 -44.99 6.98 14.51
N THR B 44 -43.68 6.93 14.79
CA THR B 44 -43.20 6.17 15.93
C THR B 44 -43.52 6.87 17.25
N ARG B 45 -43.38 8.21 17.29
CA ARG B 45 -43.78 8.93 18.49
C ARG B 45 -45.24 8.62 18.84
N ILE B 46 -46.10 8.56 17.82
CA ILE B 46 -47.53 8.33 18.04
C ILE B 46 -47.76 6.95 18.65
N LYS B 47 -47.30 5.90 17.98
CA LYS B 47 -47.59 4.54 18.45
C LYS B 47 -46.92 4.28 19.80
N LEU B 48 -45.73 4.83 20.02
CA LEU B 48 -45.09 4.72 21.32
C LEU B 48 -45.97 5.30 22.42
N LEU B 49 -46.60 6.43 22.12
CA LEU B 49 -47.44 7.13 23.08
C LEU B 49 -48.78 6.45 23.30
N LEU B 50 -49.23 5.63 22.34
CA LEU B 50 -50.48 4.89 22.45
C LEU B 50 -50.31 3.45 22.88
N LYS B 51 -49.07 2.99 23.10
CA LYS B 51 -48.85 1.58 23.41
C LYS B 51 -48.92 1.36 24.91
N PRO B 52 -49.86 0.55 25.40
CA PRO B 52 -49.87 0.21 26.82
C PRO B 52 -48.68 -0.66 27.19
N THR B 53 -48.33 -0.61 28.47
CA THR B 53 -47.25 -1.45 28.97
C THR B 53 -47.72 -2.90 29.07
N PRO B 54 -46.78 -3.85 28.99
CA PRO B 54 -47.18 -5.26 29.17
C PRO B 54 -47.85 -5.55 30.49
N ASN B 55 -47.47 -4.87 31.57
CA ASN B 55 -48.15 -5.10 32.84
C ASN B 55 -49.56 -4.49 32.84
N THR B 56 -49.77 -3.42 32.08
CA THR B 56 -51.13 -2.90 31.91
C THR B 56 -51.99 -3.88 31.12
N VAL B 57 -51.46 -4.41 30.02
CA VAL B 57 -52.18 -5.41 29.24
C VAL B 57 -52.45 -6.65 30.08
N HIS B 58 -51.46 -7.07 30.87
CA HIS B 58 -51.65 -8.26 31.69
C HIS B 58 -52.78 -8.06 32.68
N TYR B 59 -52.93 -6.85 33.21
CA TYR B 59 -54.02 -6.56 34.13
C TYR B 59 -55.36 -6.77 33.45
N ILE B 60 -55.52 -6.22 32.23
CA ILE B 60 -56.79 -6.29 31.53
C ILE B 60 -57.09 -7.74 31.15
N LEU B 61 -56.06 -8.50 30.79
CA LEU B 61 -56.30 -9.88 30.36
C LEU B 61 -56.64 -10.79 31.53
N THR B 62 -56.25 -10.44 32.74
CA THR B 62 -56.51 -11.26 33.92
C THR B 62 -57.65 -10.71 34.78
N HIS B 63 -58.31 -9.64 34.35
CA HIS B 63 -59.46 -9.09 35.04
C HIS B 63 -60.62 -8.91 34.07
N PHE B 64 -61.71 -8.34 34.56
CA PHE B 64 -62.93 -8.14 33.79
C PHE B 64 -63.47 -9.46 33.27
N LYS B 65 -63.48 -10.48 34.15
CA LYS B 65 -63.87 -11.83 33.76
C LYS B 65 -65.24 -11.85 33.08
N GLY B 66 -66.14 -10.97 33.53
CA GLY B 66 -67.45 -10.90 32.90
C GLY B 66 -67.37 -10.45 31.45
N VAL B 67 -66.55 -9.44 31.17
CA VAL B 67 -66.39 -8.96 29.80
C VAL B 67 -65.74 -10.00 28.92
N TRP B 68 -64.70 -10.67 29.43
CA TRP B 68 -64.03 -11.70 28.64
C TRP B 68 -64.97 -12.86 28.35
N ASN B 69 -65.87 -13.15 29.28
CA ASN B 69 -66.85 -14.20 29.05
C ASN B 69 -67.72 -13.88 27.84
N ILE B 70 -68.01 -12.60 27.59
CA ILE B 70 -68.80 -12.22 26.43
C ILE B 70 -67.98 -12.35 25.15
N VAL B 71 -66.72 -11.88 25.18
CA VAL B 71 -65.85 -11.97 24.01
C VAL B 71 -65.67 -13.43 23.58
N ASN B 72 -65.47 -14.33 24.55
CA ASN B 72 -65.20 -15.73 24.24
C ASN B 72 -66.36 -16.36 23.46
N ASN B 73 -67.58 -15.95 23.75
CA ASN B 73 -68.78 -16.52 23.14
C ASN B 73 -69.19 -15.81 21.85
N ILE B 74 -68.34 -14.93 21.33
CA ILE B 74 -68.59 -14.30 20.04
C ILE B 74 -67.49 -14.74 19.10
N PRO B 75 -67.70 -15.81 18.32
CA PRO B 75 -66.60 -16.39 17.53
C PRO B 75 -65.81 -15.36 16.73
N PHE B 76 -66.50 -14.40 16.11
CA PHE B 76 -65.80 -13.40 15.31
C PHE B 76 -64.91 -12.52 16.17
N LEU B 77 -65.37 -12.16 17.37
CA LEU B 77 -64.55 -11.32 18.26
C LEU B 77 -63.36 -12.10 18.79
N ARG B 78 -63.60 -13.33 19.25
CA ARG B 78 -62.51 -14.17 19.74
C ARG B 78 -61.45 -14.38 18.66
N SER B 79 -61.89 -14.67 17.43
CA SER B 79 -60.95 -14.84 16.32
C SER B 79 -60.12 -13.58 16.09
N LEU B 80 -60.76 -12.40 16.12
CA LEU B 80 -60.05 -11.15 15.87
C LEU B 80 -58.96 -10.92 16.90
N ILE B 81 -59.26 -11.20 18.17
CA ILE B 81 -58.29 -10.98 19.23
C ILE B 81 -57.16 -12.00 19.13
N MET B 82 -57.51 -13.27 18.97
CA MET B 82 -56.50 -14.30 18.82
C MET B 82 -55.59 -14.01 17.63
N LYS B 83 -56.18 -13.48 16.55
CA LYS B 83 -55.38 -13.05 15.41
C LYS B 83 -54.35 -12.01 15.82
N TYR B 84 -54.75 -11.03 16.64
CA TYR B 84 -53.81 -10.02 17.11
C TYR B 84 -52.73 -10.66 17.98
N VAL B 85 -53.11 -11.59 18.86
CA VAL B 85 -52.14 -12.27 19.69
C VAL B 85 -51.02 -12.87 18.83
N LEU B 86 -51.41 -13.48 17.71
CA LEU B 86 -50.44 -14.20 16.87
C LEU B 86 -49.55 -13.25 16.10
N THR B 87 -50.08 -12.13 15.62
CA THR B 87 -49.33 -11.24 14.75
C THR B 87 -48.73 -10.04 15.45
N SER B 88 -49.33 -9.54 16.50
CA SER B 88 -48.87 -8.35 17.22
C SER B 88 -47.42 -8.30 17.47
N ARG B 89 -46.83 -9.46 17.59
CA ARG B 89 -45.45 -9.61 17.95
C ARG B 89 -44.60 -10.20 16.87
N SER B 90 -45.22 -10.45 15.77
CA SER B 90 -44.59 -11.16 14.68
C SER B 90 -43.24 -10.62 14.55
N TYR B 91 -43.16 -9.30 14.47
CA TYR B 91 -41.96 -8.51 14.38
C TYR B 91 -40.84 -8.67 15.40
N LEU B 92 -41.02 -9.35 16.51
CA LEU B 92 -39.99 -9.52 17.48
C LEU B 92 -38.98 -10.63 17.17
N ILE B 93 -39.37 -11.55 16.30
CA ILE B 93 -38.57 -12.71 15.94
C ILE B 93 -38.00 -12.52 14.55
N ASP B 94 -36.68 -12.65 14.42
CA ASP B 94 -36.06 -12.65 13.10
C ASP B 94 -36.41 -13.97 12.41
N SER B 95 -37.18 -13.89 11.35
CA SER B 95 -37.49 -15.07 10.57
C SER B 95 -37.51 -14.67 9.10
N PRO B 96 -36.62 -15.21 8.26
CA PRO B 96 -35.55 -16.18 8.59
C PRO B 96 -34.54 -15.70 9.64
N PRO B 97 -33.88 -16.65 10.31
CA PRO B 97 -33.06 -16.30 11.46
C PRO B 97 -31.77 -15.61 11.07
N THR B 98 -31.13 -15.01 12.09
CA THR B 98 -29.95 -14.19 11.89
C THR B 98 -28.75 -14.77 12.65
N TYR B 99 -28.51 -14.33 13.87
CA TYR B 99 -27.26 -14.59 14.57
C TYR B 99 -27.24 -15.98 15.23
N ASN B 100 -26.05 -16.40 15.65
CA ASN B 100 -25.89 -17.56 16.52
C ASN B 100 -24.65 -17.33 17.38
N VAL B 101 -24.25 -18.34 18.15
CA VAL B 101 -23.20 -18.13 19.14
C VAL B 101 -21.89 -17.71 18.48
N HIS B 102 -21.66 -18.14 17.25
CA HIS B 102 -20.40 -17.84 16.58
C HIS B 102 -20.48 -16.63 15.66
N TYR B 103 -21.68 -16.08 15.40
CA TYR B 103 -21.81 -14.99 14.46
C TYR B 103 -22.63 -13.86 15.07
N GLY B 104 -21.97 -12.71 15.31
CA GLY B 104 -22.58 -11.47 15.71
C GLY B 104 -22.96 -10.58 14.55
N TYR B 105 -22.75 -11.08 13.33
CA TYR B 105 -23.21 -10.45 12.10
C TYR B 105 -23.90 -11.52 11.28
N LYS B 106 -24.76 -11.09 10.37
CA LYS B 106 -25.46 -12.04 9.52
C LYS B 106 -24.48 -12.69 8.54
N SER B 107 -24.61 -13.99 8.34
CA SER B 107 -23.74 -14.74 7.45
C SER B 107 -24.48 -15.93 6.90
N TRP B 108 -24.02 -16.42 5.73
CA TRP B 108 -24.64 -17.63 5.18
C TRP B 108 -24.41 -18.83 6.07
N GLU B 109 -23.26 -18.89 6.76
CA GLU B 109 -23.03 -19.98 7.70
C GLU B 109 -24.06 -19.96 8.81
N ALA B 110 -24.32 -18.78 9.39
CA ALA B 110 -25.30 -18.67 10.44
C ALA B 110 -26.71 -18.96 9.92
N PHE B 111 -27.02 -18.56 8.69
CA PHE B 111 -28.35 -18.88 8.20
C PHE B 111 -28.51 -20.38 7.94
N SER B 112 -27.50 -21.02 7.35
CA SER B 112 -27.71 -22.32 6.75
C SER B 112 -27.37 -23.49 7.66
N ASN B 113 -26.52 -23.30 8.66
CA ASN B 113 -26.06 -24.41 9.49
C ASN B 113 -27.12 -24.67 10.56
N LEU B 114 -27.92 -25.71 10.35
CA LEU B 114 -29.04 -26.04 11.23
C LEU B 114 -28.59 -26.65 12.55
N SER B 115 -27.31 -26.94 12.70
CA SER B 115 -26.84 -27.54 13.95
C SER B 115 -26.73 -26.51 15.07
N TYR B 116 -26.82 -25.22 14.74
CA TYR B 116 -26.80 -24.15 15.72
C TYR B 116 -28.20 -23.87 16.24
N TYR B 117 -28.31 -23.56 17.53
CA TYR B 117 -29.40 -22.71 17.98
C TYR B 117 -29.21 -21.33 17.37
N THR B 118 -30.30 -20.68 17.01
CA THR B 118 -30.17 -19.30 16.58
C THR B 118 -30.16 -18.40 17.81
N ARG B 119 -29.95 -17.10 17.59
CA ARG B 119 -29.78 -16.14 18.67
C ARG B 119 -30.64 -14.91 18.42
N ALA B 120 -31.46 -14.56 19.41
CA ALA B 120 -32.27 -13.35 19.32
C ALA B 120 -31.41 -12.09 19.45
N LEU B 121 -30.33 -12.15 20.23
CA LEU B 121 -29.36 -11.08 20.26
C LEU B 121 -27.99 -11.65 19.93
N PRO B 122 -27.20 -10.95 19.13
CA PRO B 122 -25.86 -11.44 18.79
C PRO B 122 -25.02 -11.58 20.05
N PRO B 123 -24.03 -12.46 20.03
CA PRO B 123 -23.15 -12.58 21.18
C PRO B 123 -22.29 -11.34 21.37
N VAL B 124 -21.87 -11.13 22.61
CA VAL B 124 -20.86 -10.12 22.90
C VAL B 124 -19.55 -10.55 22.26
N ALA B 125 -18.93 -9.66 21.49
CA ALA B 125 -17.73 -10.01 20.77
C ALA B 125 -16.62 -10.42 21.72
N ASP B 126 -15.78 -11.36 21.25
CA ASP B 126 -14.78 -11.98 22.12
C ASP B 126 -13.81 -10.97 22.69
N ASP B 127 -13.52 -9.90 21.96
CA ASP B 127 -12.50 -8.94 22.37
C ASP B 127 -13.06 -7.77 23.16
N CYS B 128 -14.34 -7.82 23.52
CA CYS B 128 -14.91 -6.77 24.35
C CYS B 128 -14.24 -6.80 25.72
N PRO B 129 -14.03 -5.64 26.36
CA PRO B 129 -13.26 -5.64 27.62
C PRO B 129 -13.96 -6.34 28.78
N THR B 130 -15.29 -6.36 28.82
CA THR B 130 -16.03 -6.98 29.90
C THR B 130 -17.00 -7.99 29.32
N PRO B 131 -17.46 -8.96 30.12
CA PRO B 131 -18.36 -9.99 29.60
C PRO B 131 -19.64 -9.45 29.00
N MET B 132 -20.19 -8.37 29.54
CA MET B 132 -21.40 -7.78 28.98
C MET B 132 -21.12 -6.77 27.88
N GLY B 133 -19.85 -6.46 27.62
CA GLY B 133 -19.49 -5.48 26.60
C GLY B 133 -18.46 -4.51 27.11
N VAL B 134 -18.92 -3.40 27.70
CA VAL B 134 -18.04 -2.47 28.38
C VAL B 134 -18.40 -2.23 29.83
N LYS B 135 -19.63 -2.54 30.27
CA LYS B 135 -20.04 -2.31 31.64
C LYS B 135 -19.59 -3.47 32.53
N GLY B 136 -19.58 -3.21 33.83
CA GLY B 136 -19.26 -4.24 34.80
C GLY B 136 -17.77 -4.46 34.95
N ASN B 137 -17.45 -5.47 35.76
CA ASN B 137 -16.07 -5.81 36.07
C ASN B 137 -15.50 -6.76 35.02
N LYS B 138 -14.18 -6.99 35.11
CA LYS B 138 -13.49 -7.94 34.25
C LYS B 138 -14.24 -9.28 34.21
N GLU B 139 -14.66 -9.77 35.37
CA GLU B 139 -15.39 -11.03 35.46
C GLU B 139 -16.74 -10.80 36.11
N LEU B 140 -17.72 -11.57 35.65
CA LEU B 140 -19.04 -11.58 36.27
C LEU B 140 -18.93 -12.24 37.64
N PRO B 141 -19.91 -12.03 38.53
CA PRO B 141 -19.82 -12.63 39.87
C PRO B 141 -19.81 -14.15 39.81
N ASP B 142 -19.14 -14.74 40.81
CA ASP B 142 -19.08 -16.20 40.97
C ASP B 142 -20.45 -16.83 40.84
N SER B 143 -20.58 -17.79 39.93
CA SER B 143 -21.90 -18.38 39.66
C SER B 143 -22.40 -19.19 40.85
N LYS B 144 -21.50 -19.84 41.59
CA LYS B 144 -21.90 -20.52 42.82
C LYS B 144 -22.53 -19.54 43.80
N GLU B 145 -21.91 -18.38 43.95
CA GLU B 145 -22.42 -17.28 44.73
C GLU B 145 -23.86 -16.91 44.35
N VAL B 146 -24.09 -16.64 43.07
CA VAL B 146 -25.41 -16.28 42.57
C VAL B 146 -26.41 -17.38 42.87
N LEU B 147 -26.06 -18.60 42.47
CA LEU B 147 -26.90 -19.77 42.68
C LEU B 147 -27.37 -19.87 44.12
N GLU B 148 -26.44 -19.83 45.06
CA GLU B 148 -26.78 -20.12 46.45
C GLU B 148 -27.55 -18.98 47.10
N LYS B 149 -27.18 -17.74 46.79
CA LYS B 149 -27.81 -16.61 47.45
C LYS B 149 -29.25 -16.36 46.96
N VAL B 150 -29.53 -16.54 45.67
CA VAL B 150 -30.82 -16.12 45.16
C VAL B 150 -31.60 -17.20 44.40
N LEU B 151 -30.95 -18.30 44.03
CA LEU B 151 -31.66 -19.32 43.23
C LEU B 151 -32.08 -20.56 44.00
N LEU B 152 -31.25 -21.08 44.91
CA LEU B 152 -31.56 -22.35 45.53
C LEU B 152 -32.77 -22.27 46.44
N ARG B 153 -33.57 -23.35 46.44
CA ARG B 153 -34.75 -23.43 47.28
C ARG B 153 -34.35 -23.63 48.73
N ARG B 154 -34.92 -22.82 49.62
CA ARG B 154 -34.89 -23.09 51.06
C ARG B 154 -36.10 -23.95 51.38
N GLU B 155 -37.27 -23.34 51.33
CA GLU B 155 -38.55 -24.01 51.51
C GLU B 155 -39.29 -24.01 50.18
N PHE B 156 -39.99 -25.11 49.89
CA PHE B 156 -40.75 -25.21 48.65
C PHE B 156 -41.76 -24.07 48.56
N ILE B 157 -41.71 -23.34 47.45
CA ILE B 157 -42.65 -22.26 47.19
C ILE B 157 -43.62 -22.74 46.11
N PRO B 158 -44.88 -22.98 46.44
CA PRO B 158 -45.82 -23.51 45.45
C PRO B 158 -46.18 -22.48 44.40
N ASP B 159 -46.54 -22.96 43.23
CA ASP B 159 -47.03 -22.08 42.18
C ASP B 159 -48.39 -21.55 42.58
N PRO B 160 -48.57 -20.23 42.66
CA PRO B 160 -49.91 -19.70 43.00
C PRO B 160 -50.94 -19.90 41.90
N GLN B 161 -50.53 -20.12 40.66
CA GLN B 161 -51.47 -20.47 39.59
C GLN B 161 -51.88 -21.92 39.64
N GLY B 162 -51.30 -22.72 40.54
CA GLY B 162 -51.77 -24.07 40.74
C GLY B 162 -51.25 -25.10 39.77
N SER B 163 -50.18 -24.80 39.02
CA SER B 163 -49.59 -25.78 38.13
C SER B 163 -49.30 -27.07 38.89
N ASN B 164 -49.60 -28.21 38.27
CA ASN B 164 -49.38 -29.51 38.87
C ASN B 164 -48.26 -30.24 38.13
N MET B 165 -48.08 -31.52 38.47
CA MET B 165 -47.00 -32.30 37.87
C MET B 165 -47.35 -32.81 36.48
N MET B 166 -48.65 -32.94 36.16
CA MET B 166 -49.03 -33.15 34.77
C MET B 166 -48.50 -32.02 33.90
N PHE B 167 -48.62 -30.78 34.39
CA PHE B 167 -48.12 -29.64 33.63
C PHE B 167 -46.59 -29.65 33.53
N ALA B 168 -45.90 -29.79 34.66
CA ALA B 168 -44.44 -29.72 34.64
C ALA B 168 -43.85 -30.78 33.72
N PHE B 169 -44.36 -32.01 33.80
CA PHE B 169 -43.82 -33.05 32.94
C PHE B 169 -44.28 -32.89 31.50
N PHE B 170 -45.43 -32.27 31.26
CA PHE B 170 -45.79 -31.93 29.89
C PHE B 170 -44.82 -30.91 29.32
N ALA B 171 -44.50 -29.88 30.11
CA ALA B 171 -43.52 -28.90 29.66
C ALA B 171 -42.17 -29.54 29.37
N GLN B 172 -41.71 -30.46 30.24
CA GLN B 172 -40.43 -31.10 30.01
C GLN B 172 -40.49 -31.97 28.76
N HIS B 173 -41.51 -32.82 28.64
CA HIS B 173 -41.64 -33.73 27.52
C HIS B 173 -41.79 -32.96 26.20
N PHE B 174 -42.68 -31.97 26.17
CA PHE B 174 -42.93 -31.21 24.94
C PHE B 174 -41.70 -30.44 24.49
N THR B 175 -41.09 -29.67 25.39
CA THR B 175 -39.94 -28.84 25.00
C THR B 175 -38.71 -29.66 24.66
N HIS B 176 -38.62 -30.88 25.14
CA HIS B 176 -37.42 -31.68 24.90
C HIS B 176 -37.40 -32.31 23.52
N GLN B 177 -38.34 -31.96 22.65
CA GLN B 177 -38.20 -32.31 21.24
C GLN B 177 -37.44 -31.25 20.46
N PHE B 178 -37.39 -30.00 20.93
CA PHE B 178 -36.61 -28.98 20.23
C PHE B 178 -35.52 -28.34 21.07
N PHE B 179 -35.44 -28.65 22.37
CA PHE B 179 -34.27 -28.35 23.18
C PHE B 179 -33.52 -29.66 23.37
N LYS B 180 -32.46 -29.87 22.58
CA LYS B 180 -31.70 -31.10 22.56
C LYS B 180 -30.24 -30.72 22.32
N THR B 181 -29.63 -30.15 23.35
CA THR B 181 -28.30 -29.56 23.17
C THR B 181 -27.28 -30.65 22.85
N ASP B 182 -26.45 -30.36 21.85
CA ASP B 182 -25.41 -31.27 21.38
C ASP B 182 -24.13 -30.97 22.16
N HIS B 183 -23.98 -31.62 23.31
CA HIS B 183 -22.85 -31.32 24.18
C HIS B 183 -21.51 -31.70 23.55
N LYS B 184 -21.53 -32.58 22.53
CA LYS B 184 -20.29 -32.88 21.81
C LYS B 184 -19.78 -31.68 21.04
N ARG B 185 -20.66 -30.76 20.66
CA ARG B 185 -20.25 -29.55 19.95
C ARG B 185 -20.19 -28.33 20.87
N GLY B 186 -21.14 -28.19 21.78
CA GLY B 186 -21.17 -27.07 22.69
C GLY B 186 -22.59 -26.62 22.99
N PRO B 187 -22.76 -25.72 23.97
CA PRO B 187 -24.11 -25.32 24.38
C PRO B 187 -24.89 -24.58 23.31
N GLY B 188 -24.22 -23.96 22.34
CA GLY B 188 -24.92 -23.26 21.28
C GLY B 188 -25.36 -24.14 20.13
N PHE B 189 -25.33 -25.45 20.31
CA PHE B 189 -25.60 -26.41 19.26
C PHE B 189 -26.74 -27.34 19.66
N THR B 190 -27.56 -27.72 18.68
CA THR B 190 -28.74 -28.54 18.92
C THR B 190 -28.67 -29.80 18.06
N ARG B 191 -29.36 -30.84 18.54
CA ARG B 191 -29.57 -32.05 17.76
C ARG B 191 -30.96 -32.14 17.16
N GLY B 192 -31.84 -31.20 17.48
CA GLY B 192 -33.16 -31.15 16.91
C GLY B 192 -33.16 -30.35 15.62
N LEU B 193 -32.69 -30.97 14.53
CA LEU B 193 -32.54 -30.27 13.27
C LEU B 193 -33.87 -29.84 12.66
N GLY B 194 -35.00 -30.38 13.15
CA GLY B 194 -36.29 -29.88 12.73
C GLY B 194 -36.66 -28.55 13.35
N HIS B 195 -35.98 -28.17 14.44
CA HIS B 195 -36.15 -26.86 15.06
C HIS B 195 -37.62 -26.56 15.36
N GLY B 196 -38.34 -27.54 15.87
CA GLY B 196 -39.73 -27.27 16.22
C GLY B 196 -40.50 -28.52 16.58
N VAL B 197 -41.82 -28.44 16.37
CA VAL B 197 -42.75 -29.46 16.85
C VAL B 197 -42.88 -30.49 15.72
N ASP B 198 -41.88 -31.35 15.62
CA ASP B 198 -41.92 -32.44 14.65
C ASP B 198 -42.16 -33.79 15.30
N LEU B 199 -42.28 -33.83 16.63
CA LEU B 199 -42.56 -35.03 17.40
C LEU B 199 -41.45 -36.08 17.24
N ASN B 200 -40.24 -35.62 16.95
CA ASN B 200 -39.08 -36.50 16.96
C ASN B 200 -38.86 -37.13 18.34
N HIS B 201 -39.37 -36.53 19.40
CA HIS B 201 -39.27 -37.17 20.71
C HIS B 201 -40.16 -38.40 20.83
N ILE B 202 -41.05 -38.61 19.87
CA ILE B 202 -41.86 -39.83 19.77
C ILE B 202 -41.35 -40.73 18.64
N TYR B 203 -41.05 -40.14 17.49
CA TYR B 203 -40.76 -40.90 16.29
C TYR B 203 -39.28 -41.05 16.00
N GLY B 204 -38.43 -40.34 16.71
CA GLY B 204 -37.01 -40.40 16.40
C GLY B 204 -36.57 -39.26 15.52
N GLU B 205 -35.34 -38.80 15.75
CA GLU B 205 -34.78 -37.69 14.97
C GLU B 205 -34.43 -38.14 13.56
N THR B 206 -33.96 -39.37 13.40
CA THR B 206 -33.51 -39.89 12.12
C THR B 206 -34.43 -41.00 11.63
N LEU B 207 -34.35 -41.26 10.32
CA LEU B 207 -35.18 -42.30 9.71
C LEU B 207 -34.81 -43.68 10.24
N ASP B 208 -33.51 -43.91 10.41
CA ASP B 208 -32.99 -45.15 10.98
C ASP B 208 -33.62 -45.44 12.34
N ARG B 209 -33.70 -44.42 13.20
CA ARG B 209 -34.30 -44.61 14.52
C ARG B 209 -35.82 -44.79 14.40
N GLN B 210 -36.46 -44.01 13.54
CA GLN B 210 -37.90 -44.17 13.34
C GLN B 210 -38.25 -45.57 12.89
N HIS B 211 -37.48 -46.15 11.98
CA HIS B 211 -37.82 -47.46 11.46
C HIS B 211 -37.62 -48.55 12.50
N LYS B 212 -36.66 -48.38 13.43
CA LYS B 212 -36.53 -49.36 14.51
C LYS B 212 -37.68 -49.26 15.50
N LEU B 213 -38.34 -48.11 15.58
CA LEU B 213 -39.45 -47.90 16.49
C LEU B 213 -40.79 -48.34 15.92
N ARG B 214 -40.87 -48.60 14.62
CA ARG B 214 -42.13 -48.85 13.95
C ARG B 214 -42.43 -50.34 13.82
N LEU B 215 -43.73 -50.66 13.91
CA LEU B 215 -44.20 -52.02 13.75
C LEU B 215 -44.29 -52.42 12.28
N PHE B 216 -44.41 -51.44 11.39
CA PHE B 216 -44.64 -51.64 9.95
C PHE B 216 -45.88 -52.47 9.67
N LYS B 217 -46.82 -52.48 10.62
CA LYS B 217 -48.18 -52.95 10.40
C LYS B 217 -49.13 -51.84 10.81
N ASP B 218 -50.09 -51.51 9.95
CA ASP B 218 -51.18 -50.59 10.28
C ASP B 218 -50.68 -49.20 10.69
N GLY B 219 -49.49 -48.82 10.23
CA GLY B 219 -48.90 -47.54 10.58
C GLY B 219 -48.36 -47.42 11.98
N LYS B 220 -48.39 -48.49 12.77
CA LYS B 220 -48.23 -48.38 14.21
C LYS B 220 -46.75 -48.35 14.65
N LEU B 221 -46.56 -47.85 15.87
CA LEU B 221 -45.28 -47.95 16.58
C LEU B 221 -45.22 -49.25 17.37
N LYS B 222 -44.00 -49.78 17.51
CA LYS B 222 -43.84 -50.99 18.32
C LYS B 222 -44.17 -50.71 19.77
N TYR B 223 -44.62 -51.76 20.46
CA TYR B 223 -45.05 -51.65 21.84
C TYR B 223 -44.99 -53.02 22.48
N GLN B 224 -45.01 -53.04 23.81
CA GLN B 224 -45.12 -54.28 24.57
C GLN B 224 -46.33 -54.17 25.48
N VAL B 225 -46.84 -55.32 25.89
CA VAL B 225 -47.94 -55.38 26.84
C VAL B 225 -47.40 -55.98 28.14
N ILE B 226 -47.54 -55.24 29.22
CA ILE B 226 -47.09 -55.67 30.55
C ILE B 226 -48.30 -55.55 31.47
N GLY B 227 -48.73 -56.68 32.03
CA GLY B 227 -49.92 -56.71 32.87
C GLY B 227 -51.17 -56.16 32.20
N GLY B 228 -51.38 -56.49 30.93
CA GLY B 228 -52.52 -56.00 30.20
C GLY B 228 -52.42 -54.55 29.76
N GLU B 229 -51.29 -53.89 29.99
CA GLU B 229 -51.11 -52.47 29.71
C GLU B 229 -50.05 -52.29 28.63
N VAL B 230 -50.26 -51.27 27.79
CA VAL B 230 -49.38 -51.02 26.65
C VAL B 230 -48.28 -50.04 27.05
N TYR B 231 -47.04 -50.46 26.86
CA TYR B 231 -45.85 -49.66 27.15
C TYR B 231 -44.92 -49.65 25.95
N PRO B 232 -43.95 -48.74 25.94
CA PRO B 232 -42.97 -48.72 24.84
C PRO B 232 -42.18 -50.02 24.78
N PRO B 233 -41.58 -50.32 23.63
CA PRO B 233 -40.75 -51.53 23.52
C PRO B 233 -39.42 -51.33 24.24
N THR B 234 -38.59 -52.37 24.29
CA THR B 234 -37.31 -52.27 24.99
C THR B 234 -36.15 -52.02 24.02
N VAL B 235 -35.03 -51.60 24.60
CA VAL B 235 -33.78 -51.44 23.84
C VAL B 235 -33.36 -52.76 23.23
N LYS B 236 -33.54 -53.85 23.99
CA LYS B 236 -33.12 -55.16 23.53
C LYS B 236 -33.89 -55.61 22.30
N ASP B 237 -35.19 -55.34 22.27
CA ASP B 237 -36.01 -55.71 21.12
C ASP B 237 -35.73 -54.83 19.90
N THR B 238 -35.50 -53.54 20.11
CA THR B 238 -35.53 -52.57 19.03
C THR B 238 -34.16 -52.14 18.53
N GLN B 239 -33.11 -52.30 19.34
CA GLN B 239 -31.78 -51.76 19.09
C GLN B 239 -31.79 -50.23 19.09
N VAL B 240 -32.82 -49.62 19.65
CA VAL B 240 -32.89 -48.16 19.72
C VAL B 240 -32.04 -47.71 20.88
N GLU B 241 -31.11 -46.80 20.61
CA GLU B 241 -30.18 -46.37 21.65
C GLU B 241 -30.90 -45.46 22.64
N MET B 242 -30.73 -45.74 23.92
CA MET B 242 -31.29 -44.93 24.99
C MET B 242 -30.22 -44.68 26.02
N ILE B 243 -30.37 -43.59 26.77
CA ILE B 243 -29.46 -43.25 27.84
C ILE B 243 -30.02 -43.84 29.14
N TYR B 244 -29.27 -44.79 29.72
CA TYR B 244 -29.64 -45.47 30.96
C TYR B 244 -28.37 -45.76 31.77
N PRO B 245 -28.43 -45.65 33.09
CA PRO B 245 -27.28 -46.04 33.89
C PRO B 245 -27.02 -47.53 33.74
N PRO B 246 -25.77 -47.97 33.93
CA PRO B 246 -25.43 -49.37 33.61
C PRO B 246 -26.26 -50.40 34.37
N HIS B 247 -26.82 -50.06 35.52
CA HIS B 247 -27.48 -51.07 36.34
C HIS B 247 -28.93 -51.33 35.95
N ILE B 248 -29.49 -50.57 35.02
CA ILE B 248 -30.90 -50.74 34.67
C ILE B 248 -31.09 -52.09 33.96
N PRO B 249 -31.99 -52.94 34.45
CA PRO B 249 -32.24 -54.21 33.77
C PRO B 249 -32.78 -53.98 32.36
N GLU B 250 -32.50 -54.94 31.48
CA GLU B 250 -32.86 -54.79 30.06
C GLU B 250 -34.36 -54.59 29.87
N ASN B 251 -35.19 -55.34 30.61
CA ASN B 251 -36.62 -55.25 30.40
C ASN B 251 -37.21 -53.93 30.86
N LEU B 252 -36.43 -53.10 31.55
CA LEU B 252 -36.89 -51.79 31.96
C LEU B 252 -36.29 -50.68 31.12
N GLN B 253 -35.44 -51.01 30.16
CA GLN B 253 -34.87 -50.01 29.26
C GLN B 253 -35.86 -49.77 28.13
N PHE B 254 -36.88 -48.99 28.44
CA PHE B 254 -37.87 -48.64 27.42
C PHE B 254 -37.23 -47.76 26.35
N ALA B 255 -37.62 -48.01 25.11
CA ALA B 255 -37.10 -47.30 23.96
C ALA B 255 -38.19 -46.39 23.38
N VAL B 256 -37.90 -45.09 23.33
CA VAL B 256 -38.81 -44.07 22.80
C VAL B 256 -38.01 -43.14 21.90
N GLY B 257 -38.73 -42.23 21.24
CA GLY B 257 -38.10 -41.38 20.23
C GLY B 257 -36.93 -40.57 20.76
N GLN B 258 -37.07 -40.02 21.96
CA GLN B 258 -36.05 -39.15 22.55
C GLN B 258 -35.20 -39.98 23.50
N GLU B 259 -33.88 -39.99 23.25
CA GLU B 259 -33.00 -40.93 23.95
C GLU B 259 -32.84 -40.63 25.42
N VAL B 260 -33.26 -39.46 25.91
CA VAL B 260 -33.11 -39.14 27.33
C VAL B 260 -34.37 -39.41 28.14
N PHE B 261 -35.43 -39.91 27.52
CA PHE B 261 -36.71 -39.97 28.22
C PHE B 261 -36.79 -41.11 29.24
N GLY B 262 -35.72 -41.90 29.40
CA GLY B 262 -35.65 -42.76 30.57
C GLY B 262 -35.21 -42.05 31.83
N LEU B 263 -34.82 -40.80 31.73
CA LEU B 263 -34.40 -40.02 32.86
C LEU B 263 -35.36 -39.93 34.01
N VAL B 264 -36.64 -39.83 33.74
CA VAL B 264 -37.63 -39.70 34.80
C VAL B 264 -38.93 -40.37 34.36
N PRO B 265 -39.60 -41.09 35.26
CA PRO B 265 -40.88 -41.71 34.90
C PRO B 265 -41.92 -40.71 34.46
N GLY B 266 -41.78 -39.44 34.83
CA GLY B 266 -42.68 -38.42 34.32
C GLY B 266 -42.61 -38.28 32.81
N LEU B 267 -41.40 -38.40 32.26
CA LEU B 267 -41.26 -38.36 30.80
C LEU B 267 -41.79 -39.64 30.16
N MET B 268 -41.43 -40.79 30.73
CA MET B 268 -41.91 -42.06 30.19
C MET B 268 -43.43 -42.17 30.25
N MET B 269 -44.06 -41.55 31.26
CA MET B 269 -45.52 -41.51 31.29
C MET B 269 -46.07 -40.88 30.02
N TYR B 270 -45.58 -39.69 29.67
CA TYR B 270 -46.07 -39.01 28.48
C TYR B 270 -45.61 -39.70 27.20
N ALA B 271 -44.40 -40.26 27.21
CA ALA B 271 -43.96 -41.05 26.06
C ALA B 271 -44.93 -42.20 25.80
N THR B 272 -45.43 -42.82 26.86
CA THR B 272 -46.36 -43.93 26.70
C THR B 272 -47.74 -43.45 26.24
N ILE B 273 -48.23 -42.34 26.80
CA ILE B 273 -49.52 -41.81 26.39
C ILE B 273 -49.52 -41.46 24.91
N TRP B 274 -48.44 -40.83 24.44
CA TRP B 274 -48.37 -40.43 23.04
C TRP B 274 -48.16 -41.63 22.12
N LEU B 275 -47.44 -42.64 22.60
CA LEU B 275 -47.35 -43.89 21.86
C LEU B 275 -48.73 -44.51 21.67
N ARG B 276 -49.50 -44.61 22.75
CA ARG B 276 -50.86 -45.12 22.66
C ARG B 276 -51.72 -44.26 21.74
N GLU B 277 -51.53 -42.94 21.78
CA GLU B 277 -52.34 -42.06 20.94
C GLU B 277 -52.01 -42.27 19.46
N HIS B 278 -50.74 -42.45 19.12
CA HIS B 278 -50.39 -42.71 17.73
C HIS B 278 -51.06 -43.97 17.22
N ASN B 279 -51.00 -45.05 18.00
CA ASN B 279 -51.60 -46.29 17.54
C ASN B 279 -53.12 -46.24 17.60
N ARG B 280 -53.70 -45.45 18.52
CA ARG B 280 -55.14 -45.24 18.50
C ARG B 280 -55.58 -44.55 17.22
N VAL B 281 -54.86 -43.52 16.81
CA VAL B 281 -55.18 -42.81 15.57
C VAL B 281 -54.98 -43.73 14.36
N CYS B 282 -53.99 -44.64 14.43
CA CYS B 282 -53.82 -45.63 13.36
C CYS B 282 -55.06 -46.49 13.20
N ASP B 283 -55.66 -46.93 14.31
CA ASP B 283 -56.88 -47.71 14.22
C ASP B 283 -58.01 -46.90 13.59
N ILE B 284 -58.14 -45.63 13.96
CA ILE B 284 -59.17 -44.77 13.41
C ILE B 284 -58.95 -44.58 11.92
N LEU B 285 -57.70 -44.31 11.52
CA LEU B 285 -57.41 -44.07 10.11
C LEU B 285 -57.57 -45.35 9.30
N LYS B 286 -57.25 -46.50 9.88
CA LYS B 286 -57.43 -47.75 9.16
C LYS B 286 -58.90 -48.05 8.92
N GLN B 287 -59.76 -47.70 9.88
CA GLN B 287 -61.18 -47.91 9.68
C GLN B 287 -61.73 -47.01 8.58
N GLU B 288 -61.25 -45.77 8.51
CA GLU B 288 -61.69 -44.88 7.44
C GLU B 288 -61.08 -45.27 6.10
N HIS B 289 -59.91 -45.90 6.12
CA HIS B 289 -59.15 -46.19 4.91
C HIS B 289 -58.65 -47.64 4.95
N PRO B 290 -59.55 -48.61 4.76
CA PRO B 290 -59.09 -50.00 4.62
C PRO B 290 -58.14 -50.18 3.46
N GLU B 291 -58.14 -49.27 2.49
CA GLU B 291 -57.29 -49.37 1.30
C GLU B 291 -55.89 -48.79 1.52
N TRP B 292 -55.61 -48.19 2.67
CA TRP B 292 -54.31 -47.58 2.93
C TRP B 292 -53.28 -48.62 3.38
N GLY B 293 -52.02 -48.31 3.10
CA GLY B 293 -50.90 -49.11 3.56
C GLY B 293 -50.30 -48.59 4.86
N ASP B 294 -49.36 -49.36 5.39
CA ASP B 294 -48.70 -49.03 6.66
C ASP B 294 -48.05 -47.65 6.60
N GLU B 295 -47.35 -47.35 5.51
CA GLU B 295 -46.61 -46.10 5.44
C GLU B 295 -47.54 -44.89 5.50
N GLN B 296 -48.65 -44.94 4.78
CA GLN B 296 -49.55 -43.79 4.80
C GLN B 296 -50.26 -43.66 6.14
N LEU B 297 -50.57 -44.79 6.79
CA LEU B 297 -51.15 -44.71 8.13
C LEU B 297 -50.17 -44.09 9.12
N PHE B 298 -48.90 -44.49 9.07
CA PHE B 298 -47.91 -43.90 9.97
C PHE B 298 -47.76 -42.41 9.73
N GLN B 299 -47.55 -42.01 8.47
CA GLN B 299 -47.30 -40.61 8.17
C GLN B 299 -48.50 -39.74 8.51
N THR B 300 -49.71 -40.19 8.18
CA THR B 300 -50.89 -39.38 8.46
C THR B 300 -51.14 -39.27 9.96
N SER B 301 -50.96 -40.36 10.70
CA SER B 301 -51.08 -40.31 12.15
C SER B 301 -50.10 -39.31 12.75
N ARG B 302 -48.85 -39.33 12.29
CA ARG B 302 -47.85 -38.40 12.79
C ARG B 302 -48.27 -36.96 12.55
N LEU B 303 -48.82 -36.66 11.37
CA LEU B 303 -49.28 -35.30 11.12
C LEU B 303 -50.42 -34.93 12.07
N ILE B 304 -51.31 -35.89 12.36
CA ILE B 304 -52.43 -35.61 13.25
C ILE B 304 -51.93 -35.38 14.67
N LEU B 305 -50.97 -36.18 15.13
CA LEU B 305 -50.43 -35.96 16.47
C LEU B 305 -49.68 -34.65 16.57
N ILE B 306 -48.99 -34.23 15.51
CA ILE B 306 -48.40 -32.88 15.49
C ILE B 306 -49.51 -31.86 15.70
N GLY B 307 -50.62 -32.01 14.98
CA GLY B 307 -51.75 -31.10 15.15
C GLY B 307 -52.34 -31.14 16.54
N GLU B 308 -52.51 -32.34 17.10
CA GLU B 308 -52.99 -32.47 18.46
C GLU B 308 -52.08 -31.75 19.44
N THR B 309 -50.77 -31.94 19.28
CA THR B 309 -49.80 -31.31 20.17
C THR B 309 -49.95 -29.80 20.20
N ILE B 310 -49.99 -29.19 19.01
CA ILE B 310 -50.09 -27.73 18.92
C ILE B 310 -51.41 -27.25 19.52
N LYS B 311 -52.49 -27.98 19.21
CA LYS B 311 -53.80 -27.67 19.77
C LYS B 311 -53.76 -27.67 21.29
N ILE B 312 -53.24 -28.74 21.89
CA ILE B 312 -53.20 -28.86 23.34
C ILE B 312 -52.30 -27.78 23.95
N VAL B 313 -51.15 -27.53 23.32
CA VAL B 313 -50.21 -26.55 23.86
C VAL B 313 -50.85 -25.16 23.93
N ILE B 314 -51.60 -24.78 22.89
CA ILE B 314 -52.16 -23.44 22.86
C ILE B 314 -53.36 -23.33 23.79
N GLU B 315 -54.33 -24.24 23.66
CA GLU B 315 -55.62 -24.06 24.32
C GLU B 315 -55.70 -24.65 25.72
N ASP B 316 -54.78 -25.51 26.12
CA ASP B 316 -54.71 -26.01 27.49
C ASP B 316 -53.49 -25.49 28.23
N TYR B 317 -52.32 -25.64 27.61
CA TYR B 317 -51.04 -25.41 28.26
C TYR B 317 -50.72 -23.91 28.37
N VAL B 318 -50.66 -23.22 27.23
CA VAL B 318 -50.48 -21.76 27.27
C VAL B 318 -51.66 -21.10 27.97
N GLN B 319 -52.87 -21.61 27.72
CA GLN B 319 -54.04 -21.07 28.37
C GLN B 319 -53.87 -21.08 29.89
N HIS B 320 -53.42 -22.21 30.44
CA HIS B 320 -53.20 -22.28 31.87
C HIS B 320 -52.09 -21.32 32.32
N LEU B 321 -50.95 -21.34 31.62
CA LEU B 321 -49.84 -20.46 31.97
C LEU B 321 -50.29 -19.00 32.00
N SER B 322 -51.12 -18.60 31.03
CA SER B 322 -51.46 -17.20 30.89
C SER B 322 -52.35 -16.72 32.03
N GLY B 323 -53.21 -17.59 32.54
CA GLY B 323 -54.21 -17.15 33.49
C GLY B 323 -55.20 -16.17 32.90
N TYR B 324 -55.26 -16.08 31.58
CA TYR B 324 -56.21 -15.17 30.94
C TYR B 324 -57.63 -15.72 31.05
N HIS B 325 -58.59 -14.79 31.09
CA HIS B 325 -60.00 -15.15 30.97
C HIS B 325 -60.40 -15.32 29.52
N PHE B 326 -59.69 -14.67 28.62
CA PHE B 326 -59.86 -14.89 27.19
C PHE B 326 -59.38 -16.30 26.83
N LYS B 327 -60.15 -16.98 25.97
CA LYS B 327 -59.83 -18.35 25.59
C LYS B 327 -58.98 -18.33 24.33
N LEU B 328 -57.68 -18.59 24.48
CA LEU B 328 -56.78 -18.74 23.35
C LEU B 328 -57.29 -19.84 22.42
N LYS B 329 -56.86 -19.78 21.16
CA LYS B 329 -57.44 -20.64 20.13
C LYS B 329 -56.36 -21.06 19.14
N PHE B 330 -56.31 -22.34 18.84
CA PHE B 330 -55.47 -22.86 17.75
C PHE B 330 -56.30 -22.85 16.48
N ASP B 331 -56.02 -21.89 15.59
CA ASP B 331 -56.75 -21.75 14.34
C ASP B 331 -55.80 -21.23 13.28
N PRO B 332 -55.16 -22.12 12.52
CA PRO B 332 -54.25 -21.67 11.45
C PRO B 332 -54.87 -20.67 10.47
N GLU B 333 -56.18 -20.74 10.22
CA GLU B 333 -56.81 -19.84 9.25
C GLU B 333 -56.68 -18.38 9.64
N LEU B 334 -56.48 -18.09 10.93
CA LEU B 334 -56.34 -16.70 11.37
C LEU B 334 -55.16 -16.00 10.73
N LEU B 335 -54.16 -16.75 10.26
CA LEU B 335 -52.98 -16.15 9.66
C LEU B 335 -53.02 -16.13 8.14
N PHE B 336 -54.09 -16.65 7.52
CA PHE B 336 -54.06 -16.85 6.07
C PHE B 336 -54.09 -15.53 5.31
N ASN B 337 -54.66 -14.48 5.89
CA ASN B 337 -54.65 -13.15 5.27
C ASN B 337 -53.59 -12.25 5.89
N GLN B 338 -52.60 -12.84 6.55
CA GLN B 338 -51.58 -12.09 7.27
C GLN B 338 -50.20 -12.44 6.75
N GLN B 339 -49.28 -11.48 6.86
CA GLN B 339 -47.89 -11.76 6.61
C GLN B 339 -47.34 -12.62 7.73
N PHE B 340 -46.80 -13.78 7.37
CA PHE B 340 -46.30 -14.72 8.36
C PHE B 340 -45.41 -15.74 7.67
N GLN B 341 -44.27 -16.04 8.30
CA GLN B 341 -43.29 -16.98 7.76
C GLN B 341 -43.53 -18.35 8.39
N TYR B 342 -43.85 -19.33 7.56
CA TYR B 342 -44.06 -20.70 8.03
C TYR B 342 -42.71 -21.42 8.14
N GLN B 343 -41.97 -21.03 9.17
CA GLN B 343 -40.68 -21.62 9.47
C GLN B 343 -40.33 -21.26 10.90
N ASN B 344 -39.35 -21.97 11.45
CA ASN B 344 -38.89 -21.67 12.79
C ASN B 344 -37.46 -22.16 12.94
N ARG B 345 -36.67 -21.39 13.68
CA ARG B 345 -35.33 -21.77 14.09
C ARG B 345 -35.25 -21.57 15.60
N ILE B 346 -34.88 -22.63 16.33
CA ILE B 346 -34.95 -22.59 17.78
C ILE B 346 -33.85 -21.70 18.33
N ALA B 347 -34.24 -20.72 19.14
CA ALA B 347 -33.30 -19.78 19.72
C ALA B 347 -32.69 -20.31 21.01
N SER B 348 -31.39 -20.07 21.18
CA SER B 348 -30.70 -20.37 22.43
C SER B 348 -31.40 -19.74 23.62
N GLU B 349 -31.74 -18.45 23.51
CA GLU B 349 -32.36 -17.77 24.64
C GLU B 349 -33.73 -18.37 24.96
N PHE B 350 -34.41 -18.91 23.95
CA PHE B 350 -35.67 -19.61 24.19
C PHE B 350 -35.43 -20.85 25.05
N ASN B 351 -34.39 -21.61 24.72
CA ASN B 351 -33.95 -22.71 25.57
C ASN B 351 -33.65 -22.22 26.98
N THR B 352 -32.89 -21.13 27.09
CA THR B 352 -32.46 -20.65 28.40
C THR B 352 -33.63 -20.31 29.31
N LEU B 353 -34.61 -19.57 28.80
CA LEU B 353 -35.69 -19.18 29.70
C LEU B 353 -36.75 -20.25 29.88
N TYR B 354 -36.72 -21.35 29.12
CA TYR B 354 -37.57 -22.50 29.40
C TYR B 354 -36.97 -23.40 30.48
N HIS B 355 -35.90 -22.98 31.15
CA HIS B 355 -35.32 -23.76 32.25
C HIS B 355 -36.19 -23.53 33.49
N TRP B 356 -37.30 -24.26 33.52
CA TRP B 356 -38.33 -24.10 34.56
C TRP B 356 -38.16 -25.10 35.68
N HIS B 357 -36.94 -25.36 36.12
CA HIS B 357 -36.70 -26.37 37.16
C HIS B 357 -37.32 -26.04 38.51
N PRO B 358 -37.59 -24.78 38.87
CA PRO B 358 -38.37 -24.53 40.10
C PRO B 358 -39.73 -25.21 40.11
N LEU B 359 -40.26 -25.60 38.94
CA LEU B 359 -41.48 -26.38 38.90
C LEU B 359 -41.37 -27.65 39.73
N LEU B 360 -40.16 -28.21 39.82
CA LEU B 360 -39.99 -29.53 40.40
C LEU B 360 -40.26 -29.52 41.90
N PRO B 361 -40.93 -30.53 42.43
CA PRO B 361 -41.12 -30.64 43.87
C PRO B 361 -39.88 -31.21 44.53
N ASP B 362 -39.93 -31.25 45.86
CA ASP B 362 -38.84 -31.87 46.61
C ASP B 362 -38.94 -33.38 46.55
N THR B 363 -40.16 -33.91 46.49
CA THR B 363 -40.40 -35.33 46.33
C THR B 363 -41.54 -35.51 45.33
N PHE B 364 -41.55 -36.65 44.67
CA PHE B 364 -42.59 -36.98 43.72
C PHE B 364 -43.56 -37.94 44.39
N ASN B 365 -44.81 -37.50 44.53
CA ASN B 365 -45.81 -38.17 45.36
C ASN B 365 -46.75 -38.95 44.44
N ILE B 366 -46.55 -40.25 44.35
CA ILE B 366 -47.41 -41.11 43.54
C ILE B 366 -48.14 -42.05 44.47
N GLU B 367 -49.47 -41.97 44.46
CA GLU B 367 -50.34 -42.73 45.36
C GLU B 367 -49.94 -42.34 46.78
N ASP B 368 -49.43 -43.26 47.60
CA ASP B 368 -49.06 -42.98 48.96
C ASP B 368 -47.55 -42.86 49.16
N GLN B 369 -46.78 -43.08 48.10
CA GLN B 369 -45.34 -43.00 48.17
C GLN B 369 -44.86 -41.59 47.86
N GLU B 370 -43.70 -41.24 48.42
CA GLU B 370 -43.04 -39.97 48.16
C GLU B 370 -41.59 -40.26 47.78
N TYR B 371 -41.33 -40.29 46.47
CA TYR B 371 -39.99 -40.63 45.97
C TYR B 371 -39.09 -39.41 45.97
N SER B 372 -37.87 -39.60 46.49
CA SER B 372 -36.81 -38.62 46.33
C SER B 372 -36.30 -38.65 44.89
N PHE B 373 -35.51 -37.63 44.54
CA PHE B 373 -34.91 -37.58 43.22
C PHE B 373 -34.11 -38.84 42.94
N LYS B 374 -33.28 -39.26 43.90
CA LYS B 374 -32.43 -40.44 43.71
C LYS B 374 -33.28 -41.68 43.42
N GLN B 375 -34.40 -41.83 44.12
CA GLN B 375 -35.27 -42.97 43.87
C GLN B 375 -36.03 -42.82 42.57
N PHE B 376 -36.30 -41.59 42.15
CA PHE B 376 -37.17 -41.32 41.01
C PHE B 376 -36.41 -41.40 39.69
N LEU B 377 -35.17 -40.90 39.66
CA LEU B 377 -34.44 -40.80 38.40
C LEU B 377 -34.13 -42.18 37.83
N TYR B 378 -34.37 -42.31 36.52
CA TYR B 378 -34.01 -43.52 35.75
C TYR B 378 -34.65 -44.77 36.33
N ASN B 379 -35.88 -44.65 36.82
CA ASN B 379 -36.54 -45.76 37.51
C ASN B 379 -37.93 -45.98 36.92
N ASN B 380 -37.97 -46.70 35.79
CA ASN B 380 -39.23 -47.03 35.14
C ASN B 380 -40.03 -48.08 35.88
N SER B 381 -39.42 -48.79 36.84
CA SER B 381 -40.19 -49.74 37.65
C SER B 381 -41.26 -49.02 38.46
N ILE B 382 -41.05 -47.75 38.77
CA ILE B 382 -42.09 -46.96 39.44
C ILE B 382 -43.32 -46.83 38.53
N LEU B 383 -43.09 -46.58 37.23
CA LEU B 383 -44.21 -46.46 36.31
C LEU B 383 -44.97 -47.78 36.18
N LEU B 384 -44.25 -48.90 36.10
CA LEU B 384 -44.92 -50.20 36.03
C LEU B 384 -45.63 -50.53 37.32
N GLU B 385 -45.06 -50.15 38.46
CA GLU B 385 -45.68 -50.54 39.73
C GLU B 385 -47.02 -49.86 39.91
N HIS B 386 -47.10 -48.56 39.65
CA HIS B 386 -48.34 -47.83 39.87
C HIS B 386 -49.25 -47.81 38.64
N GLY B 387 -48.68 -47.80 37.44
CA GLY B 387 -49.47 -47.71 36.23
C GLY B 387 -49.80 -46.27 35.85
N LEU B 388 -50.29 -46.11 34.62
CA LEU B 388 -50.50 -44.77 34.07
C LEU B 388 -51.65 -44.05 34.76
N THR B 389 -52.74 -44.77 35.05
CA THR B 389 -53.89 -44.14 35.71
C THR B 389 -53.47 -43.52 37.03
N GLN B 390 -52.75 -44.27 37.86
CA GLN B 390 -52.32 -43.75 39.15
C GLN B 390 -51.31 -42.62 38.97
N PHE B 391 -50.45 -42.72 37.96
CA PHE B 391 -49.56 -41.61 37.64
C PHE B 391 -50.37 -40.35 37.34
N VAL B 392 -51.38 -40.46 36.49
CA VAL B 392 -52.18 -39.30 36.13
C VAL B 392 -52.90 -38.74 37.34
N GLU B 393 -53.57 -39.61 38.10
CA GLU B 393 -54.30 -39.15 39.28
C GLU B 393 -53.37 -38.50 40.30
N SER B 394 -52.19 -39.08 40.50
CA SER B 394 -51.24 -38.51 41.47
C SER B 394 -50.64 -37.21 40.98
N PHE B 395 -50.20 -37.16 39.72
CA PHE B 395 -49.57 -35.96 39.22
C PHE B 395 -50.55 -34.82 38.99
N THR B 396 -51.83 -35.13 38.79
CA THR B 396 -52.84 -34.09 38.73
C THR B 396 -53.03 -33.42 40.08
N ARG B 397 -52.82 -34.17 41.17
CA ARG B 397 -53.02 -33.63 42.52
C ARG B 397 -51.79 -32.92 43.08
N GLN B 398 -50.58 -33.21 42.60
CA GLN B 398 -49.37 -32.67 43.23
C GLN B 398 -49.01 -31.32 42.64
N ILE B 399 -48.83 -30.32 43.51
CA ILE B 399 -48.56 -28.95 43.12
C ILE B 399 -47.12 -28.79 42.67
N ALA B 400 -46.90 -27.95 41.66
CA ALA B 400 -45.58 -27.59 41.17
C ALA B 400 -45.09 -26.30 41.81
N GLY B 401 -43.78 -26.07 41.72
CA GLY B 401 -43.19 -24.89 42.32
C GLY B 401 -43.31 -23.66 41.45
N ARG B 402 -43.27 -22.51 42.11
CA ARG B 402 -43.26 -21.22 41.43
C ARG B 402 -41.91 -20.97 40.77
N VAL B 403 -41.93 -20.40 39.57
CA VAL B 403 -40.71 -20.25 38.78
C VAL B 403 -40.04 -18.90 39.03
N ALA B 404 -40.76 -17.80 38.87
CA ALA B 404 -40.20 -16.51 39.24
C ALA B 404 -40.29 -16.33 40.75
N GLY B 405 -39.82 -15.18 41.23
CA GLY B 405 -39.92 -14.84 42.64
C GLY B 405 -38.74 -15.24 43.51
N GLY B 406 -37.80 -16.01 42.98
CA GLY B 406 -36.53 -16.26 43.64
C GLY B 406 -36.51 -17.51 44.51
N ARG B 407 -35.31 -18.06 44.67
CA ARG B 407 -35.00 -19.08 45.68
C ARG B 407 -35.94 -20.28 45.61
N ASN B 408 -36.11 -20.84 44.40
CA ASN B 408 -36.98 -22.00 44.32
C ASN B 408 -36.45 -23.10 43.40
N VAL B 409 -35.15 -23.10 43.10
CA VAL B 409 -34.50 -24.19 42.38
C VAL B 409 -34.22 -25.31 43.38
N PRO B 410 -34.73 -26.52 43.18
CA PRO B 410 -34.44 -27.59 44.13
C PRO B 410 -32.97 -27.94 44.12
N ILE B 411 -32.43 -28.21 45.31
CA ILE B 411 -31.00 -28.45 45.45
C ILE B 411 -30.57 -29.70 44.69
N ALA B 412 -31.50 -30.61 44.41
CA ALA B 412 -31.19 -31.81 43.65
C ALA B 412 -30.63 -31.50 42.27
N VAL B 413 -31.00 -30.38 41.68
CA VAL B 413 -30.53 -30.06 40.33
C VAL B 413 -29.72 -28.76 40.33
N GLN B 414 -29.04 -28.48 41.45
CA GLN B 414 -28.26 -27.24 41.52
C GLN B 414 -27.16 -27.22 40.48
N ALA B 415 -26.65 -28.38 40.10
CA ALA B 415 -25.62 -28.43 39.06
C ALA B 415 -26.17 -27.92 37.72
N VAL B 416 -27.45 -28.18 37.45
CA VAL B 416 -28.06 -27.71 36.21
C VAL B 416 -28.23 -26.20 36.22
N ALA B 417 -28.68 -25.63 37.35
CA ALA B 417 -28.84 -24.18 37.43
C ALA B 417 -27.52 -23.45 37.33
N LYS B 418 -26.47 -24.00 37.94
CA LYS B 418 -25.15 -23.40 37.80
C LYS B 418 -24.65 -23.51 36.37
N ALA B 419 -24.98 -24.61 35.70
CA ALA B 419 -24.57 -24.77 34.30
C ALA B 419 -25.29 -23.77 33.41
N SER B 420 -26.57 -23.50 33.70
CA SER B 420 -27.30 -22.47 32.94
C SER B 420 -26.61 -21.12 33.05
N ILE B 421 -26.12 -20.78 34.25
CA ILE B 421 -25.38 -19.53 34.40
C ILE B 421 -24.08 -19.59 33.60
N ASP B 422 -23.30 -20.65 33.82
CA ASP B 422 -21.97 -20.72 33.24
C ASP B 422 -22.03 -20.76 31.71
N GLN B 423 -23.00 -21.49 31.16
CA GLN B 423 -23.04 -21.65 29.71
C GLN B 423 -23.70 -20.47 29.01
N SER B 424 -24.60 -19.75 29.68
CA SER B 424 -25.01 -18.46 29.17
C SER B 424 -23.81 -17.54 28.99
N ARG B 425 -22.87 -17.58 29.94
CA ARG B 425 -21.67 -16.76 29.84
C ARG B 425 -20.74 -17.27 28.75
N GLU B 426 -20.57 -18.59 28.64
CA GLU B 426 -19.75 -19.14 27.56
C GLU B 426 -20.27 -18.69 26.20
N MET B 427 -21.59 -18.73 26.04
CA MET B 427 -22.24 -18.32 24.80
C MET B 427 -22.31 -16.80 24.65
N LYS B 428 -21.69 -16.06 25.58
CA LYS B 428 -21.58 -14.60 25.49
C LYS B 428 -22.94 -13.92 25.37
N TYR B 429 -23.87 -14.33 26.23
CA TYR B 429 -25.15 -13.65 26.31
C TYR B 429 -24.96 -12.19 26.67
N GLN B 430 -25.76 -11.33 26.02
CA GLN B 430 -25.85 -9.95 26.45
C GLN B 430 -26.62 -9.90 27.78
N SER B 431 -26.71 -8.70 28.35
CA SER B 431 -27.27 -8.50 29.67
C SER B 431 -28.80 -8.64 29.66
N LEU B 432 -29.36 -8.79 30.87
CA LEU B 432 -30.81 -8.79 31.04
C LEU B 432 -31.44 -7.56 30.40
N ASN B 433 -30.91 -6.37 30.69
CA ASN B 433 -31.56 -5.15 30.21
C ASN B 433 -31.43 -5.03 28.70
N GLU B 434 -30.36 -5.55 28.10
CA GLU B 434 -30.29 -5.60 26.65
C GLU B 434 -31.40 -6.48 26.08
N TYR B 435 -31.63 -7.63 26.70
CA TYR B 435 -32.72 -8.50 26.23
C TYR B 435 -34.08 -7.85 26.48
N ARG B 436 -34.23 -7.15 27.59
CA ARG B 436 -35.46 -6.40 27.81
C ARG B 436 -35.70 -5.38 26.71
N LYS B 437 -34.69 -4.57 26.42
CA LYS B 437 -34.81 -3.61 25.32
C LYS B 437 -35.12 -4.31 24.01
N ARG B 438 -34.49 -5.46 23.76
CA ARG B 438 -34.69 -6.15 22.49
C ARG B 438 -36.13 -6.61 22.31
N PHE B 439 -36.86 -6.81 23.40
CA PHE B 439 -38.25 -7.24 23.31
C PHE B 439 -39.21 -6.14 23.76
N SER B 440 -38.81 -4.88 23.59
CA SER B 440 -39.65 -3.70 23.78
C SER B 440 -40.06 -3.49 25.23
N LEU B 441 -39.21 -3.88 26.17
CA LEU B 441 -39.46 -3.68 27.59
C LEU B 441 -38.55 -2.58 28.13
N LYS B 442 -39.00 -1.92 29.18
CA LYS B 442 -38.18 -0.91 29.82
C LYS B 442 -37.04 -1.60 30.58
N PRO B 443 -35.80 -1.11 30.45
CA PRO B 443 -34.74 -1.59 31.32
C PRO B 443 -35.08 -1.40 32.80
N TYR B 444 -34.75 -2.40 33.61
CA TYR B 444 -34.83 -2.22 35.05
C TYR B 444 -33.77 -1.22 35.52
N THR B 445 -34.18 -0.33 36.43
CA THR B 445 -33.31 0.74 36.91
C THR B 445 -32.67 0.43 38.26
N SER B 446 -33.01 -0.71 38.85
CA SER B 446 -32.41 -1.14 40.11
C SER B 446 -32.73 -2.62 40.31
N PHE B 447 -32.00 -3.25 41.22
CA PHE B 447 -32.26 -4.63 41.53
C PHE B 447 -33.59 -4.80 42.27
N GLU B 448 -33.95 -3.81 43.09
CA GLU B 448 -35.21 -3.89 43.84
C GLU B 448 -36.40 -3.84 42.88
N GLU B 449 -36.30 -3.06 41.81
CA GLU B 449 -37.34 -3.06 40.80
C GLU B 449 -37.44 -4.43 40.14
N LEU B 450 -36.31 -5.10 39.95
CA LEU B 450 -36.30 -6.42 39.34
C LEU B 450 -36.99 -7.46 40.23
N THR B 451 -36.60 -7.52 41.52
CA THR B 451 -37.13 -8.53 42.43
C THR B 451 -38.44 -8.11 43.09
N GLY B 452 -38.66 -6.81 43.27
CA GLY B 452 -39.82 -6.36 44.01
C GLY B 452 -39.73 -6.54 45.51
N GLU B 453 -38.57 -6.93 46.03
CA GLU B 453 -38.33 -7.05 47.46
C GLU B 453 -36.95 -6.46 47.73
N LYS B 454 -36.43 -6.67 48.94
CA LYS B 454 -35.21 -6.01 49.39
C LYS B 454 -34.03 -6.95 49.62
N GLU B 455 -34.27 -8.16 50.11
CA GLU B 455 -33.17 -9.02 50.55
C GLU B 455 -32.41 -9.61 49.38
N MET B 456 -33.12 -10.29 48.47
CA MET B 456 -32.46 -10.79 47.26
C MET B 456 -31.86 -9.66 46.45
N ALA B 457 -32.58 -8.54 46.34
CA ALA B 457 -32.08 -7.39 45.59
C ALA B 457 -30.73 -6.93 46.12
N ALA B 458 -30.59 -6.80 47.44
CA ALA B 458 -29.33 -6.36 48.03
C ALA B 458 -28.24 -7.38 47.78
N GLU B 459 -28.60 -8.67 47.88
CA GLU B 459 -27.69 -9.75 47.53
C GLU B 459 -27.12 -9.57 46.15
N LEU B 460 -27.99 -9.36 45.17
CA LEU B 460 -27.57 -9.20 43.79
C LEU B 460 -26.79 -7.90 43.59
N LYS B 461 -27.17 -6.85 44.32
CA LYS B 461 -26.47 -5.57 44.15
C LYS B 461 -25.04 -5.67 44.65
N ALA B 462 -24.80 -6.45 45.71
CA ALA B 462 -23.45 -6.67 46.18
C ALA B 462 -22.64 -7.49 45.17
N LEU B 463 -23.29 -8.37 44.42
CA LEU B 463 -22.58 -9.22 43.48
C LEU B 463 -22.32 -8.53 42.15
N TYR B 464 -23.31 -7.81 41.61
CA TYR B 464 -23.25 -7.27 40.27
C TYR B 464 -22.96 -5.77 40.22
N SER B 465 -23.13 -5.06 41.33
CA SER B 465 -22.97 -3.60 41.42
C SER B 465 -23.98 -2.86 40.55
N ASP B 466 -23.90 -3.08 39.25
CA ASP B 466 -24.73 -2.37 38.31
C ASP B 466 -25.85 -3.22 37.80
N ILE B 467 -27.05 -2.69 37.73
CA ILE B 467 -28.21 -3.41 37.22
C ILE B 467 -28.04 -3.75 35.74
N ASP B 468 -27.34 -2.91 34.99
CA ASP B 468 -27.14 -3.16 33.57
C ASP B 468 -26.16 -4.30 33.33
N VAL B 469 -25.62 -4.88 34.39
CA VAL B 469 -24.75 -6.04 34.31
C VAL B 469 -25.44 -7.32 34.79
N MET B 470 -26.65 -7.21 35.33
CA MET B 470 -27.45 -8.39 35.69
C MET B 470 -27.65 -9.29 34.48
N GLU B 471 -27.58 -10.60 34.71
CA GLU B 471 -27.68 -11.59 33.64
C GLU B 471 -29.11 -12.05 33.43
N LEU B 472 -29.39 -12.52 32.20
CA LEU B 472 -30.76 -12.87 31.84
C LEU B 472 -31.26 -14.06 32.64
N TYR B 473 -30.48 -15.13 32.71
CA TYR B 473 -30.98 -16.36 33.33
C TYR B 473 -31.29 -16.19 34.81
N PRO B 474 -30.38 -15.71 35.68
CA PRO B 474 -30.77 -15.51 37.08
C PRO B 474 -31.93 -14.54 37.25
N ALA B 475 -32.03 -13.53 36.40
CA ALA B 475 -33.08 -12.52 36.54
C ALA B 475 -34.47 -13.14 36.38
N LEU B 476 -34.62 -14.09 35.45
CA LEU B 476 -35.91 -14.72 35.23
C LEU B 476 -36.40 -15.45 36.48
N LEU B 477 -35.48 -16.08 37.21
CA LEU B 477 -35.85 -16.89 38.37
C LEU B 477 -35.93 -16.09 39.67
N VAL B 478 -35.40 -14.88 39.72
CA VAL B 478 -35.57 -14.01 40.89
C VAL B 478 -36.56 -12.90 40.64
N GLU B 479 -37.06 -12.76 39.41
CA GLU B 479 -37.90 -11.62 39.05
C GLU B 479 -39.19 -11.58 39.86
N LYS B 480 -39.64 -10.37 40.14
CA LYS B 480 -40.96 -10.16 40.72
C LYS B 480 -42.02 -10.78 39.82
N PRO B 481 -42.80 -11.75 40.31
CA PRO B 481 -43.88 -12.30 39.49
C PRO B 481 -44.99 -11.27 39.32
N ARG B 482 -45.77 -11.47 38.26
CA ARG B 482 -47.06 -10.81 38.16
C ARG B 482 -47.90 -11.22 39.36
N PRO B 483 -48.94 -10.44 39.70
CA PRO B 483 -49.73 -10.76 40.89
C PRO B 483 -50.25 -12.20 40.91
N ASP B 484 -49.80 -12.97 41.89
CA ASP B 484 -50.18 -14.38 42.05
C ASP B 484 -49.88 -15.21 40.81
N ALA B 485 -48.84 -14.87 40.07
CA ALA B 485 -48.51 -15.57 38.84
C ALA B 485 -47.23 -16.38 39.01
N ILE B 486 -46.99 -17.26 38.03
CA ILE B 486 -45.83 -18.13 38.06
C ILE B 486 -44.59 -17.43 37.52
N PHE B 487 -44.75 -16.43 36.64
CA PHE B 487 -43.64 -15.79 35.93
C PHE B 487 -43.65 -14.29 36.16
N GLY B 488 -42.50 -13.68 35.93
CA GLY B 488 -42.40 -12.24 35.80
C GLY B 488 -42.59 -11.77 34.36
N GLU B 489 -42.49 -10.45 34.19
CA GLU B 489 -42.75 -9.85 32.89
C GLU B 489 -41.74 -10.33 31.84
N THR B 490 -40.46 -10.40 32.20
CA THR B 490 -39.43 -10.76 31.24
C THR B 490 -39.65 -12.15 30.68
N MET B 491 -39.98 -13.12 31.54
CA MET B 491 -40.24 -14.48 31.08
C MET B 491 -41.33 -14.49 30.02
N VAL B 492 -42.45 -13.84 30.30
CA VAL B 492 -43.60 -13.86 29.40
C VAL B 492 -43.28 -13.12 28.10
N GLU B 493 -42.76 -11.89 28.21
CA GLU B 493 -42.63 -11.06 27.02
C GLU B 493 -41.53 -11.56 26.09
N LEU B 494 -40.50 -12.19 26.64
CA LEU B 494 -39.47 -12.77 25.79
C LEU B 494 -39.87 -14.14 25.26
N GLY B 495 -40.52 -14.97 26.09
CA GLY B 495 -40.82 -16.33 25.69
C GLY B 495 -42.04 -16.49 24.82
N ALA B 496 -43.05 -15.64 25.02
CA ALA B 496 -44.28 -15.79 24.23
C ALA B 496 -44.04 -15.67 22.73
N PRO B 497 -43.25 -14.71 22.22
CA PRO B 497 -43.01 -14.68 20.76
C PRO B 497 -42.37 -15.94 20.22
N PHE B 498 -41.31 -16.45 20.86
CA PHE B 498 -40.71 -17.72 20.40
C PHE B 498 -41.74 -18.84 20.44
N SER B 499 -42.52 -18.88 21.52
CA SER B 499 -43.46 -19.99 21.72
C SER B 499 -44.45 -20.07 20.57
N LEU B 500 -45.13 -18.96 20.27
CA LEU B 500 -46.14 -18.96 19.23
C LEU B 500 -45.51 -19.14 17.85
N LYS B 501 -44.30 -18.60 17.65
CA LYS B 501 -43.60 -18.79 16.38
C LYS B 501 -43.28 -20.24 16.13
N GLY B 502 -42.83 -20.97 17.17
CA GLY B 502 -42.56 -22.39 17.00
C GLY B 502 -43.80 -23.23 16.79
N LEU B 503 -44.97 -22.75 17.22
CA LEU B 503 -46.21 -23.48 17.06
C LEU B 503 -46.88 -23.17 15.72
N MET B 504 -47.09 -21.88 15.43
CA MET B 504 -47.75 -21.51 14.19
C MET B 504 -46.83 -21.58 12.96
N GLY B 505 -45.52 -21.53 13.16
CA GLY B 505 -44.58 -21.64 12.04
C GLY B 505 -44.49 -23.03 11.43
N ASN B 506 -45.12 -24.01 12.06
CA ASN B 506 -45.09 -25.39 11.59
C ASN B 506 -45.77 -25.50 10.23
N PRO B 507 -45.26 -26.34 9.31
CA PRO B 507 -45.86 -26.41 7.98
C PRO B 507 -47.30 -26.87 7.98
N ILE B 508 -47.75 -27.67 8.95
CA ILE B 508 -49.14 -28.10 8.93
C ILE B 508 -50.11 -26.95 9.17
N CYS B 509 -49.63 -25.80 9.63
CA CYS B 509 -50.48 -24.62 9.74
C CYS B 509 -50.55 -23.81 8.45
N SER B 510 -49.73 -24.13 7.45
CA SER B 510 -49.76 -23.38 6.21
C SER B 510 -51.01 -23.74 5.41
N PRO B 511 -51.45 -22.84 4.52
CA PRO B 511 -52.70 -23.09 3.79
C PRO B 511 -52.74 -24.40 3.01
N GLN B 512 -51.63 -24.81 2.40
CA GLN B 512 -51.68 -26.03 1.61
C GLN B 512 -51.71 -27.29 2.46
N TYR B 513 -51.31 -27.21 3.73
CA TYR B 513 -51.41 -28.34 4.63
C TYR B 513 -52.71 -28.33 5.43
N TRP B 514 -53.21 -27.15 5.80
CA TRP B 514 -54.31 -27.06 6.77
C TRP B 514 -55.65 -27.29 6.06
N LYS B 515 -55.89 -28.55 5.71
CA LYS B 515 -57.13 -28.95 5.06
C LYS B 515 -57.37 -30.44 5.35
N PRO B 516 -58.62 -30.90 5.28
CA PRO B 516 -58.93 -32.25 5.78
C PRO B 516 -58.12 -33.38 5.13
N SER B 517 -57.81 -33.31 3.84
CA SER B 517 -57.18 -34.44 3.19
C SER B 517 -55.75 -34.67 3.66
N THR B 518 -55.08 -33.62 4.13
CA THR B 518 -53.75 -33.80 4.73
C THR B 518 -53.79 -34.81 5.87
N PHE B 519 -54.93 -34.89 6.55
CA PHE B 519 -55.09 -35.68 7.76
C PHE B 519 -55.99 -36.88 7.56
N GLY B 520 -56.16 -37.31 6.31
CA GLY B 520 -56.99 -38.46 6.03
C GLY B 520 -58.47 -38.18 5.94
N GLY B 521 -58.87 -36.92 5.85
CA GLY B 521 -60.27 -36.55 5.75
C GLY B 521 -60.76 -35.89 7.03
N GLU B 522 -62.07 -35.63 7.04
CA GLU B 522 -62.68 -34.87 8.12
C GLU B 522 -62.52 -35.57 9.48
N VAL B 523 -62.49 -36.90 9.50
CA VAL B 523 -62.38 -37.61 10.77
C VAL B 523 -61.02 -37.37 11.40
N GLY B 524 -59.95 -37.43 10.60
CA GLY B 524 -58.62 -37.13 11.13
C GLY B 524 -58.47 -35.67 11.48
N PHE B 525 -59.00 -34.78 10.64
CA PHE B 525 -59.00 -33.35 10.92
C PHE B 525 -59.68 -33.05 12.25
N LYS B 526 -60.77 -33.76 12.55
CA LYS B 526 -61.51 -33.51 13.78
C LYS B 526 -60.70 -33.90 15.01
N ILE B 527 -59.83 -34.90 14.88
CA ILE B 527 -58.98 -35.30 16.01
C ILE B 527 -58.10 -34.14 16.45
N ILE B 528 -57.53 -33.42 15.49
CA ILE B 528 -56.73 -32.24 15.82
C ILE B 528 -57.59 -31.18 16.48
N ASN B 529 -58.72 -30.85 15.84
CA ASN B 529 -59.50 -29.68 16.24
C ASN B 529 -60.35 -29.92 17.49
N THR B 530 -60.39 -31.14 18.03
CA THR B 530 -61.05 -31.41 19.30
C THR B 530 -60.09 -31.87 20.37
N ALA B 531 -58.79 -31.88 20.09
CA ALA B 531 -57.83 -32.38 21.06
C ALA B 531 -57.78 -31.51 22.31
N SER B 532 -57.40 -32.14 23.42
CA SER B 532 -57.22 -31.49 24.72
C SER B 532 -56.40 -32.43 25.58
N ILE B 533 -55.79 -31.88 26.62
CA ILE B 533 -55.05 -32.73 27.56
C ILE B 533 -56.00 -33.76 28.19
N GLN B 534 -57.24 -33.37 28.44
CA GLN B 534 -58.17 -34.31 29.06
C GLN B 534 -58.51 -35.44 28.09
N SER B 535 -58.75 -35.14 26.81
CA SER B 535 -59.10 -36.22 25.90
C SER B 535 -57.88 -37.07 25.55
N LEU B 536 -56.68 -36.47 25.52
CA LEU B 536 -55.47 -37.27 25.34
C LEU B 536 -55.36 -38.35 26.40
N ILE B 537 -55.58 -37.98 27.66
CA ILE B 537 -55.52 -38.94 28.77
C ILE B 537 -56.73 -39.87 28.72
N CYS B 538 -57.91 -39.33 28.38
CA CYS B 538 -59.15 -40.11 28.46
C CYS B 538 -59.15 -41.27 27.46
N ASN B 539 -58.66 -41.03 26.23
CA ASN B 539 -58.64 -42.06 25.21
C ASN B 539 -57.54 -43.09 25.41
N ASN B 540 -56.50 -42.75 26.19
CA ASN B 540 -55.32 -43.59 26.24
C ASN B 540 -54.95 -44.10 27.63
N VAL B 541 -55.64 -43.67 28.68
CA VAL B 541 -55.32 -44.10 30.03
C VAL B 541 -56.54 -44.81 30.60
N LYS B 542 -56.33 -46.02 31.12
CA LYS B 542 -57.41 -46.85 31.60
C LYS B 542 -58.25 -46.11 32.62
N GLY B 543 -59.57 -46.19 32.47
CA GLY B 543 -60.50 -45.54 33.36
C GLY B 543 -60.84 -44.11 33.04
N CYS B 544 -60.17 -43.50 32.05
CA CYS B 544 -60.33 -42.10 31.70
C CYS B 544 -60.28 -41.23 32.97
N PRO B 545 -59.14 -41.22 33.67
CA PRO B 545 -59.06 -40.43 34.90
C PRO B 545 -59.10 -38.94 34.58
N PHE B 546 -59.73 -38.17 35.47
CA PHE B 546 -59.71 -36.72 35.32
C PHE B 546 -58.27 -36.24 35.33
N THR B 547 -57.96 -35.27 34.48
CA THR B 547 -56.68 -34.59 34.56
C THR B 547 -56.85 -33.15 34.16
N SER B 548 -55.80 -32.38 34.40
CA SER B 548 -55.73 -30.97 34.03
C SER B 548 -54.32 -30.48 34.35
N PHE B 549 -54.04 -29.24 33.98
CA PHE B 549 -52.73 -28.65 34.23
C PHE B 549 -52.70 -27.86 35.52
N ASN B 550 -53.81 -27.78 36.24
CA ASN B 550 -53.84 -27.16 37.56
C ASN B 550 -54.41 -28.14 38.58
N VAL B 551 -54.00 -27.96 39.84
CA VAL B 551 -54.51 -28.76 40.95
C VAL B 551 -55.99 -28.43 41.20
N GLN B 552 -56.70 -29.42 41.76
CA GLN B 552 -58.16 -29.40 41.91
C GLN B 552 -58.90 -29.14 40.60
N ALA C 1 11.30 9.97 14.55
CA ALA C 1 10.89 8.68 14.01
C ALA C 1 11.90 8.16 12.99
N ASN C 2 12.77 9.04 12.50
CA ASN C 2 13.86 8.61 11.65
C ASN C 2 14.66 7.54 12.39
N PRO C 3 14.86 6.36 11.82
CA PRO C 3 15.60 5.30 12.53
C PRO C 3 17.06 5.62 12.77
N CYS C 4 17.61 6.64 12.12
CA CYS C 4 18.99 7.06 12.31
C CYS C 4 19.11 8.15 13.37
N CYS C 5 18.03 8.48 14.07
CA CYS C 5 18.07 9.58 15.03
C CYS C 5 19.03 9.32 16.18
N SER C 6 19.25 8.05 16.53
CA SER C 6 20.13 7.74 17.65
C SER C 6 21.60 7.71 17.26
N ASN C 7 21.93 8.08 16.02
CA ASN C 7 23.29 8.00 15.51
C ASN C 7 23.92 6.62 15.74
N PRO C 8 23.32 5.55 15.23
CA PRO C 8 23.79 4.21 15.60
C PRO C 8 25.14 3.82 14.99
N CYS C 9 25.51 4.38 13.85
CA CYS C 9 26.72 3.94 13.17
C CYS C 9 27.97 4.56 13.79
N GLN C 10 28.91 3.72 14.18
CA GLN C 10 30.13 4.17 14.81
C GLN C 10 31.27 4.24 13.79
N ASN C 11 32.35 4.92 14.20
CA ASN C 11 33.61 4.91 13.47
C ASN C 11 33.44 5.47 12.05
N ARG C 12 32.56 6.46 11.92
CA ARG C 12 32.32 7.21 10.69
C ARG C 12 31.59 6.40 9.63
N GLY C 13 31.01 5.27 10.02
CA GLY C 13 30.04 4.64 9.14
C GLY C 13 28.82 5.53 8.97
N GLU C 14 28.15 5.37 7.84
CA GLU C 14 27.06 6.26 7.47
C GLU C 14 25.73 5.54 7.67
N CYS C 15 24.78 6.24 8.28
CA CYS C 15 23.47 5.67 8.57
C CYS C 15 22.50 6.00 7.45
N MET C 16 21.78 4.99 6.98
CA MET C 16 20.76 5.15 5.96
C MET C 16 19.53 4.40 6.42
N SER C 17 18.37 5.05 6.38
CA SER C 17 17.14 4.35 6.70
C SER C 17 16.85 3.34 5.62
N THR C 18 16.37 2.16 6.04
CA THR C 18 15.96 1.11 5.10
C THR C 18 14.52 0.70 5.43
N GLY C 19 13.63 1.68 5.39
CA GLY C 19 12.27 1.51 5.84
C GLY C 19 11.96 2.45 6.99
N PHE C 20 10.70 2.35 7.45
CA PHE C 20 10.23 3.32 8.44
C PHE C 20 10.91 3.11 9.79
N ASP C 21 11.25 1.87 10.14
CA ASP C 21 11.76 1.56 11.47
C ASP C 21 13.04 0.74 11.42
N GLN C 22 13.79 0.85 10.32
CA GLN C 22 15.02 0.08 10.18
C GLN C 22 16.10 0.97 9.57
N TYR C 23 17.36 0.64 9.85
CA TYR C 23 18.49 1.36 9.30
C TYR C 23 19.56 0.38 8.88
N LYS C 24 20.52 0.89 8.12
CA LYS C 24 21.69 0.16 7.67
C LYS C 24 22.90 1.09 7.82
N CYS C 25 24.00 0.55 8.31
CA CYS C 25 25.25 1.29 8.41
C CYS C 25 26.17 0.91 7.25
N ASP C 26 26.63 1.90 6.52
CA ASP C 26 27.60 1.70 5.44
C ASP C 26 28.99 1.80 6.05
N CYS C 27 29.64 0.67 6.24
CA CYS C 27 30.94 0.63 6.89
C CYS C 27 32.10 0.72 5.92
N THR C 28 31.83 1.04 4.65
CA THR C 28 32.85 1.14 3.60
C THR C 28 34.07 1.91 4.06
N ARG C 29 35.24 1.27 4.00
CA ARG C 29 36.54 1.89 4.25
C ARG C 29 36.65 2.51 5.64
N THR C 30 35.78 2.12 6.58
CA THR C 30 35.92 2.63 7.93
C THR C 30 36.97 1.88 8.74
N GLY C 31 37.42 0.72 8.27
CA GLY C 31 38.21 -0.17 9.06
C GLY C 31 37.42 -1.08 9.97
N PHE C 32 36.10 -0.95 9.99
CA PHE C 32 35.22 -1.73 10.84
C PHE C 32 34.12 -2.36 10.01
N TYR C 33 33.49 -3.38 10.58
CA TYR C 33 32.30 -3.98 10.00
C TYR C 33 31.32 -4.30 11.11
N GLY C 34 30.20 -4.90 10.75
CA GLY C 34 29.13 -5.20 11.68
C GLY C 34 27.99 -4.20 11.57
N GLU C 35 26.89 -4.53 12.24
CA GLU C 35 25.65 -3.76 12.11
C GLU C 35 25.87 -2.29 12.37
N ASN C 36 26.69 -1.95 13.36
CA ASN C 36 26.95 -0.57 13.76
C ASN C 36 28.37 -0.14 13.42
N CYS C 37 29.08 -0.91 12.60
CA CYS C 37 30.49 -0.68 12.25
C CYS C 37 31.35 -0.59 13.52
N THR C 38 31.16 -1.54 14.43
CA THR C 38 31.94 -1.55 15.66
C THR C 38 32.91 -2.71 15.78
N THR C 39 32.85 -3.68 14.88
CA THR C 39 33.80 -4.80 14.92
C THR C 39 35.04 -4.43 14.12
N PRO C 40 36.20 -4.29 14.75
CA PRO C 40 37.40 -3.86 14.02
C PRO C 40 37.95 -4.97 13.15
N GLU C 41 38.42 -4.59 11.97
CA GLU C 41 39.25 -5.48 11.19
C GLU C 41 40.59 -5.66 11.89
N PHE C 42 41.35 -6.66 11.42
CA PHE C 42 42.59 -7.02 12.10
C PHE C 42 43.58 -5.87 12.12
N LEU C 43 43.86 -5.29 10.96
CA LEU C 43 44.78 -4.15 10.90
C LEU C 43 44.30 -3.01 11.79
N THR C 44 42.98 -2.87 11.93
CA THR C 44 42.44 -1.81 12.76
C THR C 44 42.70 -2.08 14.24
N ARG C 45 42.58 -3.34 14.66
CA ARG C 45 42.94 -3.70 16.03
C ARG C 45 44.38 -3.28 16.34
N ILE C 46 45.30 -3.53 15.40
CA ILE C 46 46.72 -3.24 15.62
C ILE C 46 46.94 -1.73 15.77
N LYS C 47 46.51 -0.95 14.78
CA LYS C 47 46.77 0.49 14.82
C LYS C 47 46.07 1.15 15.99
N LEU C 48 44.86 0.70 16.32
CA LEU C 48 44.18 1.22 17.50
C LEU C 48 45.01 0.99 18.75
N LEU C 49 45.65 -0.16 18.85
CA LEU C 49 46.45 -0.52 20.00
C LEU C 49 47.80 0.21 20.02
N LEU C 50 48.27 0.66 18.85
CA LEU C 50 49.55 1.37 18.75
C LEU C 50 49.37 2.88 18.70
N LYS C 51 48.15 3.40 18.74
CA LYS C 51 47.93 4.83 18.62
C LYS C 51 47.95 5.49 19.98
N PRO C 52 48.89 6.40 20.26
CA PRO C 52 48.86 7.14 21.51
C PRO C 52 47.70 8.12 21.56
N THR C 53 47.29 8.46 22.77
CA THR C 53 46.21 9.41 22.96
C THR C 53 46.69 10.84 22.67
N PRO C 54 45.78 11.74 22.31
CA PRO C 54 46.18 13.13 22.09
C PRO C 54 46.85 13.78 23.29
N ASN C 55 46.42 13.45 24.52
CA ASN C 55 47.05 14.03 25.69
C ASN C 55 48.45 13.46 25.92
N THR C 56 48.67 12.20 25.52
CA THR C 56 50.03 11.64 25.53
C THR C 56 50.91 12.33 24.49
N VAL C 57 50.39 12.49 23.27
CA VAL C 57 51.13 13.20 22.23
C VAL C 57 51.40 14.63 22.65
N HIS C 58 50.39 15.30 23.22
CA HIS C 58 50.57 16.68 23.64
C HIS C 58 51.66 16.79 24.69
N TYR C 59 51.75 15.79 25.58
CA TYR C 59 52.80 15.80 26.58
C TYR C 59 54.17 15.74 25.93
N ILE C 60 54.34 14.87 24.95
CA ILE C 60 55.64 14.71 24.29
C ILE C 60 55.99 15.96 23.51
N LEU C 61 55.02 16.63 22.90
CA LEU C 61 55.29 17.82 22.12
C LEU C 61 55.61 19.02 22.98
N THR C 62 55.19 19.02 24.25
CA THR C 62 55.44 20.14 25.14
C THR C 62 56.53 19.86 26.18
N HIS C 63 57.19 18.70 26.11
CA HIS C 63 58.30 18.38 26.98
C HIS C 63 59.48 17.93 26.12
N PHE C 64 60.56 17.52 26.81
CA PHE C 64 61.79 17.11 26.14
C PHE C 64 62.33 18.23 25.26
N LYS C 65 62.32 19.46 25.80
CA LYS C 65 62.72 20.63 25.04
C LYS C 65 64.10 20.46 24.42
N GLY C 66 65.01 19.79 25.13
CA GLY C 66 66.33 19.55 24.60
C GLY C 66 66.31 18.66 23.37
N VAL C 67 65.51 17.59 23.41
CA VAL C 67 65.42 16.69 22.26
C VAL C 67 64.80 17.42 21.07
N TRP C 68 63.75 18.20 21.31
CA TRP C 68 63.13 18.93 20.21
C TRP C 68 64.08 19.96 19.62
N ASN C 69 64.94 20.54 20.46
CA ASN C 69 65.93 21.48 19.96
C ASN C 69 66.83 20.83 18.91
N ILE C 70 67.11 19.53 19.06
CA ILE C 70 67.93 18.83 18.08
C ILE C 70 67.13 18.58 16.80
N VAL C 71 65.89 18.14 16.94
CA VAL C 71 65.03 17.88 15.78
C VAL C 71 64.87 19.14 14.94
N ASN C 72 64.67 20.30 15.59
CA ASN C 72 64.43 21.53 14.85
C ASN C 72 65.61 21.89 13.94
N ASN C 73 66.83 21.59 14.38
CA ASN C 73 68.03 21.97 13.65
C ASN C 73 68.49 20.92 12.65
N ILE C 74 67.68 19.90 12.39
CA ILE C 74 67.99 18.91 11.36
C ILE C 74 66.92 19.03 10.28
N PRO C 75 67.17 19.81 9.22
CA PRO C 75 66.12 20.12 8.24
C PRO C 75 65.34 18.91 7.77
N PHE C 76 66.02 17.80 7.51
CA PHE C 76 65.33 16.60 7.03
C PHE C 76 64.39 16.03 8.08
N LEU C 77 64.82 16.04 9.35
CA LEU C 77 63.98 15.51 10.42
C LEU C 77 62.77 16.41 10.67
N ARG C 78 62.99 17.72 10.75
CA ARG C 78 61.91 18.67 10.93
C ARG C 78 60.89 18.54 9.81
N SER C 79 61.37 18.45 8.57
CA SER C 79 60.47 18.29 7.42
C SER C 79 59.63 17.03 7.57
N LEU C 80 60.26 15.92 7.96
CA LEU C 80 59.54 14.65 8.07
C LEU C 80 58.42 14.74 9.09
N ILE C 81 58.68 15.42 10.20
CA ILE C 81 57.67 15.54 11.25
C ILE C 81 56.54 16.48 10.80
N MET C 82 56.90 17.65 10.25
CA MET C 82 55.89 18.57 9.76
C MET C 82 55.02 17.92 8.68
N LYS C 83 55.63 17.11 7.82
CA LYS C 83 54.88 16.35 6.83
C LYS C 83 53.84 15.46 7.50
N TYR C 84 54.21 14.81 8.60
CA TYR C 84 53.25 14.00 9.33
C TYR C 84 52.14 14.85 9.92
N VAL C 85 52.49 16.01 10.49
CA VAL C 85 51.49 16.91 11.05
C VAL C 85 50.42 17.21 10.01
N LEU C 86 50.84 17.46 8.76
CA LEU C 86 49.92 17.89 7.72
C LEU C 86 49.03 16.75 7.24
N THR C 87 49.57 15.54 7.15
CA THR C 87 48.84 14.43 6.57
C THR C 87 48.20 13.49 7.58
N SER C 88 48.79 13.37 8.78
CA SER C 88 48.30 12.41 9.77
C SER C 88 46.80 12.47 9.95
N ARG C 89 46.23 13.62 9.68
CA ARG C 89 44.82 13.72 9.74
C ARG C 89 44.18 13.67 8.30
N SER C 90 43.90 14.76 7.67
CA SER C 90 43.30 14.73 6.34
C SER C 90 42.12 13.75 6.31
N TYR C 91 42.34 12.49 6.74
CA TYR C 91 41.27 11.52 6.84
C TYR C 91 40.12 12.02 7.69
N LEU C 92 40.36 13.05 8.50
CA LEU C 92 39.35 13.60 9.40
C LEU C 92 38.43 14.62 8.73
N ILE C 93 38.86 15.23 7.61
CA ILE C 93 38.08 16.23 6.91
C ILE C 93 37.56 15.64 5.61
N ASP C 94 36.23 15.70 5.41
CA ASP C 94 35.66 15.29 4.14
C ASP C 94 36.05 16.31 3.08
N SER C 95 36.85 15.90 2.12
CA SER C 95 37.21 16.80 1.03
C SER C 95 37.25 16.01 -0.27
N PRO C 96 36.38 16.32 -1.26
CA PRO C 96 35.34 17.35 -1.25
C PRO C 96 34.30 17.24 -0.13
N PRO C 97 33.67 18.35 0.22
CA PRO C 97 32.79 18.38 1.39
C PRO C 97 31.48 17.64 1.15
N THR C 98 30.79 17.37 2.25
CA THR C 98 29.58 16.54 2.21
C THR C 98 28.35 17.29 2.73
N TYR C 99 28.10 17.18 4.04
CA TYR C 99 26.83 17.61 4.61
C TYR C 99 26.83 19.13 4.84
N ASN C 100 25.63 19.67 5.06
CA ASN C 100 25.46 21.05 5.52
C ASN C 100 24.18 21.10 6.35
N VAL C 101 23.77 22.31 6.76
CA VAL C 101 22.67 22.42 7.73
C VAL C 101 21.40 21.82 7.17
N HIS C 102 21.21 21.87 5.85
CA HIS C 102 19.96 21.38 5.27
C HIS C 102 20.05 19.95 4.76
N TYR C 103 21.24 19.35 4.74
CA TYR C 103 21.41 18.02 4.18
C TYR C 103 22.18 17.12 5.14
N GLY C 104 21.49 16.13 5.70
CA GLY C 104 22.04 15.06 6.49
C GLY C 104 22.45 13.86 5.67
N TYR C 105 22.28 13.95 4.36
CA TYR C 105 22.78 12.97 3.41
C TYR C 105 23.51 13.73 2.32
N LYS C 106 24.41 13.04 1.61
CA LYS C 106 25.13 13.69 0.53
C LYS C 106 24.19 13.96 -0.64
N SER C 107 24.31 15.15 -1.24
CA SER C 107 23.46 15.56 -2.34
C SER C 107 24.24 16.55 -3.19
N TRP C 108 23.85 16.66 -4.47
CA TRP C 108 24.54 17.62 -5.32
C TRP C 108 24.32 19.04 -4.83
N GLU C 109 23.17 19.32 -4.22
CA GLU C 109 22.93 20.64 -3.66
C GLU C 109 23.95 20.96 -2.57
N ALA C 110 24.16 20.02 -1.66
CA ALA C 110 25.12 20.27 -0.58
C ALA C 110 26.54 20.38 -1.12
N PHE C 111 26.89 19.59 -2.13
CA PHE C 111 28.24 19.73 -2.67
C PHE C 111 28.41 21.06 -3.39
N SER C 112 27.41 21.49 -4.16
CA SER C 112 27.64 22.55 -5.14
C SER C 112 27.30 23.95 -4.64
N ASN C 113 26.43 24.07 -3.64
CA ASN C 113 25.98 25.39 -3.19
C ASN C 113 27.00 25.96 -2.21
N LEU C 114 27.82 26.90 -2.69
CA LEU C 114 28.89 27.49 -1.92
C LEU C 114 28.40 28.48 -0.87
N SER C 115 27.11 28.78 -0.86
CA SER C 115 26.58 29.72 0.11
C SER C 115 26.41 29.10 1.49
N TYR C 116 26.52 27.77 1.61
CA TYR C 116 26.47 27.08 2.89
C TYR C 116 27.85 26.95 3.50
N TYR C 117 27.92 27.07 4.83
CA TYR C 117 28.98 26.38 5.55
C TYR C 117 28.78 24.89 5.40
N THR C 118 29.87 24.14 5.26
CA THR C 118 29.71 22.69 5.27
C THR C 118 29.67 22.20 6.72
N ARG C 119 29.45 20.90 6.88
CA ARG C 119 29.23 20.32 8.21
C ARG C 119 30.07 19.06 8.36
N ALA C 120 30.88 19.03 9.44
CA ALA C 120 31.67 17.84 9.74
C ALA C 120 30.79 16.69 10.21
N LEU C 121 29.69 16.99 10.88
CA LEU C 121 28.69 15.98 11.20
C LEU C 121 27.33 16.44 10.66
N PRO C 122 26.56 15.54 10.07
CA PRO C 122 25.25 15.91 9.58
C PRO C 122 24.38 16.43 10.71
N PRO C 123 23.39 17.26 10.40
CA PRO C 123 22.46 17.70 11.44
C PRO C 123 21.61 16.56 11.96
N VAL C 124 21.13 16.75 13.19
CA VAL C 124 20.08 15.89 13.72
C VAL C 124 18.81 16.10 12.90
N ALA C 125 18.22 15.02 12.40
CA ALA C 125 17.05 15.14 11.54
C ALA C 125 15.90 15.84 12.28
N ASP C 126 15.11 16.60 11.52
CA ASP C 126 14.10 17.47 12.10
C ASP C 126 13.06 16.68 12.91
N ASP C 127 12.79 15.44 12.53
CA ASP C 127 11.76 14.64 13.17
C ASP C 127 12.27 13.78 14.31
N CYS C 128 13.53 13.93 14.69
CA CYS C 128 14.05 13.18 15.84
C CYS C 128 13.34 13.63 17.11
N PRO C 129 13.09 12.71 18.05
CA PRO C 129 12.29 13.08 19.23
C PRO C 129 12.95 14.10 20.14
N THR C 130 14.27 14.13 20.23
CA THR C 130 14.99 15.07 21.08
C THR C 130 16.01 15.84 20.27
N PRO C 131 16.45 17.01 20.77
CA PRO C 131 17.41 17.82 19.99
C PRO C 131 18.70 17.10 19.64
N MET C 132 19.21 16.25 20.52
CA MET C 132 20.43 15.50 20.23
C MET C 132 20.17 14.19 19.49
N GLY C 133 18.91 13.84 19.28
CA GLY C 133 18.55 12.62 18.59
C GLY C 133 17.49 11.84 19.33
N VAL C 134 17.91 10.92 20.20
CA VAL C 134 16.98 10.21 21.07
C VAL C 134 17.28 10.41 22.55
N LYS C 135 18.50 10.82 22.90
CA LYS C 135 18.88 11.03 24.29
C LYS C 135 18.43 12.40 24.77
N GLY C 136 18.36 12.55 26.10
CA GLY C 136 18.06 13.82 26.70
C GLY C 136 16.56 14.12 26.74
N ASN C 137 16.25 15.31 27.21
CA ASN C 137 14.87 15.73 27.34
C ASN C 137 14.36 16.35 26.03
N LYS C 138 13.05 16.58 25.99
CA LYS C 138 12.41 17.24 24.86
C LYS C 138 13.16 18.50 24.44
N GLU C 139 13.56 19.31 25.40
CA GLU C 139 14.28 20.55 25.14
C GLU C 139 15.61 20.52 25.88
N LEU C 140 16.61 21.12 25.25
CA LEU C 140 17.90 21.31 25.90
C LEU C 140 17.74 22.34 27.03
N PRO C 141 18.68 22.37 27.98
CA PRO C 141 18.55 23.33 29.07
C PRO C 141 18.56 24.76 28.56
N ASP C 142 17.86 25.63 29.29
CA ASP C 142 17.80 27.05 29.00
C ASP C 142 19.19 27.61 28.74
N SER C 143 19.36 28.24 27.58
CA SER C 143 20.68 28.72 27.19
C SER C 143 21.16 29.87 28.07
N LYS C 144 20.24 30.69 28.59
CA LYS C 144 20.63 31.70 29.56
C LYS C 144 21.20 31.06 30.83
N GLU C 145 20.56 30.01 31.30
CA GLU C 145 21.03 29.19 32.40
C GLU C 145 22.47 28.73 32.19
N VAL C 146 22.73 28.07 31.06
CA VAL C 146 24.07 27.59 30.74
C VAL C 146 25.06 28.75 30.70
N LEU C 147 24.71 29.80 29.95
CA LEU C 147 25.55 30.98 29.83
C LEU C 147 25.99 31.51 31.19
N GLU C 148 25.04 31.75 32.09
CA GLU C 148 25.35 32.45 33.33
C GLU C 148 26.10 31.55 34.30
N LYS C 149 25.74 30.28 34.37
CA LYS C 149 26.35 29.41 35.36
C LYS C 149 27.80 29.07 35.03
N VAL C 150 28.11 28.85 33.75
CA VAL C 150 29.44 28.30 33.45
C VAL C 150 30.25 29.08 32.42
N LEU C 151 29.64 30.03 31.72
CA LEU C 151 30.36 30.75 30.67
C LEU C 151 30.77 32.17 31.06
N LEU C 152 29.91 32.90 31.76
CA LEU C 152 30.18 34.31 32.02
C LEU C 152 31.36 34.49 32.96
N ARG C 153 32.18 35.49 32.65
CA ARG C 153 33.34 35.82 33.46
C ARG C 153 32.90 36.44 34.78
N ARG C 154 33.44 35.94 35.88
CA ARG C 154 33.36 36.65 37.16
C ARG C 154 34.59 37.56 37.21
N GLU C 155 35.74 36.94 37.43
CA GLU C 155 37.03 37.62 37.42
C GLU C 155 37.79 37.21 36.17
N PHE C 156 38.50 38.17 35.58
CA PHE C 156 39.31 37.88 34.39
C PHE C 156 40.32 36.79 34.70
N ILE C 157 40.32 35.73 33.88
CA ILE C 157 41.25 34.63 33.98
C ILE C 157 42.26 34.77 32.84
N PRO C 158 43.52 35.10 33.12
CA PRO C 158 44.48 35.34 32.05
C PRO C 158 44.88 34.04 31.36
N ASP C 159 45.28 34.16 30.09
CA ASP C 159 45.78 33.00 29.37
C ASP C 159 47.12 32.59 29.96
N PRO C 160 47.27 31.35 30.44
CA PRO C 160 48.57 30.93 30.98
C PRO C 160 49.66 30.81 29.93
N GLN C 161 49.32 30.67 28.65
CA GLN C 161 50.31 30.67 27.58
C GLN C 161 50.75 32.07 27.20
N GLY C 162 50.15 33.11 27.77
CA GLY C 162 50.61 34.47 27.56
C GLY C 162 50.11 35.16 26.31
N SER C 163 49.05 34.67 25.68
CA SER C 163 48.48 35.36 24.53
C SER C 163 48.20 36.82 24.86
N ASN C 164 48.53 37.71 23.93
CA ASN C 164 48.32 39.13 24.12
C ASN C 164 47.23 39.62 23.17
N MET C 165 47.05 40.94 23.10
CA MET C 165 46.00 41.49 22.25
C MET C 165 46.42 41.54 20.79
N MET C 166 47.71 41.55 20.48
CA MET C 166 48.14 41.34 19.10
C MET C 166 47.62 40.01 18.57
N PHE C 167 47.71 38.95 19.39
CA PHE C 167 47.20 37.64 18.99
C PHE C 167 45.68 37.64 18.88
N ALA C 168 45.00 38.16 19.91
CA ALA C 168 43.54 38.11 19.93
C ALA C 168 42.96 38.80 18.70
N PHE C 169 43.46 39.99 18.39
CA PHE C 169 42.95 40.71 17.24
C PHE C 169 43.45 40.13 15.92
N PHE C 170 44.63 39.51 15.91
CA PHE C 170 45.03 38.79 14.70
C PHE C 170 44.07 37.64 14.42
N ALA C 171 43.73 36.87 15.45
CA ALA C 171 42.75 35.80 15.28
C ALA C 171 41.43 36.34 14.77
N GLN C 172 40.95 37.46 15.33
CA GLN C 172 39.68 38.02 14.88
C GLN C 172 39.79 38.49 13.44
N HIS C 173 40.85 39.23 13.12
CA HIS C 173 41.03 39.73 11.76
C HIS C 173 41.22 38.59 10.77
N PHE C 174 42.11 37.65 11.09
CA PHE C 174 42.39 36.54 10.18
C PHE C 174 41.17 35.69 9.92
N THR C 175 40.47 35.28 10.99
CA THR C 175 39.33 34.38 10.82
C THR C 175 38.15 35.04 10.14
N HIS C 176 38.03 36.36 10.20
CA HIS C 176 36.85 37.02 9.66
C HIS C 176 36.90 37.20 8.15
N GLN C 177 37.87 36.60 7.46
CA GLN C 177 37.77 36.51 6.01
C GLN C 177 37.02 35.26 5.57
N PHE C 178 36.94 34.22 6.41
CA PHE C 178 36.17 33.04 6.04
C PHE C 178 35.04 32.68 7.00
N PHE C 179 34.93 33.34 8.16
CA PHE C 179 33.71 33.26 8.99
C PHE C 179 32.97 34.57 8.75
N LYS C 180 31.93 34.50 7.90
CA LYS C 180 31.19 35.69 7.49
C LYS C 180 29.73 35.27 7.31
N THR C 181 29.06 35.03 8.43
CA THR C 181 27.73 34.44 8.39
C THR C 181 26.74 35.37 7.69
N ASP C 182 25.95 34.79 6.78
CA ASP C 182 24.95 35.52 6.03
C ASP C 182 23.65 35.50 6.82
N HIS C 183 23.49 36.48 7.70
CA HIS C 183 22.33 36.52 8.59
C HIS C 183 21.03 36.71 7.82
N LYS C 184 21.10 37.18 6.58
CA LYS C 184 19.89 37.25 5.77
C LYS C 184 19.37 35.86 5.40
N ARG C 185 20.24 34.86 5.35
CA ARG C 185 19.83 33.50 5.03
C ARG C 185 19.70 32.61 6.26
N GLY C 186 20.63 32.71 7.21
CA GLY C 186 20.61 31.92 8.41
C GLY C 186 22.02 31.58 8.86
N PRO C 187 22.15 31.07 10.10
CA PRO C 187 23.49 30.85 10.66
C PRO C 187 24.32 29.81 9.90
N GLY C 188 23.68 28.91 9.16
CA GLY C 188 24.39 27.93 8.39
C GLY C 188 24.88 28.39 7.04
N PHE C 189 24.86 29.70 6.79
CA PHE C 189 25.19 30.27 5.49
C PHE C 189 26.33 31.26 5.63
N THR C 190 27.19 31.32 4.61
CA THR C 190 28.36 32.18 4.63
C THR C 190 28.33 33.13 3.45
N ARG C 191 29.00 34.26 3.63
CA ARG C 191 29.25 35.20 2.56
C ARG C 191 30.66 35.08 2.00
N GLY C 192 31.50 34.25 2.62
CA GLY C 192 32.84 34.02 2.14
C GLY C 192 32.90 32.90 1.13
N LEU C 193 32.50 33.20 -0.10
CA LEU C 193 32.41 32.19 -1.15
C LEU C 193 33.77 31.65 -1.57
N GLY C 194 34.87 32.32 -1.19
CA GLY C 194 36.17 31.71 -1.40
C GLY C 194 36.49 30.61 -0.42
N HIS C 195 35.77 30.56 0.71
CA HIS C 195 35.89 29.48 1.68
C HIS C 195 37.34 29.26 2.12
N GLY C 196 38.04 30.37 2.36
CA GLY C 196 39.41 30.21 2.83
C GLY C 196 40.19 31.51 2.82
N VAL C 197 41.51 31.37 2.70
CA VAL C 197 42.43 32.49 2.87
C VAL C 197 42.59 33.13 1.49
N ASP C 198 41.59 33.92 1.11
CA ASP C 198 41.67 34.68 -0.13
C ASP C 198 41.92 36.16 0.10
N LEU C 199 41.98 36.58 1.37
CA LEU C 199 42.24 37.97 1.73
C LEU C 199 41.14 38.90 1.22
N ASN C 200 39.93 38.38 1.05
CA ASN C 200 38.79 39.25 0.76
C ASN C 200 38.58 40.27 1.87
N HIS C 201 39.05 39.99 3.08
CA HIS C 201 38.92 40.97 4.15
C HIS C 201 39.84 42.16 3.94
N ILE C 202 40.78 42.07 3.00
CA ILE C 202 41.60 43.20 2.59
C ILE C 202 41.14 43.76 1.25
N TYR C 203 40.86 42.87 0.31
CA TYR C 203 40.60 43.25 -1.08
C TYR C 203 39.12 43.30 -1.44
N GLY C 204 38.25 42.81 -0.58
CA GLY C 204 36.84 42.79 -0.92
C GLY C 204 36.40 41.43 -1.45
N GLU C 205 35.15 41.07 -1.12
CA GLU C 205 34.60 39.80 -1.57
C GLU C 205 34.29 39.81 -3.07
N THR C 206 33.84 40.94 -3.61
CA THR C 206 33.46 41.02 -5.00
C THR C 206 34.41 41.94 -5.77
N LEU C 207 34.40 41.78 -7.10
CA LEU C 207 35.28 42.57 -7.96
C LEU C 207 34.93 44.05 -7.90
N ASP C 208 33.63 44.36 -7.88
CA ASP C 208 33.15 45.74 -7.77
C ASP C 208 33.72 46.43 -6.54
N ARG C 209 33.74 45.73 -5.40
CA ARG C 209 34.30 46.31 -4.18
C ARG C 209 35.81 46.44 -4.26
N GLN C 210 36.47 45.41 -4.80
CA GLN C 210 37.93 45.47 -4.98
C GLN C 210 38.33 46.69 -5.79
N HIS C 211 37.62 46.95 -6.90
CA HIS C 211 38.00 48.04 -7.77
C HIS C 211 37.76 49.40 -7.12
N LYS C 212 36.78 49.50 -6.23
CA LYS C 212 36.59 50.75 -5.48
C LYS C 212 37.68 50.97 -4.45
N LEU C 213 38.31 49.89 -3.97
CA LEU C 213 39.38 49.96 -3.00
C LEU C 213 40.74 50.17 -3.64
N ARG C 214 40.86 50.01 -4.95
CA ARG C 214 42.14 50.01 -5.62
C ARG C 214 42.47 51.40 -6.16
N LEU C 215 43.76 51.71 -6.12
CA LEU C 215 44.24 53.00 -6.64
C LEU C 215 44.35 52.99 -8.16
N PHE C 216 44.54 51.81 -8.76
CA PHE C 216 44.83 51.63 -10.17
C PHE C 216 46.08 52.38 -10.62
N LYS C 217 46.99 52.64 -9.68
CA LYS C 217 48.37 53.01 -10.00
C LYS C 217 49.29 52.07 -9.24
N ASP C 218 50.24 51.47 -9.95
CA ASP C 218 51.32 50.68 -9.35
C ASP C 218 50.79 49.47 -8.56
N GLY C 219 49.60 48.98 -8.90
CA GLY C 219 48.99 47.86 -8.21
C GLY C 219 48.41 48.15 -6.84
N LYS C 220 48.45 49.40 -6.39
CA LYS C 220 48.26 49.72 -4.98
C LYS C 220 46.79 49.83 -4.60
N LEU C 221 46.54 49.76 -3.31
CA LEU C 221 45.25 50.09 -2.71
C LEU C 221 45.23 51.58 -2.38
N LYS C 222 44.04 52.17 -2.45
CA LYS C 222 43.87 53.57 -2.09
C LYS C 222 44.18 53.76 -0.62
N TYR C 223 44.60 54.96 -0.26
CA TYR C 223 44.95 55.24 1.12
C TYR C 223 44.92 56.74 1.32
N GLN C 224 44.85 57.14 2.59
CA GLN C 224 44.97 58.54 2.94
C GLN C 224 46.12 58.71 3.92
N VAL C 225 46.66 59.92 3.96
CA VAL C 225 47.72 60.28 4.90
C VAL C 225 47.13 61.21 5.93
N ILE C 226 47.24 60.82 7.19
CA ILE C 226 46.75 61.60 8.34
C ILE C 226 47.90 61.74 9.31
N GLY C 227 48.31 62.98 9.58
CA GLY C 227 49.44 63.22 10.47
C GLY C 227 50.71 62.49 10.06
N GLY C 228 51.00 62.46 8.76
CA GLY C 228 52.16 61.75 8.24
C GLY C 228 52.03 60.24 8.20
N GLU C 229 50.87 59.69 8.53
CA GLU C 229 50.66 58.25 8.65
C GLU C 229 49.65 57.75 7.62
N VAL C 230 49.87 56.53 7.14
CA VAL C 230 49.02 55.95 6.10
C VAL C 230 47.88 55.17 6.75
N TYR C 231 46.66 55.52 6.38
CA TYR C 231 45.44 54.88 6.87
C TYR C 231 44.57 54.49 5.68
N PRO C 232 43.56 53.65 5.91
CA PRO C 232 42.64 53.29 4.82
C PRO C 232 41.85 54.50 4.36
N PRO C 233 41.30 54.45 3.15
CA PRO C 233 40.45 55.55 2.69
C PRO C 233 39.12 55.53 3.43
N THR C 234 38.25 56.51 3.16
CA THR C 234 36.95 56.61 3.81
C THR C 234 35.86 56.02 2.92
N VAL C 235 34.70 55.80 3.55
CA VAL C 235 33.49 55.42 2.83
C VAL C 235 33.12 56.48 1.80
N LYS C 236 33.28 57.75 2.16
CA LYS C 236 32.91 58.85 1.28
C LYS C 236 33.81 58.89 0.04
N ASP C 237 35.10 58.64 0.23
CA ASP C 237 36.03 58.70 -0.88
C ASP C 237 35.77 57.58 -1.88
N THR C 238 35.44 56.39 -1.37
CA THR C 238 35.45 55.16 -2.15
C THR C 238 34.07 54.66 -2.58
N GLN C 239 33.00 55.06 -1.90
CA GLN C 239 31.66 54.47 -2.07
C GLN C 239 31.62 53.01 -1.66
N VAL C 240 32.60 52.57 -0.88
CA VAL C 240 32.65 51.21 -0.37
C VAL C 240 31.78 51.13 0.88
N GLU C 241 30.85 50.17 0.91
CA GLU C 241 29.92 50.07 2.02
C GLU C 241 30.62 49.51 3.25
N MET C 242 30.40 50.17 4.39
CA MET C 242 30.92 49.74 5.67
C MET C 242 29.80 49.82 6.71
N ILE C 243 29.91 49.00 7.74
CA ILE C 243 28.94 49.01 8.83
C ILE C 243 29.45 49.99 9.89
N TYR C 244 28.71 51.08 10.09
CA TYR C 244 29.06 52.07 11.07
C TYR C 244 27.78 52.61 11.70
N PRO C 245 27.79 52.88 12.99
CA PRO C 245 26.62 53.52 13.60
C PRO C 245 26.41 54.89 13.01
N PRO C 246 25.16 55.37 13.01
CA PRO C 246 24.87 56.62 12.30
C PRO C 246 25.70 57.81 12.75
N HIS C 247 26.20 57.81 13.98
CA HIS C 247 26.87 58.98 14.54
C HIS C 247 28.37 59.06 14.22
N ILE C 248 28.94 58.06 13.55
CA ILE C 248 30.38 58.12 13.23
C ILE C 248 30.62 59.19 12.16
N PRO C 249 31.51 60.15 12.39
CA PRO C 249 31.79 61.16 11.37
C PRO C 249 32.36 60.52 10.11
N GLU C 250 32.11 61.17 8.97
CA GLU C 250 32.50 60.60 7.68
C GLU C 250 34.01 60.35 7.63
N ASN C 251 34.80 61.28 8.18
CA ASN C 251 36.25 61.15 8.13
C ASN C 251 36.80 60.04 9.02
N LEU C 252 35.96 59.40 9.85
CA LEU C 252 36.38 58.25 10.63
C LEU C 252 35.79 56.94 10.12
N GLN C 253 34.99 56.99 9.05
CA GLN C 253 34.44 55.78 8.44
C GLN C 253 35.44 55.22 7.44
N PHE C 254 36.45 54.52 7.97
CA PHE C 254 37.44 53.89 7.11
C PHE C 254 36.84 52.74 6.33
N ALA C 255 37.25 52.62 5.07
CA ALA C 255 36.74 51.59 4.17
C ALA C 255 37.85 50.59 3.92
N VAL C 256 37.58 49.32 4.22
CA VAL C 256 38.49 48.21 4.01
C VAL C 256 37.70 47.04 3.43
N GLY C 257 38.41 45.96 3.08
CA GLY C 257 37.77 44.86 2.37
C GLY C 257 36.60 44.26 3.11
N GLN C 258 36.71 44.11 4.43
CA GLN C 258 35.68 43.47 5.25
C GLN C 258 34.80 44.55 5.86
N GLU C 259 33.49 44.47 5.61
CA GLU C 259 32.59 45.56 5.97
C GLU C 259 32.40 45.71 7.47
N VAL C 260 32.80 44.75 8.29
CA VAL C 260 32.62 44.85 9.74
C VAL C 260 33.87 45.35 10.46
N PHE C 261 34.95 45.65 9.75
CA PHE C 261 36.20 45.92 10.44
C PHE C 261 36.28 47.30 11.08
N GLY C 262 35.24 48.13 10.96
CA GLY C 262 35.16 49.31 11.80
C GLY C 262 34.63 49.05 13.20
N LEU C 263 34.19 47.84 13.48
CA LEU C 263 33.71 47.46 14.76
C LEU C 263 34.64 47.75 15.90
N VAL C 264 35.91 47.50 15.71
CA VAL C 264 36.89 47.66 16.79
C VAL C 264 38.19 48.17 16.21
N PRO C 265 38.86 49.11 16.90
CA PRO C 265 40.14 49.62 16.41
C PRO C 265 41.22 48.55 16.29
N GLY C 266 41.07 47.43 17.02
CA GLY C 266 41.98 46.30 16.85
C GLY C 266 41.92 45.68 15.47
N LEU C 267 40.73 45.63 14.86
CA LEU C 267 40.62 45.15 13.49
C LEU C 267 41.16 46.19 12.51
N MET C 268 40.79 47.46 12.71
CA MET C 268 41.29 48.52 11.84
C MET C 268 42.80 48.62 11.91
N MET C 269 43.40 48.32 13.06
CA MET C 269 44.86 48.27 13.14
C MET C 269 45.43 47.30 12.13
N TYR C 270 44.94 46.06 12.15
CA TYR C 270 45.47 45.06 11.23
C TYR C 270 45.07 45.34 9.79
N ALA C 271 43.86 45.86 9.58
CA ALA C 271 43.47 46.29 8.23
C ALA C 271 44.46 47.31 7.69
N THR C 272 44.94 48.21 8.55
CA THR C 272 45.89 49.23 8.15
C THR C 272 47.27 48.63 7.91
N ILE C 273 47.70 47.72 8.78
CA ILE C 273 49.00 47.08 8.61
C ILE C 273 49.06 46.32 7.28
N TRP C 274 48.00 45.57 6.96
CA TRP C 274 48.01 44.79 5.73
C TRP C 274 47.83 45.67 4.49
N LEU C 275 47.08 46.77 4.61
CA LEU C 275 47.03 47.74 3.51
C LEU C 275 48.42 48.27 3.22
N ARG C 276 49.15 48.72 4.25
CA ARG C 276 50.51 49.16 4.06
C ARG C 276 51.40 48.06 3.49
N GLU C 277 51.20 46.82 3.94
CA GLU C 277 52.03 45.72 3.46
C GLU C 277 51.79 45.46 1.97
N HIS C 278 50.53 45.50 1.54
CA HIS C 278 50.22 45.31 0.12
C HIS C 278 50.91 46.37 -0.73
N ASN C 279 50.81 47.64 -0.33
CA ASN C 279 51.43 48.70 -1.12
C ASN C 279 52.95 48.66 -1.01
N ARG C 280 53.49 48.17 0.11
CA ARG C 280 54.93 47.97 0.22
C ARG C 280 55.41 46.93 -0.80
N VAL C 281 54.66 45.83 -0.91
CA VAL C 281 55.02 44.79 -1.87
C VAL C 281 54.90 45.32 -3.29
N CYS C 282 53.92 46.18 -3.54
CA CYS C 282 53.80 46.82 -4.85
C CYS C 282 55.06 47.59 -5.21
N ASP C 283 55.62 48.34 -4.26
CA ASP C 283 56.87 49.05 -4.52
C ASP C 283 58.01 48.09 -4.83
N ILE C 284 58.10 47.00 -4.08
CA ILE C 284 59.16 46.01 -4.34
C ILE C 284 58.99 45.40 -5.73
N LEU C 285 57.76 45.04 -6.08
CA LEU C 285 57.51 44.41 -7.38
C LEU C 285 57.70 45.39 -8.53
N LYS C 286 57.39 46.67 -8.31
CA LYS C 286 57.60 47.66 -9.36
C LYS C 286 59.09 47.86 -9.63
N GLN C 287 59.91 47.81 -8.59
CA GLN C 287 61.35 47.94 -8.78
C GLN C 287 61.92 46.74 -9.54
N GLU C 288 61.41 45.53 -9.26
CA GLU C 288 61.89 44.38 -10.00
C GLU C 288 61.33 44.36 -11.42
N HIS C 289 60.14 44.93 -11.63
CA HIS C 289 59.43 44.84 -12.89
C HIS C 289 58.94 46.21 -13.31
N PRO C 290 59.84 47.10 -13.73
CA PRO C 290 59.40 48.40 -14.27
C PRO C 290 58.46 48.25 -15.46
N GLU C 291 58.48 47.10 -16.13
CA GLU C 291 57.67 46.84 -17.31
C GLU C 291 56.26 46.36 -16.98
N TRP C 292 55.94 46.12 -15.71
CA TRP C 292 54.64 45.61 -15.33
C TRP C 292 53.61 46.73 -15.22
N GLY C 293 52.34 46.38 -15.47
CA GLY C 293 51.26 47.31 -15.32
C GLY C 293 50.58 47.21 -13.96
N ASP C 294 49.63 48.12 -13.73
CA ASP C 294 48.94 48.18 -12.45
C ASP C 294 48.26 46.86 -12.11
N GLU C 295 47.61 46.23 -13.09
CA GLU C 295 46.87 45.00 -12.80
C GLU C 295 47.80 43.88 -12.35
N GLN C 296 48.94 43.71 -13.03
CA GLN C 296 49.81 42.60 -12.65
C GLN C 296 50.50 42.86 -11.32
N LEU C 297 50.83 44.13 -11.01
CA LEU C 297 51.37 44.43 -9.69
C LEU C 297 50.35 44.11 -8.60
N PHE C 298 49.08 44.51 -8.81
CA PHE C 298 48.06 44.22 -7.81
C PHE C 298 47.88 42.72 -7.59
N GLN C 299 47.69 41.96 -8.67
CA GLN C 299 47.41 40.53 -8.54
C GLN C 299 48.57 39.79 -7.89
N THR C 300 49.80 40.12 -8.30
CA THR C 300 50.96 39.43 -7.75
C THR C 300 51.17 39.77 -6.28
N SER C 301 50.98 41.05 -5.93
CA SER C 301 51.04 41.46 -4.53
C SER C 301 50.02 40.69 -3.70
N ARG C 302 48.79 40.58 -4.20
CA ARG C 302 47.76 39.84 -3.47
C ARG C 302 48.18 38.40 -3.26
N LEU C 303 48.75 37.76 -4.28
CA LEU C 303 49.22 36.38 -4.11
C LEU C 303 50.33 36.32 -3.07
N ILE C 304 51.18 37.34 -3.01
CA ILE C 304 52.25 37.34 -2.03
C ILE C 304 51.72 37.49 -0.62
N LEU C 305 50.76 38.39 -0.40
CA LEU C 305 50.20 38.56 0.93
C LEU C 305 49.44 37.33 1.40
N ILE C 306 48.77 36.62 0.48
CA ILE C 306 48.19 35.33 0.82
C ILE C 306 49.27 34.40 1.35
N GLY C 307 50.42 34.35 0.66
CA GLY C 307 51.51 33.52 1.13
C GLY C 307 52.04 33.96 2.48
N GLU C 308 52.21 35.27 2.66
CA GLU C 308 52.63 35.79 3.96
C GLU C 308 51.65 35.38 5.05
N THR C 309 50.35 35.55 4.77
CA THR C 309 49.32 35.20 5.75
C THR C 309 49.44 33.76 6.19
N ILE C 310 49.54 32.82 5.24
CA ILE C 310 49.61 31.40 5.58
C ILE C 310 50.89 31.12 6.36
N LYS C 311 52.01 31.71 5.92
CA LYS C 311 53.29 31.58 6.61
C LYS C 311 53.20 32.02 8.06
N ILE C 312 52.68 33.22 8.30
CA ILE C 312 52.60 33.75 9.65
C ILE C 312 51.67 32.90 10.51
N VAL C 313 50.53 32.50 9.95
CA VAL C 313 49.57 31.71 10.71
C VAL C 313 50.19 30.40 11.19
N ILE C 314 50.99 29.74 10.34
CA ILE C 314 51.56 28.46 10.74
C ILE C 314 52.73 28.64 11.70
N GLU C 315 53.71 29.49 11.34
CA GLU C 315 54.97 29.50 12.08
C GLU C 315 54.99 30.47 13.26
N ASP C 316 54.07 31.42 13.33
CA ASP C 316 53.98 32.30 14.49
C ASP C 316 52.72 32.05 15.30
N TYR C 317 51.57 32.01 14.64
CA TYR C 317 50.26 32.00 15.29
C TYR C 317 49.93 30.62 15.85
N VAL C 318 49.89 29.60 14.98
CA VAL C 318 49.68 28.24 15.46
C VAL C 318 50.85 27.80 16.34
N GLN C 319 52.07 28.19 15.97
CA GLN C 319 53.23 27.87 16.80
C GLN C 319 53.00 28.35 18.22
N HIS C 320 52.54 29.58 18.37
CA HIS C 320 52.27 30.11 19.71
C HIS C 320 51.15 29.32 20.39
N LEU C 321 50.04 29.12 19.70
CA LEU C 321 48.92 28.39 20.28
C LEU C 321 49.35 27.02 20.79
N SER C 322 50.19 26.34 20.01
CA SER C 322 50.53 24.95 20.31
C SER C 322 51.38 24.85 21.57
N GLY C 323 52.25 25.81 21.81
CA GLY C 323 53.22 25.69 22.86
C GLY C 323 54.23 24.58 22.64
N TYR C 324 54.34 24.07 21.45
CA TYR C 324 55.26 23.02 21.20
C TYR C 324 56.68 23.53 21.13
N HIS C 325 57.63 22.67 21.46
CA HIS C 325 59.04 23.00 21.27
C HIS C 325 59.48 22.75 19.83
N PHE C 326 58.81 21.83 19.15
CA PHE C 326 59.03 21.63 17.72
C PHE C 326 58.57 22.86 16.95
N LYS C 327 59.37 23.27 15.97
CA LYS C 327 59.09 24.47 15.18
C LYS C 327 58.30 24.07 13.95
N LEU C 328 57.00 24.37 13.96
CA LEU C 328 56.13 24.18 12.81
C LEU C 328 56.68 24.92 11.60
N LYS C 329 56.29 24.52 10.39
CA LYS C 329 56.92 25.02 9.17
C LYS C 329 55.89 25.13 8.08
N PHE C 330 55.86 26.27 7.40
CA PHE C 330 55.06 26.44 6.18
C PHE C 330 55.93 26.03 5.01
N ASP C 331 55.65 24.85 4.45
CA ASP C 331 56.42 24.33 3.32
C ASP C 331 55.48 23.52 2.43
N PRO C 332 54.85 24.16 1.45
CA PRO C 332 53.99 23.42 0.52
C PRO C 332 54.63 22.20 -0.13
N GLU C 333 55.94 22.20 -0.34
CA GLU C 333 56.60 21.05 -0.96
C GLU C 333 56.46 19.77 -0.15
N LEU C 334 56.21 19.88 1.17
CA LEU C 334 56.04 18.70 2.00
C LEU C 334 54.86 17.84 1.54
N LEU C 335 53.91 18.40 0.81
CA LEU C 335 52.74 17.68 0.34
C LEU C 335 52.85 17.20 -1.12
N PHE C 336 53.96 17.48 -1.82
CA PHE C 336 54.01 17.21 -3.25
C PHE C 336 54.07 15.72 -3.57
N ASN C 337 54.57 14.88 -2.66
CA ASN C 337 54.56 13.44 -2.85
C ASN C 337 53.48 12.77 -2.02
N GLN C 338 52.46 13.52 -1.63
CA GLN C 338 51.41 13.05 -0.74
C GLN C 338 50.05 13.21 -1.41
N GLN C 339 49.12 12.35 -1.03
CA GLN C 339 47.73 12.55 -1.40
C GLN C 339 47.17 13.71 -0.60
N PHE C 340 46.66 14.72 -1.30
CA PHE C 340 46.13 15.91 -0.65
C PHE C 340 45.26 16.64 -1.65
N GLN C 341 44.11 17.12 -1.18
CA GLN C 341 43.16 17.85 -2.02
C GLN C 341 43.38 19.34 -1.82
N TYR C 342 43.74 20.04 -2.89
CA TYR C 342 43.95 21.48 -2.82
C TYR C 342 42.61 22.19 -2.99
N GLN C 343 41.80 22.10 -1.93
CA GLN C 343 40.50 22.76 -1.89
C GLN C 343 40.07 22.83 -0.43
N ASN C 344 39.08 23.69 -0.17
CA ASN C 344 38.57 23.80 1.18
C ASN C 344 37.15 24.33 1.15
N ARG C 345 36.32 23.83 2.06
CA ARG C 345 34.98 24.33 2.31
C ARG C 345 34.88 24.58 3.81
N ILE C 346 34.50 25.80 4.19
CA ILE C 346 34.54 26.19 5.60
C ILE C 346 33.40 25.51 6.35
N ALA C 347 33.74 24.80 7.42
CA ALA C 347 32.76 24.06 8.20
C ALA C 347 32.13 24.95 9.27
N SER C 348 30.82 24.74 9.47
CA SER C 348 30.08 25.39 10.55
C SER C 348 30.76 25.18 11.89
N GLU C 349 31.10 23.92 12.20
CA GLU C 349 31.67 23.61 13.50
C GLU C 349 33.02 24.30 13.71
N PHE C 350 33.76 24.54 12.62
CA PHE C 350 35.00 25.31 12.71
C PHE C 350 34.71 26.74 13.13
N ASN C 351 33.69 27.36 12.54
CA ASN C 351 33.22 28.66 12.99
C ASN C 351 32.86 28.63 14.47
N THR C 352 32.09 27.62 14.89
CA THR C 352 31.62 27.56 16.26
C THR C 352 32.77 27.49 17.25
N LEU C 353 33.74 26.65 16.93
CA LEU C 353 34.92 26.42 17.69
C LEU C 353 35.78 27.63 17.88
N TYR C 354 35.85 28.42 16.85
CA TYR C 354 36.71 29.60 16.78
C TYR C 354 36.08 30.80 17.49
N HIS C 355 34.98 30.59 18.21
CA HIS C 355 34.37 31.64 19.02
C HIS C 355 35.19 31.78 20.30
N TRP C 356 36.30 32.49 20.17
CA TRP C 356 37.31 32.66 21.21
C TRP C 356 37.14 33.95 21.99
N HIS C 357 35.91 34.35 22.29
CA HIS C 357 35.68 35.62 22.97
C HIS C 357 36.22 35.70 24.39
N PRO C 358 36.42 34.60 25.12
CA PRO C 358 37.14 34.72 26.40
C PRO C 358 38.51 35.37 26.28
N LEU C 359 39.10 35.40 25.07
CA LEU C 359 40.34 36.13 24.85
C LEU C 359 40.23 37.58 25.26
N LEU C 360 39.05 38.18 25.11
CA LEU C 360 38.89 39.62 25.25
C LEU C 360 39.06 40.05 26.71
N PRO C 361 39.75 41.17 26.94
CA PRO C 361 39.89 41.69 28.30
C PRO C 361 38.64 42.45 28.70
N ASP C 362 38.61 42.90 29.95
CA ASP C 362 37.50 43.72 30.41
C ASP C 362 37.64 45.15 29.93
N THR C 363 38.87 45.63 29.79
CA THR C 363 39.16 46.93 29.22
C THR C 363 40.36 46.78 28.30
N PHE C 364 40.43 47.65 27.30
CA PHE C 364 41.51 47.65 26.33
C PHE C 364 42.49 48.75 26.73
N ASN C 365 43.73 48.36 27.02
CA ASN C 365 44.73 49.25 27.63
C ASN C 365 45.66 49.74 26.53
N ILE C 366 45.47 50.97 26.07
CA ILE C 366 46.35 51.57 25.07
C ILE C 366 47.08 52.73 25.70
N GLU C 367 48.41 52.64 25.72
CA GLU C 367 49.27 53.62 26.40
C GLU C 367 48.85 53.67 27.87
N ASP C 368 48.33 54.81 28.32
CA ASP C 368 47.91 54.97 29.70
C ASP C 368 46.41 54.92 29.89
N GLN C 369 45.65 54.78 28.81
CA GLN C 369 44.19 54.74 28.87
C GLN C 369 43.69 53.30 29.00
N GLU C 370 42.50 53.15 29.58
CA GLU C 370 41.84 51.85 29.67
C GLU C 370 40.40 52.01 29.18
N TYR C 371 40.18 51.68 27.90
CA TYR C 371 38.88 51.86 27.28
C TYR C 371 37.95 50.69 27.60
N SER C 372 36.73 51.00 28.02
CA SER C 372 35.69 49.99 28.13
C SER C 372 35.23 49.58 26.73
N PHE C 373 34.44 48.51 26.70
CA PHE C 373 33.86 48.06 25.43
C PHE C 373 33.06 49.17 24.77
N LYS C 374 32.21 49.86 25.54
CA LYS C 374 31.38 50.92 24.97
C LYS C 374 32.24 52.01 24.32
N GLN C 375 33.35 52.39 24.98
CA GLN C 375 34.22 53.41 24.42
C GLN C 375 35.05 52.88 23.25
N PHE C 376 35.29 51.58 23.21
CA PHE C 376 36.20 50.97 22.25
C PHE C 376 35.49 50.62 20.93
N LEU C 377 34.26 50.13 20.99
CA LEU C 377 33.56 49.66 19.80
C LEU C 377 33.26 50.81 18.85
N TYR C 378 33.53 50.57 17.56
CA TYR C 378 33.22 51.52 16.49
C TYR C 378 33.86 52.89 16.73
N ASN C 379 35.08 52.89 17.27
CA ASN C 379 35.74 54.14 17.65
C ASN C 379 37.14 54.18 17.06
N ASN C 380 37.22 54.57 15.79
CA ASN C 380 38.50 54.71 15.12
C ASN C 380 39.28 55.94 15.56
N SER C 381 38.65 56.89 16.26
CA SER C 381 39.43 58.03 16.75
C SER C 381 40.50 57.57 17.71
N ILE C 382 40.27 56.45 18.41
CA ILE C 382 41.30 55.89 19.28
C ILE C 382 42.54 55.50 18.48
N LEU C 383 42.34 54.88 17.32
CA LEU C 383 43.47 54.49 16.48
C LEU C 383 44.25 55.71 16.00
N LEU C 384 43.54 56.77 15.59
CA LEU C 384 44.22 57.98 15.15
C LEU C 384 44.93 58.68 16.31
N GLU C 385 44.33 58.68 17.51
CA GLU C 385 44.94 59.42 18.60
C GLU C 385 46.27 58.79 19.03
N HIS C 386 46.29 57.48 19.17
CA HIS C 386 47.49 56.81 19.64
C HIS C 386 48.45 56.42 18.52
N GLY C 387 47.93 56.07 17.35
CA GLY C 387 48.76 55.63 16.25
C GLY C 387 49.07 54.14 16.31
N LEU C 388 49.62 53.63 15.21
CA LEU C 388 49.83 52.19 15.10
C LEU C 388 50.94 51.71 16.02
N THR C 389 52.02 52.50 16.13
CA THR C 389 53.14 52.11 16.97
C THR C 389 52.69 51.88 18.41
N GLN C 390 51.95 52.85 18.98
CA GLN C 390 51.51 52.70 20.36
C GLN C 390 50.49 51.56 20.47
N PHE C 391 49.63 51.40 19.46
CA PHE C 391 48.71 50.26 19.44
C PHE C 391 49.47 48.94 19.51
N VAL C 392 50.50 48.80 18.67
CA VAL C 392 51.28 47.57 18.67
C VAL C 392 51.99 47.39 20.01
N GLU C 393 52.63 48.46 20.50
CA GLU C 393 53.31 48.35 21.79
C GLU C 393 52.34 48.03 22.91
N SER C 394 51.16 48.65 22.91
CA SER C 394 50.19 48.37 23.97
C SER C 394 49.61 46.97 23.82
N PHE C 395 49.26 46.57 22.60
CA PHE C 395 48.63 45.26 22.42
C PHE C 395 49.60 44.13 22.67
N THR C 396 50.91 44.37 22.46
CA THR C 396 51.89 43.34 22.77
C THR C 396 51.99 43.11 24.28
N ARG C 397 51.76 44.14 25.08
CA ARG C 397 51.90 44.03 26.54
C ARG C 397 50.64 43.52 27.23
N GLN C 398 49.45 43.67 26.63
CA GLN C 398 48.23 43.34 27.36
C GLN C 398 47.86 41.87 27.18
N ILE C 399 47.66 41.18 28.30
CA ILE C 399 47.39 39.74 28.30
C ILE C 399 45.95 39.49 27.87
N ALA C 400 45.75 38.40 27.13
CA ALA C 400 44.42 37.96 26.72
C ALA C 400 43.91 36.91 27.70
N GLY C 401 42.60 36.68 27.67
CA GLY C 401 41.98 35.74 28.58
C GLY C 401 42.09 34.30 28.11
N ARG C 402 42.04 33.40 29.09
CA ARG C 402 42.03 31.98 28.81
C ARG C 402 40.69 31.58 28.22
N VAL C 403 40.71 30.68 27.23
CA VAL C 403 39.47 30.33 26.52
C VAL C 403 38.80 29.11 27.15
N ALA C 404 39.55 28.03 27.34
CA ALA C 404 39.00 26.89 28.06
C ALA C 404 39.02 27.20 29.56
N GLY C 405 38.56 26.23 30.36
CA GLY C 405 38.61 26.36 31.80
C GLY C 405 37.39 26.97 32.44
N GLY C 406 36.46 27.50 31.66
CA GLY C 406 35.17 27.90 32.20
C GLY C 406 35.12 29.34 32.64
N ARG C 407 33.92 29.91 32.60
CA ARG C 407 33.58 31.17 33.26
C ARG C 407 34.53 32.30 32.89
N ASN C 408 34.77 32.49 31.59
CA ASN C 408 35.66 33.57 31.19
C ASN C 408 35.16 34.33 29.96
N VAL C 409 33.87 34.21 29.63
CA VAL C 409 33.29 35.00 28.56
C VAL C 409 33.00 36.40 29.11
N PRO C 410 33.57 37.46 28.55
CA PRO C 410 33.30 38.80 29.09
C PRO C 410 31.83 39.14 28.91
N ILE C 411 31.25 39.75 29.95
CA ILE C 411 29.83 40.01 30.00
C ILE C 411 29.38 41.00 28.94
N ALA C 412 30.31 41.83 28.43
CA ALA C 412 29.97 42.76 27.36
C ALA C 412 29.44 42.05 26.12
N VAL C 413 29.86 40.82 25.87
CA VAL C 413 29.45 40.10 24.67
C VAL C 413 28.63 38.87 25.04
N GLN C 414 27.89 38.94 26.15
CA GLN C 414 27.12 37.78 26.57
C GLN C 414 26.04 37.42 25.56
N ALA C 415 25.51 38.40 24.82
CA ALA C 415 24.53 38.10 23.79
C ALA C 415 25.15 37.26 22.67
N VAL C 416 26.44 37.46 22.39
CA VAL C 416 27.09 36.65 21.36
C VAL C 416 27.25 35.22 21.84
N ALA C 417 27.65 35.03 23.10
CA ALA C 417 27.80 33.69 23.64
C ALA C 417 26.45 32.96 23.69
N LYS C 418 25.39 33.68 24.05
CA LYS C 418 24.07 33.06 24.05
C LYS C 418 23.62 32.70 22.64
N ALA C 419 23.96 33.54 21.66
CA ALA C 419 23.60 33.25 20.28
C ALA C 419 24.36 32.04 19.75
N SER C 420 25.62 31.89 20.14
CA SER C 420 26.35 30.68 19.78
C SER C 420 25.64 29.43 20.26
N ILE C 421 25.11 29.46 21.46
CA ILE C 421 24.34 28.32 21.97
C ILE C 421 23.07 28.14 21.14
N ASP C 422 22.27 29.17 21.04
CA ASP C 422 21.01 29.09 20.36
C ASP C 422 21.07 28.74 18.88
N GLN C 423 22.08 29.23 18.22
CA GLN C 423 22.17 28.96 16.80
C GLN C 423 22.85 27.62 16.49
N SER C 424 23.72 27.13 17.38
CA SER C 424 24.14 25.74 17.30
C SER C 424 22.94 24.81 17.37
N ARG C 425 21.98 25.14 18.23
CA ARG C 425 20.77 24.34 18.36
C ARG C 425 19.88 24.47 17.13
N GLU C 426 19.75 25.69 16.62
CA GLU C 426 18.98 25.89 15.39
C GLU C 426 19.55 25.08 14.24
N MET C 427 20.88 25.03 14.15
CA MET C 427 21.54 24.26 13.10
C MET C 427 21.58 22.77 13.42
N LYS C 428 20.93 22.35 14.50
CA LYS C 428 20.79 20.93 14.85
C LYS C 428 22.15 20.25 14.99
N TYR C 429 23.06 20.89 15.73
CA TYR C 429 24.33 20.26 16.03
C TYR C 429 24.12 18.98 16.79
N GLN C 430 24.90 17.96 16.46
CA GLN C 430 24.96 16.78 17.31
C GLN C 430 25.68 17.11 18.62
N SER C 431 25.70 16.15 19.53
CA SER C 431 26.22 16.38 20.87
C SER C 431 27.75 16.48 20.87
N LEU C 432 28.27 16.99 21.99
CA LEU C 432 29.72 17.05 22.21
C LEU C 432 30.37 15.70 21.97
N ASN C 433 29.84 14.64 22.58
CA ASN C 433 30.49 13.34 22.49
C ASN C 433 30.41 12.77 21.08
N GLU C 434 29.37 13.09 20.32
CA GLU C 434 29.34 12.71 18.92
C GLU C 434 30.47 13.37 18.15
N TYR C 435 30.71 14.66 18.41
CA TYR C 435 31.81 15.33 17.75
C TYR C 435 33.16 14.79 18.23
N ARG C 436 33.27 14.45 19.52
CA ARG C 436 34.49 13.81 19.99
C ARG C 436 34.74 12.50 19.26
N LYS C 437 33.72 11.63 19.19
CA LYS C 437 33.87 10.38 18.45
C LYS C 437 34.22 10.65 16.99
N ARG C 438 33.61 11.67 16.38
CA ARG C 438 33.86 11.97 14.98
C ARG C 438 35.32 12.33 14.72
N PHE C 439 36.03 12.82 15.72
CA PHE C 439 37.44 13.18 15.57
C PHE C 439 38.36 12.27 16.39
N SER C 440 37.94 11.01 16.58
CA SER C 440 38.77 9.94 17.15
C SER C 440 39.12 10.17 18.62
N LEU C 441 38.24 10.84 19.35
CA LEU C 441 38.44 11.09 20.78
C LEU C 441 37.48 10.23 21.60
N LYS C 442 37.91 9.90 22.82
CA LYS C 442 37.04 9.13 23.71
C LYS C 442 35.89 10.00 24.18
N PRO C 443 34.65 9.51 24.13
CA PRO C 443 33.55 10.22 24.77
C PRO C 443 33.86 10.47 26.24
N TYR C 444 33.53 11.66 26.72
CA TYR C 444 33.58 11.92 28.15
C TYR C 444 32.49 11.11 28.84
N THR C 445 32.83 10.54 29.99
CA THR C 445 31.92 9.68 30.74
C THR C 445 31.24 10.40 31.90
N SER C 446 31.56 11.66 32.14
CA SER C 446 30.94 12.44 33.20
C SER C 446 31.22 13.91 32.95
N PHE C 447 30.46 14.76 33.62
CA PHE C 447 30.74 16.20 33.53
C PHE C 447 32.03 16.56 34.23
N GLU C 448 32.39 15.84 35.30
CA GLU C 448 33.63 16.13 36.00
C GLU C 448 34.86 15.80 35.17
N GLU C 449 34.80 14.74 34.37
CA GLU C 449 35.91 14.45 33.46
C GLU C 449 36.07 15.55 32.43
N LEU C 450 34.95 16.12 31.99
CA LEU C 450 34.98 17.21 31.01
C LEU C 450 35.66 18.44 31.56
N THR C 451 35.24 18.87 32.75
CA THR C 451 35.74 20.11 33.35
C THR C 451 37.02 19.92 34.15
N GLY C 452 37.24 18.72 34.69
CA GLY C 452 38.36 18.50 35.58
C GLY C 452 38.19 19.11 36.96
N GLU C 453 37.01 19.64 37.26
CA GLU C 453 36.69 20.17 38.58
C GLU C 453 35.28 19.71 38.94
N LYS C 454 34.73 20.26 40.02
CA LYS C 454 33.47 19.77 40.58
C LYS C 454 32.32 20.76 40.48
N GLU C 455 32.59 22.06 40.61
CA GLU C 455 31.51 23.02 40.77
C GLU C 455 30.76 23.25 39.45
N MET C 456 31.47 23.61 38.39
CA MET C 456 30.86 23.73 37.07
C MET C 456 30.28 22.39 36.61
N ALA C 457 31.01 21.30 36.83
CA ALA C 457 30.51 19.99 36.46
C ALA C 457 29.14 19.72 37.07
N ALA C 458 28.98 20.06 38.36
CA ALA C 458 27.70 19.83 39.03
C ALA C 458 26.60 20.76 38.49
N GLU C 459 26.97 21.98 38.19
CA GLU C 459 26.04 22.89 37.57
C GLU C 459 25.58 22.34 36.23
N LEU C 460 26.50 21.86 35.45
CA LEU C 460 26.17 21.28 34.16
C LEU C 460 25.40 19.97 34.30
N LYS C 461 25.69 19.18 35.33
CA LYS C 461 24.97 17.93 35.50
C LYS C 461 23.51 18.17 35.87
N ALA C 462 23.23 19.20 36.67
CA ALA C 462 21.86 19.53 36.99
C ALA C 462 21.10 20.03 35.76
N LEU C 463 21.80 20.67 34.82
CA LEU C 463 21.16 21.22 33.64
C LEU C 463 20.95 20.17 32.55
N TYR C 464 21.95 19.30 32.34
CA TYR C 464 21.94 18.36 31.23
C TYR C 464 21.62 16.92 31.61
N SER C 465 21.74 16.54 32.89
CA SER C 465 21.56 15.17 33.36
C SER C 465 22.57 14.19 32.76
N ASP C 466 22.57 14.07 31.44
CA ASP C 466 23.38 13.08 30.73
C ASP C 466 24.55 13.77 30.03
N ILE C 467 25.75 13.24 30.23
CA ILE C 467 26.95 13.76 29.57
C ILE C 467 26.83 13.63 28.05
N ASP C 468 26.15 12.58 27.57
CA ASP C 468 25.99 12.39 26.14
C ASP C 468 25.02 13.40 25.52
N VAL C 469 24.45 14.28 26.34
CA VAL C 469 23.59 15.37 25.88
C VAL C 469 24.30 16.72 25.95
N MET C 470 25.48 16.78 26.57
CA MET C 470 26.26 18.01 26.60
C MET C 470 26.51 18.54 25.18
N GLU C 471 26.45 19.86 25.03
CA GLU C 471 26.60 20.50 23.74
C GLU C 471 28.05 20.89 23.48
N LEU C 472 28.39 20.97 22.20
CA LEU C 472 29.78 21.19 21.79
C LEU C 472 30.26 22.57 22.21
N TYR C 473 29.48 23.60 21.92
CA TYR C 473 29.96 24.97 22.15
C TYR C 473 30.23 25.26 23.62
N PRO C 474 29.27 25.09 24.55
CA PRO C 474 29.61 25.33 25.96
C PRO C 474 30.74 24.45 26.47
N ALA C 475 30.82 23.22 25.95
CA ALA C 475 31.83 22.27 26.42
C ALA C 475 33.24 22.77 26.10
N LEU C 476 33.44 23.41 24.94
CA LEU C 476 34.77 23.90 24.59
C LEU C 476 35.23 24.96 25.60
N LEU C 477 34.32 25.79 26.07
CA LEU C 477 34.66 26.92 26.93
C LEU C 477 34.70 26.56 28.42
N VAL C 478 34.15 25.41 28.82
CA VAL C 478 34.30 24.93 30.19
C VAL C 478 35.28 23.77 30.29
N GLU C 479 35.80 23.27 29.17
CA GLU C 479 36.64 22.09 29.18
C GLU C 479 37.89 22.30 30.01
N LYS C 480 38.32 21.24 30.67
CA LYS C 480 39.62 21.22 31.34
C LYS C 480 40.73 21.53 30.35
N PRO C 481 41.51 22.59 30.57
CA PRO C 481 42.62 22.88 29.67
C PRO C 481 43.73 21.85 29.83
N ARG C 482 44.55 21.75 28.79
CA ARG C 482 45.83 21.09 28.94
C ARG C 482 46.66 21.82 30.00
N PRO C 483 47.68 21.15 30.59
CA PRO C 483 48.44 21.79 31.67
C PRO C 483 48.97 23.17 31.30
N ASP C 484 48.48 24.21 31.99
CA ASP C 484 48.85 25.60 31.73
C ASP C 484 48.57 26.00 30.28
N ALA C 485 47.55 25.44 29.65
CA ALA C 485 47.28 25.75 28.26
C ALA C 485 45.98 26.54 28.11
N ILE C 486 45.82 27.13 26.93
CA ILE C 486 44.68 27.99 26.66
C ILE C 486 43.46 27.17 26.29
N PHE C 487 43.66 25.95 25.76
CA PHE C 487 42.59 25.11 25.24
C PHE C 487 42.57 23.75 25.90
N GLY C 488 41.41 23.10 25.82
CA GLY C 488 41.29 21.70 26.13
C GLY C 488 41.49 20.82 24.90
N GLU C 489 41.33 19.51 25.11
CA GLU C 489 41.59 18.55 24.04
C GLU C 489 40.62 18.71 22.88
N THR C 490 39.34 18.91 23.16
CA THR C 490 38.34 18.95 22.09
C THR C 490 38.61 20.11 21.13
N MET C 491 38.92 21.29 21.66
CA MET C 491 39.24 22.44 20.81
C MET C 491 40.40 22.13 19.87
N VAL C 492 41.50 21.60 20.41
CA VAL C 492 42.68 21.34 19.59
C VAL C 492 42.40 20.27 18.55
N GLU C 493 41.84 19.13 18.98
CA GLU C 493 41.73 17.99 18.08
C GLU C 493 40.67 18.20 17.00
N LEU C 494 39.61 18.96 17.30
CA LEU C 494 38.62 19.24 16.27
C LEU C 494 39.06 20.40 15.37
N GLY C 495 39.68 21.43 15.96
CA GLY C 495 40.00 22.61 15.19
C GLY C 495 41.25 22.49 14.35
N ALA C 496 42.25 21.74 14.83
CA ALA C 496 43.51 21.65 14.08
C ALA C 496 43.32 21.08 12.67
N PRO C 497 42.55 20.00 12.45
CA PRO C 497 42.38 19.54 11.06
C PRO C 497 41.75 20.58 10.15
N PHE C 498 40.67 21.25 10.57
CA PHE C 498 40.11 22.32 9.74
C PHE C 498 41.15 23.41 9.48
N SER C 499 41.90 23.78 10.52
CA SER C 499 42.84 24.89 10.41
C SER C 499 43.88 24.60 9.32
N LEU C 500 44.53 23.45 9.39
CA LEU C 500 45.57 23.14 8.42
C LEU C 500 45.00 22.89 7.03
N LYS C 501 43.78 22.35 6.95
CA LYS C 501 43.13 22.17 5.66
C LYS C 501 42.89 23.51 4.98
N GLY C 502 42.42 24.49 5.76
CA GLY C 502 42.18 25.82 5.20
C GLY C 502 43.44 26.56 4.80
N LEU C 503 44.58 26.22 5.40
CA LEU C 503 45.83 26.88 5.05
C LEU C 503 46.55 26.18 3.90
N MET C 504 46.79 24.88 4.04
CA MET C 504 47.48 24.15 2.99
C MET C 504 46.59 23.86 1.79
N GLY C 505 45.26 23.89 1.96
CA GLY C 505 44.36 23.65 0.84
C GLY C 505 44.32 24.76 -0.18
N ASN C 506 44.94 25.89 0.10
CA ASN C 506 44.93 27.05 -0.79
C ASN C 506 45.64 26.70 -2.11
N PRO C 507 45.16 27.20 -3.25
CA PRO C 507 45.80 26.84 -4.53
C PRO C 507 47.25 27.29 -4.63
N ILE C 508 47.66 28.36 -3.94
CA ILE C 508 49.05 28.78 -4.04
C ILE C 508 50.00 27.78 -3.41
N CYS C 509 49.49 26.83 -2.63
CA CYS C 509 50.33 25.75 -2.13
C CYS C 509 50.43 24.59 -3.12
N SER C 510 49.63 24.60 -4.18
CA SER C 510 49.70 23.52 -5.15
C SER C 510 50.96 23.64 -5.98
N PRO C 511 51.43 22.52 -6.54
CA PRO C 511 52.71 22.54 -7.28
C PRO C 511 52.78 23.54 -8.43
N GLN C 512 51.71 23.76 -9.19
CA GLN C 512 51.86 24.67 -10.32
C GLN C 512 51.92 26.12 -9.89
N TYR C 513 51.45 26.44 -8.68
CA TYR C 513 51.56 27.79 -8.14
C TYR C 513 52.82 27.99 -7.31
N TRP C 514 53.28 26.96 -6.60
CA TRP C 514 54.34 27.16 -5.62
C TRP C 514 55.70 27.15 -6.33
N LYS C 515 55.96 28.25 -7.01
CA LYS C 515 57.22 28.46 -7.73
C LYS C 515 57.44 29.95 -7.86
N PRO C 516 58.70 30.39 -8.02
CA PRO C 516 58.99 31.83 -7.93
C PRO C 516 58.21 32.71 -8.90
N SER C 517 57.96 32.25 -10.12
CA SER C 517 57.36 33.15 -11.11
C SER C 517 55.90 33.48 -10.78
N THR C 518 55.21 32.62 -10.02
CA THR C 518 53.88 32.97 -9.54
C THR C 518 53.90 34.28 -8.77
N PHE C 519 55.00 34.57 -8.09
CA PHE C 519 55.11 35.68 -7.17
C PHE C 519 56.04 36.77 -7.70
N GLY C 520 56.27 36.80 -9.01
CA GLY C 520 57.11 37.82 -9.61
C GLY C 520 58.59 37.54 -9.55
N GLY C 521 58.98 36.31 -9.25
CA GLY C 521 60.38 35.96 -9.18
C GLY C 521 60.83 35.68 -7.76
N GLU C 522 62.15 35.45 -7.61
CA GLU C 522 62.71 35.06 -6.32
C GLU C 522 62.53 36.14 -5.26
N VAL C 523 62.50 37.42 -5.65
CA VAL C 523 62.33 38.48 -4.67
C VAL C 523 60.95 38.41 -4.05
N GLY C 524 59.92 38.22 -4.86
CA GLY C 524 58.57 38.08 -4.32
C GLY C 524 58.40 36.78 -3.54
N PHE C 525 58.95 35.68 -4.07
CA PHE C 525 58.92 34.40 -3.37
C PHE C 525 59.55 34.52 -1.99
N LYS C 526 60.64 35.29 -1.87
CA LYS C 526 61.32 35.40 -0.60
C LYS C 526 60.48 36.16 0.43
N ILE C 527 59.62 37.08 -0.02
CA ILE C 527 58.75 37.79 0.90
C ILE C 527 57.83 36.83 1.64
N ILE C 528 57.27 35.84 0.93
CA ILE C 528 56.46 34.82 1.58
C ILE C 528 57.31 34.03 2.57
N ASN C 529 58.45 33.52 2.10
CA ASN C 529 59.20 32.53 2.86
C ASN C 529 60.00 33.13 4.01
N THR C 530 60.02 34.46 4.16
CA THR C 530 60.64 35.09 5.33
C THR C 530 59.63 35.86 6.17
N ALA C 531 58.34 35.79 5.86
CA ALA C 531 57.36 36.55 6.60
C ALA C 531 57.28 36.07 8.05
N SER C 532 56.86 36.99 8.92
CA SER C 532 56.66 36.73 10.34
C SER C 532 55.79 37.85 10.85
N ILE C 533 55.15 37.61 12.00
CA ILE C 533 54.40 38.71 12.60
C ILE C 533 55.33 39.86 12.92
N GLN C 534 56.58 39.58 13.32
CA GLN C 534 57.50 40.67 13.65
C GLN C 534 57.85 41.50 12.42
N SER C 535 58.15 40.88 11.28
CA SER C 535 58.53 41.69 10.13
C SER C 535 57.31 42.38 9.51
N LEU C 536 56.13 41.78 9.59
CA LEU C 536 54.91 42.45 9.14
C LEU C 536 54.74 43.79 9.84
N ILE C 537 54.96 43.82 11.16
CA ILE C 537 54.89 45.07 11.91
C ILE C 537 56.11 45.93 11.61
N CYS C 538 57.28 45.30 11.50
CA CYS C 538 58.53 46.06 11.39
C CYS C 538 58.57 46.87 10.10
N ASN C 539 58.10 46.29 8.99
CA ASN C 539 58.13 46.98 7.71
C ASN C 539 57.04 48.04 7.58
N ASN C 540 55.96 47.94 8.36
CA ASN C 540 54.79 48.78 8.12
C ASN C 540 54.37 49.65 9.28
N VAL C 541 55.02 49.53 10.43
CA VAL C 541 54.69 50.33 11.61
C VAL C 541 55.91 51.15 11.97
N LYS C 542 55.71 52.47 12.08
CA LYS C 542 56.81 53.39 12.34
C LYS C 542 57.59 52.99 13.57
N GLY C 543 58.91 53.02 13.46
CA GLY C 543 59.79 52.66 14.55
C GLY C 543 60.11 51.19 14.65
N CYS C 544 59.47 50.34 13.85
CA CYS C 544 59.65 48.89 13.91
C CYS C 544 59.56 48.41 15.36
N PRO C 545 58.43 48.61 16.03
CA PRO C 545 58.33 48.22 17.43
C PRO C 545 58.35 46.71 17.57
N PHE C 546 58.94 46.26 18.67
CA PHE C 546 58.90 44.84 18.97
C PHE C 546 57.45 44.39 19.08
N THR C 547 57.18 43.20 18.55
CA THR C 547 55.89 42.57 18.79
C THR C 547 56.08 41.06 18.83
N SER C 548 55.01 40.40 19.24
CA SER C 548 54.92 38.95 19.26
C SER C 548 53.51 38.60 19.68
N PHE C 549 53.18 37.32 19.71
CA PHE C 549 51.85 36.90 20.11
C PHE C 549 51.74 36.57 21.59
N ASN C 550 52.85 36.65 22.33
CA ASN C 550 52.80 36.43 23.76
C ASN C 550 53.35 37.65 24.50
N VAL C 551 52.87 37.84 25.72
CA VAL C 551 53.38 38.94 26.55
C VAL C 551 54.82 38.63 26.93
N GLN C 552 55.62 39.68 27.05
CA GLN C 552 57.08 39.56 27.12
C GLN C 552 57.58 38.59 26.07
N ALA D 1 55.96 43.90 -27.74
CA ALA D 1 57.13 44.39 -27.02
C ALA D 1 57.35 43.61 -25.72
N ASN D 2 56.34 42.85 -25.28
CA ASN D 2 56.53 41.94 -24.17
C ASN D 2 57.65 40.96 -24.50
N PRO D 3 58.69 40.85 -23.67
CA PRO D 3 59.81 39.95 -24.01
C PRO D 3 59.46 38.47 -24.00
N CYS D 4 58.28 38.08 -23.52
CA CYS D 4 57.83 36.70 -23.54
C CYS D 4 56.98 36.37 -24.77
N CYS D 5 56.86 37.30 -25.73
CA CYS D 5 55.95 37.10 -26.86
C CYS D 5 56.37 35.92 -27.74
N SER D 6 57.65 35.56 -27.78
CA SER D 6 58.09 34.47 -28.64
C SER D 6 57.91 33.10 -28.00
N ASN D 7 57.27 33.04 -26.82
CA ASN D 7 57.14 31.81 -26.04
C ASN D 7 58.50 31.10 -25.91
N PRO D 8 59.50 31.76 -25.33
CA PRO D 8 60.86 31.19 -25.35
C PRO D 8 61.05 30.00 -24.43
N CYS D 9 60.29 29.89 -23.35
CA CYS D 9 60.50 28.83 -22.38
C CYS D 9 59.88 27.53 -22.86
N GLN D 10 60.68 26.47 -22.91
CA GLN D 10 60.21 25.17 -23.35
C GLN D 10 59.89 24.28 -22.16
N ASN D 11 59.19 23.18 -22.45
CA ASN D 11 58.97 22.09 -21.51
C ASN D 11 58.18 22.53 -20.28
N ARG D 12 57.24 23.45 -20.50
CA ARG D 12 56.29 23.96 -19.51
C ARG D 12 56.94 24.85 -18.46
N GLY D 13 58.17 25.29 -18.70
CA GLY D 13 58.71 26.40 -17.93
C GLY D 13 57.91 27.67 -18.20
N GLU D 14 57.87 28.54 -17.20
CA GLU D 14 57.04 29.73 -17.25
C GLU D 14 57.90 30.96 -17.52
N CYS D 15 57.44 31.78 -18.45
CA CYS D 15 58.15 32.99 -18.84
C CYS D 15 57.66 34.17 -18.02
N MET D 16 58.60 34.95 -17.50
CA MET D 16 58.31 36.16 -16.76
C MET D 16 59.23 37.26 -17.26
N SER D 17 58.68 38.43 -17.50
CA SER D 17 59.54 39.56 -17.87
C SER D 17 60.38 39.98 -16.67
N THR D 18 61.64 40.32 -16.95
CA THR D 18 62.57 40.83 -15.94
C THR D 18 63.16 42.15 -16.45
N GLY D 19 62.28 43.09 -16.74
CA GLY D 19 62.64 44.33 -17.39
C GLY D 19 61.95 44.44 -18.74
N PHE D 20 62.22 45.55 -19.41
CA PHE D 20 61.50 45.85 -20.64
C PHE D 20 61.90 44.94 -21.79
N ASP D 21 63.16 44.51 -21.86
CA ASP D 21 63.63 43.74 -23.01
C ASP D 21 64.34 42.46 -22.57
N GLN D 22 64.01 41.94 -21.39
CA GLN D 22 64.61 40.71 -20.88
C GLN D 22 63.53 39.85 -20.25
N TYR D 23 63.78 38.54 -20.21
CA TYR D 23 62.86 37.59 -19.61
C TYR D 23 63.64 36.57 -18.80
N LYS D 24 62.90 35.80 -18.02
CA LYS D 24 63.43 34.70 -17.22
C LYS D 24 62.49 33.52 -17.34
N CYS D 25 63.04 32.32 -17.52
CA CYS D 25 62.24 31.11 -17.54
C CYS D 25 62.30 30.46 -16.16
N ASP D 26 61.13 30.19 -15.59
CA ASP D 26 61.04 29.44 -14.34
C ASP D 26 60.89 27.96 -14.70
N CYS D 27 61.98 27.22 -14.57
CA CYS D 27 62.03 25.81 -14.97
C CYS D 27 61.67 24.86 -13.83
N THR D 28 61.21 25.39 -12.70
CA THR D 28 60.89 24.59 -11.54
C THR D 28 60.07 23.36 -11.88
N ARG D 29 60.62 22.19 -11.55
CA ARG D 29 59.95 20.89 -11.66
C ARG D 29 59.58 20.54 -13.11
N THR D 30 60.19 21.17 -14.10
CA THR D 30 59.92 20.76 -15.47
C THR D 30 60.73 19.54 -15.88
N GLY D 31 61.75 19.17 -15.11
CA GLY D 31 62.73 18.19 -15.53
C GLY D 31 63.86 18.75 -16.36
N PHE D 32 63.84 20.05 -16.65
CA PHE D 32 64.84 20.71 -17.47
C PHE D 32 65.38 21.93 -16.76
N TYR D 33 66.56 22.37 -17.20
CA TYR D 33 67.13 23.63 -16.75
C TYR D 33 67.73 24.35 -17.95
N GLY D 34 68.38 25.48 -17.69
CA GLY D 34 68.91 26.33 -18.73
C GLY D 34 68.02 27.53 -18.99
N GLU D 35 68.55 28.46 -19.79
CA GLU D 35 67.90 29.74 -20.03
C GLU D 35 66.46 29.56 -20.49
N ASN D 36 66.21 28.58 -21.36
CA ASN D 36 64.89 28.33 -21.93
C ASN D 36 64.29 27.02 -21.44
N CYS D 37 64.85 26.43 -20.38
CA CYS D 37 64.44 25.11 -19.87
C CYS D 37 64.54 24.04 -20.96
N THR D 38 65.66 24.02 -21.68
CA THR D 38 65.85 23.03 -22.73
C THR D 38 66.96 22.02 -22.43
N THR D 39 67.73 22.21 -21.36
CA THR D 39 68.76 21.25 -21.00
C THR D 39 68.13 20.18 -20.11
N PRO D 40 68.01 18.94 -20.57
CA PRO D 40 67.34 17.93 -19.75
C PRO D 40 68.22 17.47 -18.59
N GLU D 41 67.58 17.24 -17.45
CA GLU D 41 68.25 16.54 -16.37
C GLU D 41 68.43 15.08 -16.75
N PHE D 42 69.26 14.38 -15.96
CA PHE D 42 69.66 13.02 -16.31
C PHE D 42 68.45 12.09 -16.39
N LEU D 43 67.65 12.06 -15.31
CA LEU D 43 66.45 11.23 -15.33
C LEU D 43 65.52 11.61 -16.47
N THR D 44 65.56 12.87 -16.91
CA THR D 44 64.71 13.30 -18.02
C THR D 44 65.20 12.73 -19.35
N ARG D 45 66.52 12.71 -19.56
CA ARG D 45 67.07 12.06 -20.76
C ARG D 45 66.60 10.61 -20.84
N ILE D 46 66.61 9.90 -19.71
CA ILE D 46 66.25 8.48 -19.69
C ILE D 46 64.80 8.30 -20.12
N LYS D 47 63.87 8.95 -19.40
CA LYS D 47 62.45 8.73 -19.67
C LYS D 47 62.07 9.20 -21.07
N LEU D 48 62.66 10.30 -21.54
CA LEU D 48 62.45 10.74 -22.91
C LEU D 48 62.87 9.66 -23.90
N LEU D 49 64.00 9.00 -23.61
CA LEU D 49 64.52 7.96 -24.49
C LEU D 49 63.72 6.67 -24.41
N LEU D 50 62.96 6.47 -23.32
CA LEU D 50 62.13 5.29 -23.16
C LEU D 50 60.66 5.54 -23.47
N LYS D 51 60.26 6.76 -23.82
CA LYS D 51 58.84 7.04 -24.00
C LYS D 51 58.44 6.77 -25.44
N PRO D 52 57.54 5.82 -25.69
CA PRO D 52 57.04 5.61 -27.06
C PRO D 52 56.21 6.78 -27.51
N THR D 53 56.14 6.94 -28.83
CA THR D 53 55.34 8.02 -29.39
C THR D 53 53.85 7.70 -29.26
N PRO D 54 53.00 8.73 -29.23
CA PRO D 54 51.55 8.46 -29.19
C PRO D 54 51.05 7.62 -30.35
N ASN D 55 51.63 7.77 -31.53
CA ASN D 55 51.21 6.93 -32.66
C ASN D 55 51.70 5.49 -32.50
N THR D 56 52.84 5.29 -31.84
CA THR D 56 53.28 3.93 -31.54
C THR D 56 52.33 3.27 -30.55
N VAL D 57 51.95 3.99 -29.49
CA VAL D 57 51.01 3.48 -28.51
C VAL D 57 49.66 3.20 -29.16
N HIS D 58 49.19 4.11 -30.01
CA HIS D 58 47.90 3.91 -30.66
C HIS D 58 47.91 2.64 -31.50
N TYR D 59 49.04 2.34 -32.13
CA TYR D 59 49.13 1.10 -32.90
C TYR D 59 48.94 -0.11 -31.98
N ILE D 60 49.60 -0.10 -30.82
CA ILE D 60 49.56 -1.23 -29.90
C ILE D 60 48.15 -1.40 -29.34
N LEU D 61 47.46 -0.29 -29.09
CA LEU D 61 46.13 -0.34 -28.50
C LEU D 61 45.06 -0.77 -29.50
N THR D 62 45.32 -0.61 -30.80
CA THR D 62 44.36 -0.96 -31.84
C THR D 62 44.73 -2.24 -32.57
N HIS D 63 45.81 -2.91 -32.19
CA HIS D 63 46.20 -4.19 -32.78
C HIS D 63 46.40 -5.21 -31.66
N PHE D 64 46.83 -6.42 -32.06
CA PHE D 64 47.01 -7.54 -31.13
C PHE D 64 45.71 -7.87 -30.40
N LYS D 65 44.62 -7.95 -31.17
CA LYS D 65 43.29 -8.14 -30.60
C LYS D 65 43.24 -9.36 -29.68
N GLY D 66 43.97 -10.41 -30.03
CA GLY D 66 44.01 -11.60 -29.18
C GLY D 66 44.65 -11.34 -27.83
N VAL D 67 45.77 -10.61 -27.81
CA VAL D 67 46.45 -10.31 -26.56
C VAL D 67 45.57 -9.44 -25.68
N TRP D 68 44.91 -8.44 -26.28
CA TRP D 68 44.03 -7.58 -25.49
C TRP D 68 42.83 -8.33 -24.96
N ASN D 69 42.32 -9.31 -25.71
CA ASN D 69 41.21 -10.12 -25.23
C ASN D 69 41.56 -10.82 -23.93
N ILE D 70 42.82 -11.21 -23.76
CA ILE D 70 43.25 -11.87 -22.53
C ILE D 70 43.33 -10.87 -21.39
N VAL D 71 43.92 -9.69 -21.65
CA VAL D 71 44.04 -8.66 -20.64
C VAL D 71 42.67 -8.29 -20.10
N ASN D 72 41.69 -8.13 -20.99
CA ASN D 72 40.36 -7.70 -20.57
C ASN D 72 39.73 -8.68 -19.58
N ASN D 73 40.03 -9.97 -19.72
CA ASN D 73 39.45 -11.01 -18.89
C ASN D 73 40.28 -11.31 -17.64
N ILE D 74 41.28 -10.49 -17.33
CA ILE D 74 42.05 -10.63 -16.09
C ILE D 74 41.80 -9.38 -15.26
N PRO D 75 40.84 -9.40 -14.33
CA PRO D 75 40.44 -8.15 -13.64
C PRO D 75 41.59 -7.33 -13.10
N PHE D 76 42.57 -8.00 -12.49
CA PHE D 76 43.70 -7.29 -11.90
C PHE D 76 44.53 -6.59 -12.97
N LEU D 77 44.71 -7.24 -14.12
CA LEU D 77 45.49 -6.65 -15.20
C LEU D 77 44.74 -5.48 -15.83
N ARG D 78 43.45 -5.69 -16.14
CA ARG D 78 42.65 -4.61 -16.71
C ARG D 78 42.62 -3.40 -15.77
N SER D 79 42.43 -3.65 -14.47
CA SER D 79 42.48 -2.57 -13.50
C SER D 79 43.82 -1.86 -13.54
N LEU D 80 44.91 -2.62 -13.63
CA LEU D 80 46.25 -2.02 -13.62
C LEU D 80 46.45 -1.10 -14.82
N ILE D 81 45.98 -1.48 -16.00
CA ILE D 81 46.17 -0.67 -17.20
C ILE D 81 45.28 0.57 -17.13
N MET D 82 44.01 0.40 -16.80
CA MET D 82 43.09 1.52 -16.68
C MET D 82 43.59 2.53 -15.65
N LYS D 83 44.17 2.04 -14.55
CA LYS D 83 44.78 2.93 -13.56
C LYS D 83 45.86 3.80 -14.21
N TYR D 84 46.70 3.20 -15.06
CA TYR D 84 47.71 3.99 -15.77
C TYR D 84 47.06 5.00 -16.71
N VAL D 85 46.00 4.58 -17.41
CA VAL D 85 45.28 5.50 -18.29
C VAL D 85 44.85 6.75 -17.54
N LEU D 86 44.35 6.58 -16.32
CA LEU D 86 43.81 7.72 -15.57
C LEU D 86 44.92 8.63 -15.05
N THR D 87 46.05 8.07 -14.67
CA THR D 87 47.11 8.85 -14.02
C THR D 87 48.26 9.19 -14.94
N SER D 88 48.47 8.42 -15.97
CA SER D 88 49.58 8.63 -16.85
C SER D 88 49.72 10.05 -17.27
N ARG D 89 48.61 10.74 -17.38
CA ARG D 89 48.54 12.10 -17.88
C ARG D 89 48.23 13.23 -16.92
N SER D 90 48.17 12.91 -15.65
CA SER D 90 47.81 13.88 -14.65
C SER D 90 48.61 15.14 -14.72
N TYR D 91 49.88 15.07 -15.00
CA TYR D 91 50.69 16.24 -15.14
C TYR D 91 50.36 17.19 -16.31
N LEU D 92 49.53 16.82 -17.28
CA LEU D 92 49.20 17.70 -18.34
C LEU D 92 48.15 18.74 -18.00
N ILE D 93 47.32 18.49 -17.01
CA ILE D 93 46.25 19.40 -16.62
C ILE D 93 46.68 20.12 -15.35
N ASP D 94 46.69 21.45 -15.39
CA ASP D 94 46.90 22.24 -14.18
C ASP D 94 45.66 22.12 -13.31
N SER D 95 45.82 21.54 -12.13
CA SER D 95 44.69 21.43 -11.20
C SER D 95 45.19 21.63 -9.78
N PRO D 96 44.77 22.70 -9.07
CA PRO D 96 43.86 23.80 -9.47
C PRO D 96 44.28 24.58 -10.71
N PRO D 97 43.31 25.20 -11.39
CA PRO D 97 43.60 25.80 -12.70
C PRO D 97 44.37 27.10 -12.56
N THR D 98 44.91 27.54 -13.70
CA THR D 98 45.79 28.69 -13.72
C THR D 98 45.27 29.82 -14.62
N TYR D 99 45.64 29.82 -15.90
CA TYR D 99 45.42 30.97 -16.77
C TYR D 99 43.97 31.01 -17.28
N ASN D 100 43.59 32.15 -17.85
CA ASN D 100 42.34 32.29 -18.60
C ASN D 100 42.55 33.36 -19.68
N VAL D 101 41.46 33.73 -20.36
CA VAL D 101 41.60 34.62 -21.52
C VAL D 101 42.21 35.97 -21.11
N HIS D 102 41.95 36.41 -19.88
CA HIS D 102 42.42 37.72 -19.46
C HIS D 102 43.73 37.69 -18.66
N TYR D 103 44.22 36.51 -18.27
CA TYR D 103 45.41 36.42 -17.42
C TYR D 103 46.43 35.45 -18.00
N GLY D 104 47.55 35.99 -18.45
CA GLY D 104 48.70 35.21 -18.87
C GLY D 104 49.67 34.89 -17.76
N TYR D 105 49.35 35.33 -16.55
CA TYR D 105 50.07 34.98 -15.33
C TYR D 105 49.05 34.51 -14.32
N LYS D 106 49.52 33.75 -13.34
CA LYS D 106 48.61 33.27 -12.29
C LYS D 106 48.15 34.43 -11.42
N SER D 107 46.85 34.42 -11.09
CA SER D 107 46.26 35.48 -10.28
C SER D 107 45.07 34.92 -9.52
N TRP D 108 44.75 35.57 -8.38
CA TRP D 108 43.58 35.14 -7.62
C TRP D 108 42.31 35.36 -8.41
N GLU D 109 42.26 36.39 -9.24
CA GLU D 109 41.10 36.59 -10.10
C GLU D 109 40.91 35.41 -11.05
N ALA D 110 42.00 34.95 -11.67
CA ALA D 110 41.89 33.82 -12.58
C ALA D 110 41.53 32.55 -11.84
N PHE D 111 42.08 32.34 -10.65
CA PHE D 111 41.74 31.11 -9.91
C PHE D 111 40.29 31.13 -9.45
N SER D 112 39.81 32.27 -8.96
CA SER D 112 38.58 32.30 -8.17
C SER D 112 37.33 32.60 -8.99
N ASN D 113 37.47 33.27 -10.13
CA ASN D 113 36.31 33.69 -10.92
C ASN D 113 35.87 32.52 -11.79
N LEU D 114 34.79 31.86 -11.39
CA LEU D 114 34.28 30.67 -12.05
C LEU D 114 33.57 30.97 -13.36
N SER D 115 33.37 32.23 -13.72
CA SER D 115 32.73 32.60 -14.97
C SER D 115 33.64 32.47 -16.19
N TYR D 116 34.94 32.26 -15.98
CA TYR D 116 35.89 32.05 -17.07
C TYR D 116 36.01 30.57 -17.42
N TYR D 117 36.16 30.28 -18.70
CA TYR D 117 36.87 29.07 -19.07
C TYR D 117 38.33 29.22 -18.65
N THR D 118 38.93 28.16 -18.15
CA THR D 118 40.36 28.21 -17.86
C THR D 118 41.13 27.97 -19.16
N ARG D 119 42.45 28.08 -19.09
CA ARG D 119 43.27 28.02 -20.30
C ARG D 119 44.46 27.11 -20.06
N ALA D 120 44.62 26.10 -20.93
CA ALA D 120 45.77 25.21 -20.85
C ALA D 120 47.07 25.92 -21.25
N LEU D 121 46.98 26.87 -22.18
CA LEU D 121 48.09 27.75 -22.47
C LEU D 121 47.65 29.19 -22.29
N PRO D 122 48.50 30.04 -21.71
CA PRO D 122 48.13 31.44 -21.54
C PRO D 122 47.85 32.08 -22.89
N PRO D 123 47.05 33.14 -22.91
CA PRO D 123 46.85 33.88 -24.15
C PRO D 123 48.13 34.59 -24.57
N VAL D 124 48.24 34.82 -25.88
CA VAL D 124 49.28 35.68 -26.42
C VAL D 124 49.04 37.11 -25.95
N ALA D 125 50.08 37.74 -25.40
CA ALA D 125 49.92 39.07 -24.82
C ALA D 125 49.44 40.07 -25.87
N ASP D 126 48.62 41.03 -25.41
CA ASP D 126 47.93 41.94 -26.32
C ASP D 126 48.88 42.75 -27.19
N ASP D 127 50.06 43.07 -26.67
CA ASP D 127 51.01 43.95 -27.34
C ASP D 127 52.03 43.20 -28.18
N CYS D 128 51.87 41.88 -28.33
CA CYS D 128 52.79 41.13 -29.17
C CYS D 128 52.66 41.56 -30.63
N PRO D 129 53.75 41.61 -31.38
CA PRO D 129 53.69 42.16 -32.74
C PRO D 129 52.84 41.35 -33.70
N THR D 130 52.74 40.04 -33.53
CA THR D 130 51.95 39.18 -34.40
C THR D 130 50.94 38.39 -33.57
N PRO D 131 49.85 37.93 -34.19
CA PRO D 131 48.82 37.22 -33.41
C PRO D 131 49.33 35.99 -32.68
N MET D 132 50.25 35.24 -33.28
CA MET D 132 50.82 34.06 -32.65
C MET D 132 52.01 34.40 -31.74
N GLY D 133 52.39 35.66 -31.67
CA GLY D 133 53.49 36.08 -30.80
C GLY D 133 54.47 36.96 -31.53
N VAL D 134 55.47 36.34 -32.14
CA VAL D 134 56.41 37.04 -33.01
C VAL D 134 56.44 36.48 -34.43
N LYS D 135 56.01 35.24 -34.64
CA LYS D 135 56.04 34.62 -35.95
C LYS D 135 54.81 35.00 -36.79
N GLY D 136 54.95 34.83 -38.10
CA GLY D 136 53.85 35.08 -39.01
C GLY D 136 53.72 36.54 -39.38
N ASN D 137 52.65 36.83 -40.10
CA ASN D 137 52.35 38.17 -40.57
C ASN D 137 51.56 38.96 -39.53
N LYS D 138 51.44 40.27 -39.77
CA LYS D 138 50.65 41.15 -38.92
C LYS D 138 49.27 40.56 -38.63
N GLU D 139 48.62 40.01 -39.65
CA GLU D 139 47.31 39.39 -39.51
C GLU D 139 47.34 37.94 -40.01
N LEU D 140 46.57 37.09 -39.33
CA LEU D 140 46.37 35.72 -39.75
C LEU D 140 45.57 35.67 -41.05
N PRO D 141 45.62 34.55 -41.78
CA PRO D 141 44.90 34.48 -43.06
C PRO D 141 43.40 34.62 -42.86
N ASP D 142 42.74 35.18 -43.87
CA ASP D 142 41.29 35.38 -43.86
C ASP D 142 40.58 34.10 -43.42
N SER D 143 39.74 34.22 -42.40
CA SER D 143 39.10 33.03 -41.82
C SER D 143 38.10 32.42 -42.79
N LYS D 144 37.42 33.24 -43.59
CA LYS D 144 36.56 32.68 -44.63
C LYS D 144 37.38 31.89 -45.64
N GLU D 145 38.55 32.44 -46.02
CA GLU D 145 39.50 31.72 -46.87
C GLU D 145 39.82 30.34 -46.30
N VAL D 146 40.26 30.29 -45.05
CA VAL D 146 40.59 29.03 -44.39
C VAL D 146 39.38 28.11 -44.37
N LEU D 147 38.24 28.64 -43.94
CA LEU D 147 36.98 27.88 -43.90
C LEU D 147 36.70 27.21 -45.24
N GLU D 148 36.68 27.99 -46.32
CA GLU D 148 36.22 27.45 -47.60
C GLU D 148 37.24 26.51 -48.22
N LYS D 149 38.52 26.82 -48.11
CA LYS D 149 39.53 26.01 -48.80
C LYS D 149 39.72 24.66 -48.15
N VAL D 150 39.64 24.56 -46.82
CA VAL D 150 40.00 23.31 -46.16
C VAL D 150 38.95 22.77 -45.19
N LEU D 151 37.95 23.57 -44.81
CA LEU D 151 37.03 23.07 -43.79
C LEU D 151 35.68 22.61 -44.33
N LEU D 152 35.09 23.32 -45.29
CA LEU D 152 33.73 23.02 -45.71
C LEU D 152 33.62 21.69 -46.45
N ARG D 153 32.52 20.98 -46.20
CA ARG D 153 32.27 19.70 -46.85
C ARG D 153 31.94 19.92 -48.33
N ARG D 154 32.62 19.17 -49.19
CA ARG D 154 32.19 19.02 -50.59
C ARG D 154 31.23 17.84 -50.62
N GLU D 155 31.77 16.64 -50.45
CA GLU D 155 30.99 15.42 -50.37
C GLU D 155 31.11 14.88 -48.95
N PHE D 156 30.00 14.32 -48.44
CA PHE D 156 30.01 13.76 -47.09
C PHE D 156 31.08 12.70 -46.97
N ILE D 157 31.94 12.87 -45.96
CA ILE D 157 32.98 11.89 -45.66
C ILE D 157 32.53 11.11 -44.43
N PRO D 158 32.15 9.85 -44.58
CA PRO D 158 31.62 9.10 -43.43
C PRO D 158 32.73 8.78 -42.44
N ASP D 159 32.34 8.59 -41.20
CA ASP D 159 33.31 8.18 -40.18
C ASP D 159 33.71 6.73 -40.42
N PRO D 160 35.00 6.45 -40.63
CA PRO D 160 35.42 5.05 -40.81
C PRO D 160 35.30 4.21 -39.57
N GLN D 161 35.24 4.82 -38.39
CA GLN D 161 34.94 4.09 -37.18
C GLN D 161 33.46 3.79 -37.00
N GLY D 162 32.61 4.30 -37.90
CA GLY D 162 31.22 3.90 -37.91
C GLY D 162 30.32 4.60 -36.91
N SER D 163 30.77 5.72 -36.33
CA SER D 163 29.95 6.47 -35.40
C SER D 163 28.59 6.79 -36.01
N ASN D 164 27.54 6.65 -35.21
CA ASN D 164 26.20 6.89 -35.71
C ASN D 164 25.65 8.18 -35.09
N MET D 165 24.37 8.46 -35.35
CA MET D 165 23.79 9.70 -34.86
C MET D 165 23.42 9.60 -33.38
N MET D 166 23.20 8.39 -32.87
CA MET D 166 23.12 8.23 -31.42
C MET D 166 24.38 8.74 -30.77
N PHE D 167 25.54 8.44 -31.36
CA PHE D 167 26.79 8.95 -30.83
C PHE D 167 26.87 10.46 -30.96
N ALA D 168 26.58 10.99 -32.16
CA ALA D 168 26.72 12.41 -32.40
C ALA D 168 25.85 13.23 -31.46
N PHE D 169 24.58 12.84 -31.32
CA PHE D 169 23.69 13.61 -30.45
C PHE D 169 23.98 13.38 -28.97
N PHE D 170 24.49 12.20 -28.60
CA PHE D 170 24.97 12.02 -27.24
C PHE D 170 26.16 12.91 -26.94
N ALA D 171 27.11 12.98 -27.87
CA ALA D 171 28.23 13.89 -27.68
C ALA D 171 27.75 15.33 -27.55
N GLN D 172 26.80 15.74 -28.39
CA GLN D 172 26.30 17.11 -28.31
C GLN D 172 25.58 17.35 -26.98
N HIS D 173 24.67 16.42 -26.62
CA HIS D 173 23.91 16.55 -25.38
C HIS D 173 24.81 16.55 -24.16
N PHE D 174 25.72 15.57 -24.09
CA PHE D 174 26.61 15.44 -22.92
C PHE D 174 27.49 16.66 -22.74
N THR D 175 28.16 17.10 -23.82
CA THR D 175 29.11 18.21 -23.69
C THR D 175 28.42 19.54 -23.41
N HIS D 176 27.14 19.68 -23.75
CA HIS D 176 26.49 20.98 -23.58
C HIS D 176 26.06 21.23 -22.16
N GLN D 177 26.46 20.39 -21.20
CA GLN D 177 26.32 20.77 -19.81
C GLN D 177 27.52 21.54 -19.29
N PHE D 178 28.70 21.39 -19.91
CA PHE D 178 29.85 22.16 -19.46
C PHE D 178 30.46 23.06 -20.53
N PHE D 179 30.03 22.97 -21.78
CA PHE D 179 30.32 24.02 -22.78
C PHE D 179 29.05 24.83 -22.95
N LYS D 180 29.00 26.00 -22.32
CA LYS D 180 27.81 26.85 -22.29
C LYS D 180 28.32 28.29 -22.31
N THR D 181 28.80 28.74 -23.46
CA THR D 181 29.48 30.03 -23.54
C THR D 181 28.52 31.18 -23.22
N ASP D 182 28.98 32.10 -22.39
CA ASP D 182 28.23 33.28 -21.97
C ASP D 182 28.53 34.38 -22.97
N HIS D 183 27.73 34.43 -24.04
CA HIS D 183 27.97 35.41 -25.10
C HIS D 183 27.74 36.84 -24.65
N LYS D 184 27.06 37.06 -23.52
CA LYS D 184 26.95 38.41 -22.97
C LYS D 184 28.28 38.90 -22.43
N ARG D 185 29.17 38.00 -22.02
CA ARG D 185 30.49 38.38 -21.53
C ARG D 185 31.58 38.21 -22.57
N GLY D 186 31.53 37.13 -23.35
CA GLY D 186 32.52 36.89 -24.38
C GLY D 186 32.81 35.42 -24.53
N PRO D 187 33.55 35.06 -25.58
CA PRO D 187 33.81 33.63 -25.85
C PRO D 187 34.62 32.95 -24.77
N GLY D 188 35.42 33.68 -23.99
CA GLY D 188 36.19 33.06 -22.93
C GLY D 188 35.45 32.84 -21.63
N PHE D 189 34.12 32.98 -21.64
CA PHE D 189 33.32 32.91 -20.43
C PHE D 189 32.26 31.82 -20.57
N THR D 190 31.92 31.20 -19.45
CA THR D 190 30.97 30.11 -19.41
C THR D 190 29.83 30.42 -18.45
N ARG D 191 28.69 29.78 -18.70
CA ARG D 191 27.57 29.79 -17.77
C ARG D 191 27.49 28.49 -16.97
N GLY D 192 28.34 27.53 -17.25
CA GLY D 192 28.38 26.29 -16.50
C GLY D 192 29.29 26.40 -15.30
N LEU D 193 28.81 27.04 -14.24
CA LEU D 193 29.65 27.30 -13.08
C LEU D 193 30.03 26.02 -12.32
N GLY D 194 29.36 24.90 -12.60
CA GLY D 194 29.77 23.62 -12.03
C GLY D 194 31.00 23.02 -12.69
N HIS D 195 31.35 23.49 -13.89
CA HIS D 195 32.59 23.12 -14.57
C HIS D 195 32.76 21.61 -14.69
N GLY D 196 31.67 20.92 -15.02
CA GLY D 196 31.79 19.48 -15.20
C GLY D 196 30.46 18.80 -15.35
N VAL D 197 30.43 17.52 -14.97
CA VAL D 197 29.26 16.67 -15.22
C VAL D 197 28.39 16.78 -13.97
N ASP D 198 27.66 17.89 -13.89
CA ASP D 198 26.69 18.09 -12.82
C ASP D 198 25.26 17.88 -13.31
N LEU D 199 25.09 17.58 -14.60
CA LEU D 199 23.79 17.32 -15.21
C LEU D 199 22.86 18.52 -15.10
N ASN D 200 23.42 19.73 -15.03
CA ASN D 200 22.60 20.93 -15.13
C ASN D 200 21.82 20.97 -16.43
N HIS D 201 22.26 20.25 -17.46
CA HIS D 201 21.49 20.21 -18.70
C HIS D 201 20.20 19.42 -18.55
N ILE D 202 20.03 18.69 -17.45
CA ILE D 202 18.78 18.02 -17.12
C ILE D 202 18.03 18.75 -16.02
N TYR D 203 18.75 19.14 -14.97
CA TYR D 203 18.16 19.66 -13.75
C TYR D 203 18.19 21.18 -13.66
N GLY D 204 18.89 21.86 -14.56
CA GLY D 204 18.98 23.30 -14.44
C GLY D 204 20.23 23.76 -13.72
N GLU D 205 20.75 24.90 -14.17
CA GLU D 205 21.95 25.48 -13.58
C GLU D 205 21.68 26.06 -12.20
N THR D 206 20.49 26.62 -11.98
CA THR D 206 20.17 27.25 -10.72
C THR D 206 19.07 26.51 -9.97
N LEU D 207 18.98 26.80 -8.69
CA LEU D 207 17.95 26.24 -7.86
C LEU D 207 16.56 26.72 -8.33
N ASP D 208 16.48 28.00 -8.74
CA ASP D 208 15.24 28.55 -9.26
C ASP D 208 14.73 27.73 -10.42
N ARG D 209 15.65 27.39 -11.36
CA ARG D 209 15.23 26.62 -12.53
C ARG D 209 14.91 25.17 -12.16
N GLN D 210 15.73 24.57 -11.29
CA GLN D 210 15.51 23.18 -10.90
C GLN D 210 14.13 22.98 -10.27
N HIS D 211 13.74 23.89 -9.38
CA HIS D 211 12.46 23.74 -8.69
C HIS D 211 11.28 23.92 -9.63
N LYS D 212 11.46 24.70 -10.69
CA LYS D 212 10.40 24.82 -11.70
C LYS D 212 10.27 23.58 -12.55
N LEU D 213 11.33 22.78 -12.68
CA LEU D 213 11.30 21.55 -13.46
C LEU D 213 10.84 20.35 -12.66
N ARG D 214 10.76 20.46 -11.34
CA ARG D 214 10.49 19.34 -10.46
C ARG D 214 9.01 19.19 -10.15
N LEU D 215 8.59 17.94 -10.00
CA LEU D 215 7.21 17.63 -9.64
C LEU D 215 6.96 17.80 -8.15
N PHE D 216 8.00 17.68 -7.32
CA PHE D 216 7.90 17.68 -5.87
C PHE D 216 7.01 16.57 -5.33
N LYS D 217 6.84 15.51 -6.11
CA LYS D 217 6.33 14.23 -5.63
C LYS D 217 7.31 13.15 -6.04
N ASP D 218 7.68 12.30 -5.08
CA ASP D 218 8.50 11.10 -5.32
C ASP D 218 9.85 11.44 -5.95
N GLY D 219 10.35 12.65 -5.72
CA GLY D 219 11.62 13.06 -6.29
C GLY D 219 11.62 13.34 -7.78
N LYS D 220 10.46 13.28 -8.43
CA LYS D 220 10.42 13.21 -9.88
C LYS D 220 10.51 14.59 -10.51
N LEU D 221 10.86 14.60 -11.78
CA LEU D 221 10.75 15.78 -12.62
C LEU D 221 9.38 15.82 -13.26
N LYS D 222 8.90 17.04 -13.51
CA LYS D 222 7.64 17.20 -14.21
C LYS D 222 7.72 16.62 -15.61
N TYR D 223 6.57 16.18 -16.12
CA TYR D 223 6.49 15.57 -17.43
C TYR D 223 5.05 15.65 -17.91
N GLN D 224 4.86 15.49 -19.21
CA GLN D 224 3.53 15.37 -19.78
C GLN D 224 3.48 14.09 -20.61
N VAL D 225 2.27 13.57 -20.79
CA VAL D 225 2.06 12.38 -21.60
C VAL D 225 1.38 12.82 -22.89
N ILE D 226 1.99 12.46 -24.01
CA ILE D 226 1.49 12.74 -25.35
C ILE D 226 1.42 11.44 -26.10
N GLY D 227 0.21 11.05 -26.50
CA GLY D 227 0.00 9.78 -27.18
C GLY D 227 0.51 8.58 -26.39
N GLY D 228 0.28 8.57 -25.09
CA GLY D 228 0.77 7.50 -24.23
C GLY D 228 2.25 7.55 -23.91
N GLU D 229 2.96 8.59 -24.35
CA GLU D 229 4.41 8.67 -24.21
C GLU D 229 4.80 9.82 -23.30
N VAL D 230 5.88 9.63 -22.54
CA VAL D 230 6.34 10.61 -21.58
C VAL D 230 7.33 11.56 -22.25
N TYR D 231 7.05 12.85 -22.19
CA TYR D 231 7.89 13.91 -22.73
C TYR D 231 8.10 14.96 -21.66
N PRO D 232 9.08 15.85 -21.84
CA PRO D 232 9.29 16.94 -20.88
C PRO D 232 8.10 17.88 -20.84
N PRO D 233 7.97 18.65 -19.76
CA PRO D 233 6.90 19.64 -19.66
C PRO D 233 7.09 20.81 -20.61
N THR D 234 6.14 21.73 -20.63
CA THR D 234 6.19 22.89 -21.49
C THR D 234 6.73 24.11 -20.73
N VAL D 235 7.11 25.12 -21.52
CA VAL D 235 7.46 26.43 -20.98
C VAL D 235 6.27 27.05 -20.25
N LYS D 236 5.06 26.81 -20.75
CA LYS D 236 3.87 27.39 -20.12
C LYS D 236 3.62 26.78 -18.75
N ASP D 237 3.78 25.46 -18.62
CA ASP D 237 3.52 24.76 -17.36
C ASP D 237 4.58 25.09 -16.32
N THR D 238 5.84 25.22 -16.74
CA THR D 238 6.95 25.33 -15.81
C THR D 238 7.46 26.76 -15.59
N GLN D 239 7.21 27.67 -16.53
CA GLN D 239 7.82 29.01 -16.54
C GLN D 239 9.33 28.95 -16.68
N VAL D 240 9.86 27.82 -17.12
CA VAL D 240 11.29 27.68 -17.35
C VAL D 240 11.62 28.31 -18.70
N GLU D 241 12.60 29.21 -18.71
CA GLU D 241 12.95 29.91 -19.93
C GLU D 241 13.70 28.98 -20.88
N MET D 242 13.26 28.97 -22.13
CA MET D 242 13.87 28.18 -23.19
C MET D 242 14.05 29.06 -24.41
N ILE D 243 15.02 28.70 -25.25
CA ILE D 243 15.27 29.43 -26.48
C ILE D 243 14.48 28.77 -27.61
N TYR D 244 13.53 29.50 -28.18
CA TYR D 244 12.67 29.03 -29.25
C TYR D 244 12.37 30.18 -30.21
N PRO D 245 12.30 29.91 -31.50
CA PRO D 245 11.89 30.94 -32.45
C PRO D 245 10.46 31.35 -32.18
N PRO D 246 10.10 32.60 -32.49
CA PRO D 246 8.78 33.10 -32.10
C PRO D 246 7.60 32.28 -32.59
N HIS D 247 7.77 31.49 -33.66
CA HIS D 247 6.65 30.77 -34.25
C HIS D 247 6.37 29.42 -33.62
N ILE D 248 7.18 28.95 -32.67
CA ILE D 248 6.98 27.63 -32.08
C ILE D 248 5.71 27.64 -31.22
N PRO D 249 4.74 26.77 -31.50
CA PRO D 249 3.52 26.74 -30.69
C PRO D 249 3.85 26.38 -29.25
N GLU D 250 3.01 26.87 -28.32
CA GLU D 250 3.31 26.69 -26.91
C GLU D 250 3.43 25.21 -26.53
N ASN D 251 2.54 24.37 -27.07
CA ASN D 251 2.57 22.96 -26.71
C ASN D 251 3.80 22.23 -27.26
N LEU D 252 4.61 22.89 -28.10
CA LEU D 252 5.86 22.30 -28.55
C LEU D 252 7.08 22.94 -27.92
N GLN D 253 6.90 23.94 -27.05
CA GLN D 253 8.02 24.56 -26.32
C GLN D 253 8.32 23.72 -25.09
N PHE D 254 9.03 22.63 -25.31
CA PHE D 254 9.42 21.75 -24.21
C PHE D 254 10.46 22.44 -23.33
N ALA D 255 10.31 22.27 -22.01
CA ALA D 255 11.19 22.90 -21.03
C ALA D 255 12.07 21.83 -20.42
N VAL D 256 13.39 22.00 -20.54
CA VAL D 256 14.37 21.08 -19.98
C VAL D 256 15.48 21.89 -19.34
N GLY D 257 16.40 21.18 -18.68
CA GLY D 257 17.43 21.84 -17.90
C GLY D 257 18.28 22.80 -18.71
N GLN D 258 18.63 22.41 -19.93
CA GLN D 258 19.49 23.23 -20.78
C GLN D 258 18.62 24.02 -21.75
N GLU D 259 18.75 25.35 -21.71
CA GLU D 259 17.82 26.23 -22.40
C GLU D 259 17.94 26.18 -23.92
N VAL D 260 19.01 25.59 -24.47
CA VAL D 260 19.14 25.51 -25.92
C VAL D 260 18.71 24.17 -26.50
N PHE D 261 18.22 23.25 -25.67
CA PHE D 261 18.02 21.88 -26.16
C PHE D 261 16.78 21.72 -27.04
N GLY D 262 15.98 22.77 -27.24
CA GLY D 262 14.99 22.75 -28.30
C GLY D 262 15.57 23.05 -29.65
N LEU D 263 16.85 23.35 -29.76
CA LEU D 263 17.49 23.63 -31.03
C LEU D 263 17.34 22.47 -31.98
N VAL D 264 17.44 21.26 -31.48
CA VAL D 264 17.41 20.11 -32.37
C VAL D 264 16.69 18.93 -31.71
N PRO D 265 15.84 18.23 -32.46
CA PRO D 265 15.14 17.07 -31.88
C PRO D 265 16.09 15.98 -31.44
N GLY D 266 17.30 15.94 -31.99
CA GLY D 266 18.29 15.00 -31.48
C GLY D 266 18.64 15.27 -30.04
N LEU D 267 18.67 16.54 -29.65
CA LEU D 267 18.90 16.88 -28.24
C LEU D 267 17.68 16.55 -27.39
N MET D 268 16.49 16.93 -27.86
CA MET D 268 15.27 16.62 -27.10
C MET D 268 15.10 15.13 -26.91
N MET D 269 15.56 14.32 -27.87
CA MET D 269 15.53 12.87 -27.70
C MET D 269 16.27 12.46 -26.43
N TYR D 270 17.50 12.92 -26.26
CA TYR D 270 18.26 12.53 -25.06
C TYR D 270 17.72 13.20 -23.81
N ALA D 271 17.30 14.47 -23.91
CA ALA D 271 16.68 15.13 -22.77
C ALA D 271 15.46 14.34 -22.29
N THR D 272 14.70 13.76 -23.22
CA THR D 272 13.55 12.95 -22.84
C THR D 272 13.99 11.61 -22.25
N ILE D 273 14.98 10.97 -22.87
CA ILE D 273 15.46 9.68 -22.36
C ILE D 273 15.97 9.83 -20.93
N TRP D 274 16.75 10.89 -20.68
CA TRP D 274 17.33 11.08 -19.35
C TRP D 274 16.29 11.53 -18.33
N LEU D 275 15.33 12.35 -18.75
CA LEU D 275 14.22 12.67 -17.85
C LEU D 275 13.48 11.40 -17.44
N ARG D 276 13.16 10.54 -18.41
CA ARG D 276 12.55 9.26 -18.08
C ARG D 276 13.43 8.45 -17.14
N GLU D 277 14.74 8.49 -17.34
CA GLU D 277 15.64 7.71 -16.49
C GLU D 277 15.61 8.22 -15.06
N HIS D 278 15.55 9.54 -14.88
CA HIS D 278 15.48 10.10 -13.54
C HIS D 278 14.25 9.61 -12.80
N ASN D 279 13.09 9.65 -13.47
CA ASN D 279 11.85 9.23 -12.82
C ASN D 279 11.81 7.72 -12.63
N ARG D 280 12.47 6.96 -13.50
CA ARG D 280 12.58 5.52 -13.28
C ARG D 280 13.36 5.23 -12.00
N VAL D 281 14.48 5.93 -11.81
CA VAL D 281 15.29 5.76 -10.60
C VAL D 281 14.52 6.24 -9.36
N CYS D 282 13.67 7.26 -9.51
CA CYS D 282 12.80 7.68 -8.41
C CYS D 282 11.89 6.54 -7.96
N ASP D 283 11.30 5.83 -8.92
CA ASP D 283 10.45 4.69 -8.58
C ASP D 283 11.24 3.61 -7.85
N ILE D 284 12.45 3.34 -8.33
CA ILE D 284 13.29 2.31 -7.71
C ILE D 284 13.64 2.72 -6.27
N LEU D 285 14.06 3.97 -6.09
CA LEU D 285 14.46 4.41 -4.76
C LEU D 285 13.27 4.49 -3.80
N LYS D 286 12.09 4.84 -4.30
CA LYS D 286 10.90 4.86 -3.46
C LYS D 286 10.50 3.47 -3.02
N GLN D 287 10.71 2.46 -3.87
CA GLN D 287 10.44 1.08 -3.47
C GLN D 287 11.42 0.64 -2.38
N GLU D 288 12.68 1.06 -2.50
CA GLU D 288 13.68 0.75 -1.48
C GLU D 288 13.49 1.54 -0.20
N HIS D 289 12.95 2.72 -0.35
CA HIS D 289 12.79 3.66 0.71
C HIS D 289 11.45 4.33 0.74
N PRO D 290 10.45 3.68 1.30
CA PRO D 290 9.13 4.28 1.45
C PRO D 290 9.11 5.41 2.51
N GLU D 291 10.07 5.43 3.40
CA GLU D 291 10.22 6.45 4.37
C GLU D 291 10.87 7.69 3.80
N TRP D 292 11.39 7.65 2.58
CA TRP D 292 12.06 8.84 2.08
C TRP D 292 11.05 9.87 1.59
N GLY D 293 11.46 11.14 1.68
CA GLY D 293 10.65 12.23 1.16
C GLY D 293 11.05 12.61 -0.25
N ASP D 294 10.27 13.54 -0.82
CA ASP D 294 10.52 13.97 -2.19
C ASP D 294 11.93 14.51 -2.39
N GLU D 295 12.40 15.34 -1.45
CA GLU D 295 13.70 15.99 -1.65
C GLU D 295 14.82 14.97 -1.74
N GLN D 296 14.82 13.98 -0.84
CA GLN D 296 15.90 13.01 -0.85
C GLN D 296 15.83 12.07 -2.04
N LEU D 297 14.63 11.73 -2.51
CA LEU D 297 14.51 10.92 -3.72
C LEU D 297 15.09 11.68 -4.91
N PHE D 298 14.78 12.98 -5.04
CA PHE D 298 15.33 13.77 -6.13
C PHE D 298 16.86 13.81 -6.09
N GLN D 299 17.42 14.16 -4.92
CA GLN D 299 18.87 14.34 -4.82
C GLN D 299 19.61 13.03 -5.08
N THR D 300 19.09 11.93 -4.52
CA THR D 300 19.77 10.65 -4.69
C THR D 300 19.68 10.18 -6.14
N SER D 301 18.53 10.36 -6.78
CA SER D 301 18.41 10.06 -8.21
C SER D 301 19.42 10.86 -9.03
N ARG D 302 19.57 12.15 -8.71
CA ARG D 302 20.51 12.99 -9.44
C ARG D 302 21.94 12.45 -9.33
N LEU D 303 22.34 12.03 -8.12
CA LEU D 303 23.68 11.48 -7.94
C LEU D 303 23.87 10.20 -8.76
N ILE D 304 22.82 9.38 -8.85
CA ILE D 304 22.92 8.14 -9.61
C ILE D 304 23.03 8.42 -11.10
N LEU D 305 22.23 9.36 -11.61
CA LEU D 305 22.30 9.70 -13.02
C LEU D 305 23.65 10.32 -13.36
N ILE D 306 24.22 11.10 -12.45
CA ILE D 306 25.60 11.55 -12.61
C ILE D 306 26.53 10.35 -12.77
N GLY D 307 26.37 9.35 -11.89
CA GLY D 307 27.19 8.16 -11.99
C GLY D 307 26.95 7.39 -13.28
N GLU D 308 25.68 7.24 -13.68
CA GLU D 308 25.37 6.57 -14.93
C GLU D 308 26.04 7.25 -16.11
N THR D 309 25.97 8.58 -16.16
CA THR D 309 26.56 9.35 -17.25
C THR D 309 28.06 9.07 -17.38
N ILE D 310 28.79 9.13 -16.25
CA ILE D 310 30.23 8.91 -16.29
C ILE D 310 30.54 7.48 -16.71
N LYS D 311 29.77 6.52 -16.18
CA LYS D 311 29.90 5.12 -16.55
C LYS D 311 29.75 4.94 -18.06
N ILE D 312 28.67 5.48 -18.62
CA ILE D 312 28.42 5.35 -20.05
C ILE D 312 29.49 6.06 -20.86
N VAL D 313 29.88 7.26 -20.43
CA VAL D 313 30.87 8.02 -21.19
C VAL D 313 32.18 7.25 -21.31
N ILE D 314 32.62 6.62 -20.21
CA ILE D 314 33.90 5.93 -20.23
C ILE D 314 33.81 4.60 -20.96
N GLU D 315 32.81 3.77 -20.61
CA GLU D 315 32.83 2.39 -21.08
C GLU D 315 32.10 2.18 -22.40
N ASP D 316 31.26 3.11 -22.83
CA ASP D 316 30.62 3.02 -24.13
C ASP D 316 31.10 4.10 -25.09
N TYR D 317 31.10 5.35 -24.65
CA TYR D 317 31.32 6.50 -25.53
C TYR D 317 32.80 6.66 -25.86
N VAL D 318 33.65 6.81 -24.83
CA VAL D 318 35.09 6.87 -25.05
C VAL D 318 35.60 5.55 -25.62
N GLN D 319 35.04 4.42 -25.15
CA GLN D 319 35.42 3.13 -25.70
C GLN D 319 35.25 3.11 -27.22
N HIS D 320 34.10 3.57 -27.70
CA HIS D 320 33.87 3.61 -29.14
C HIS D 320 34.85 4.56 -29.83
N LEU D 321 35.00 5.77 -29.28
CA LEU D 321 35.91 6.74 -29.87
C LEU D 321 37.32 6.16 -30.00
N SER D 322 37.77 5.42 -28.98
CA SER D 322 39.15 4.97 -28.96
C SER D 322 39.41 3.90 -30.00
N GLY D 323 38.43 3.04 -30.27
CA GLY D 323 38.66 1.89 -31.12
C GLY D 323 39.65 0.91 -30.54
N TYR D 324 39.95 1.02 -29.25
CA TYR D 324 40.86 0.09 -28.61
C TYR D 324 40.21 -1.26 -28.42
N HIS D 325 41.04 -2.31 -28.40
CA HIS D 325 40.56 -3.63 -28.01
C HIS D 325 40.53 -3.77 -26.50
N PHE D 326 41.37 -3.03 -25.78
CA PHE D 326 41.29 -2.96 -24.33
C PHE D 326 39.98 -2.30 -23.91
N LYS D 327 39.34 -2.88 -22.90
CA LYS D 327 38.04 -2.39 -22.43
C LYS D 327 38.25 -1.39 -21.29
N LEU D 328 38.06 -0.10 -21.60
CA LEU D 328 38.09 0.96 -20.60
C LEU D 328 37.12 0.67 -19.47
N LYS D 329 37.33 1.28 -18.31
CA LYS D 329 36.57 0.93 -17.13
C LYS D 329 36.33 2.16 -16.26
N PHE D 330 35.08 2.35 -15.82
CA PHE D 330 34.77 3.36 -14.82
C PHE D 330 34.90 2.72 -13.44
N ASP D 331 35.97 3.05 -12.73
CA ASP D 331 36.20 2.51 -11.39
C ASP D 331 36.92 3.56 -10.56
N PRO D 332 36.18 4.40 -9.84
CA PRO D 332 36.82 5.40 -8.98
C PRO D 332 37.85 4.85 -8.01
N GLU D 333 37.72 3.59 -7.55
CA GLU D 333 38.69 3.05 -6.61
C GLU D 333 40.10 2.98 -7.17
N LEU D 334 40.24 2.97 -8.50
CA LEU D 334 41.56 2.93 -9.11
C LEU D 334 42.42 4.13 -8.73
N LEU D 335 41.79 5.24 -8.33
CA LEU D 335 42.50 6.46 -7.98
C LEU D 335 42.69 6.63 -6.48
N PHE D 336 42.20 5.69 -5.66
CA PHE D 336 42.18 5.92 -4.21
C PHE D 336 43.58 5.86 -3.60
N ASN D 337 44.52 5.12 -4.21
CA ASN D 337 45.90 5.09 -3.73
C ASN D 337 46.81 5.95 -4.59
N GLN D 338 46.25 6.87 -5.35
CA GLN D 338 46.98 7.70 -6.29
C GLN D 338 46.78 9.16 -5.96
N GLN D 339 47.76 9.98 -6.30
CA GLN D 339 47.58 11.43 -6.21
C GLN D 339 46.63 11.88 -7.30
N PHE D 340 45.55 12.54 -6.91
CA PHE D 340 44.54 12.98 -7.86
C PHE D 340 43.69 14.06 -7.20
N GLN D 341 43.41 15.12 -7.95
CA GLN D 341 42.62 16.25 -7.47
C GLN D 341 41.16 16.07 -7.89
N TYR D 342 40.27 15.94 -6.92
CA TYR D 342 38.84 15.80 -7.21
C TYR D 342 38.23 17.18 -7.43
N GLN D 343 38.60 17.76 -8.57
CA GLN D 343 38.07 19.04 -9.00
C GLN D 343 38.33 19.18 -10.48
N ASN D 344 37.63 20.13 -11.10
CA ASN D 344 37.78 20.38 -12.53
C ASN D 344 37.35 21.81 -12.83
N ARG D 345 38.06 22.44 -13.76
CA ARG D 345 37.70 23.72 -14.33
C ARG D 345 37.73 23.54 -15.85
N ILE D 346 36.65 23.89 -16.52
CA ILE D 346 36.52 23.61 -17.95
C ILE D 346 37.42 24.55 -18.72
N ALA D 347 38.32 23.98 -19.55
CA ALA D 347 39.28 24.76 -20.32
C ALA D 347 38.68 25.19 -21.66
N SER D 348 39.01 26.43 -22.05
CA SER D 348 38.62 26.95 -23.36
C SER D 348 39.02 26.00 -24.48
N GLU D 349 40.27 25.56 -24.47
CA GLU D 349 40.77 24.70 -25.54
C GLU D 349 40.03 23.37 -25.60
N PHE D 350 39.53 22.88 -24.47
CA PHE D 350 38.69 21.69 -24.47
C PHE D 350 37.40 21.95 -25.23
N ASN D 351 36.78 23.11 -24.98
CA ASN D 351 35.61 23.54 -25.75
C ASN D 351 35.93 23.58 -27.24
N THR D 352 37.05 24.21 -27.60
CA THR D 352 37.38 24.38 -29.02
C THR D 352 37.54 23.05 -29.72
N LEU D 353 38.25 22.13 -29.10
CA LEU D 353 38.48 20.89 -29.71
C LEU D 353 37.36 19.90 -29.69
N TYR D 354 36.33 20.17 -28.91
CA TYR D 354 35.11 19.38 -28.95
C TYR D 354 34.14 19.89 -30.01
N HIS D 355 34.55 20.84 -30.86
CA HIS D 355 33.72 21.32 -31.96
C HIS D 355 33.75 20.29 -33.08
N TRP D 356 32.92 19.26 -32.92
CA TRP D 356 32.86 18.11 -33.81
C TRP D 356 31.75 18.20 -34.84
N HIS D 357 31.51 19.37 -35.41
CA HIS D 357 30.42 19.53 -36.35
C HIS D 357 30.56 18.70 -37.64
N PRO D 358 31.76 18.29 -38.06
CA PRO D 358 31.82 17.31 -39.15
C PRO D 358 31.06 16.02 -38.88
N LEU D 359 30.74 15.70 -37.62
CA LEU D 359 29.87 14.57 -37.34
C LEU D 359 28.53 14.69 -38.06
N LEU D 360 28.05 15.91 -38.24
CA LEU D 360 26.68 16.10 -38.69
C LEU D 360 26.50 15.62 -40.13
N PRO D 361 25.41 14.93 -40.42
CA PRO D 361 25.14 14.47 -41.78
C PRO D 361 24.56 15.61 -42.61
N ASP D 362 24.37 15.34 -43.91
CA ASP D 362 23.75 16.34 -44.77
C ASP D 362 22.25 16.39 -44.57
N THR D 363 21.64 15.26 -44.21
CA THR D 363 20.22 15.20 -43.85
C THR D 363 20.09 14.30 -42.64
N PHE D 364 19.03 14.50 -41.88
CA PHE D 364 18.74 13.65 -40.74
C PHE D 364 17.66 12.66 -41.15
N ASN D 365 18.01 11.37 -41.13
CA ASN D 365 17.20 10.29 -41.69
C ASN D 365 16.45 9.59 -40.56
N ILE D 366 15.17 9.90 -40.42
CA ILE D 366 14.33 9.25 -39.43
C ILE D 366 13.25 8.46 -40.16
N GLU D 367 13.24 7.15 -39.95
CA GLU D 367 12.33 6.26 -40.67
C GLU D 367 12.58 6.41 -42.16
N ASP D 368 11.60 6.93 -42.90
CA ASP D 368 11.73 7.11 -44.34
C ASP D 368 11.94 8.55 -44.77
N GLN D 369 11.93 9.50 -43.85
CA GLN D 369 12.11 10.90 -44.18
C GLN D 369 13.57 11.30 -44.08
N GLU D 370 13.96 12.31 -44.86
CA GLU D 370 15.30 12.85 -44.82
C GLU D 370 15.18 14.36 -44.64
N TYR D 371 15.28 14.81 -43.39
CA TYR D 371 15.09 16.21 -43.06
C TYR D 371 16.36 16.99 -43.32
N SER D 372 16.23 18.12 -44.00
CA SER D 372 17.31 19.08 -44.11
C SER D 372 17.49 19.80 -42.77
N PHE D 373 18.59 20.55 -42.67
CA PHE D 373 18.82 21.35 -41.48
C PHE D 373 17.65 22.30 -41.20
N LYS D 374 17.17 22.99 -42.24
CA LYS D 374 16.09 23.95 -42.07
C LYS D 374 14.83 23.30 -41.51
N GLN D 375 14.52 22.09 -41.98
CA GLN D 375 13.35 21.37 -41.47
C GLN D 375 13.59 20.77 -40.09
N PHE D 376 14.85 20.47 -39.76
CA PHE D 376 15.20 19.75 -38.55
C PHE D 376 15.34 20.68 -37.35
N LEU D 377 15.96 21.84 -37.54
CA LEU D 377 16.25 22.74 -36.43
C LEU D 377 14.96 23.25 -35.80
N TYR D 378 14.92 23.24 -34.47
CA TYR D 378 13.83 23.82 -33.68
C TYR D 378 12.47 23.22 -34.07
N ASN D 379 12.45 21.94 -34.37
CA ASN D 379 11.24 21.28 -34.86
C ASN D 379 10.98 20.03 -34.02
N ASN D 380 10.40 20.23 -32.84
CA ASN D 380 10.09 19.12 -31.96
C ASN D 380 8.90 18.29 -32.45
N SER D 381 8.13 18.79 -33.41
CA SER D 381 7.04 18.00 -33.97
C SER D 381 7.55 16.75 -34.66
N ILE D 382 8.81 16.78 -35.15
CA ILE D 382 9.42 15.59 -35.71
C ILE D 382 9.53 14.49 -34.66
N LEU D 383 9.94 14.87 -33.45
CA LEU D 383 10.08 13.91 -32.36
C LEU D 383 8.75 13.28 -32.00
N LEU D 384 7.70 14.08 -31.94
CA LEU D 384 6.37 13.56 -31.61
C LEU D 384 5.83 12.69 -32.74
N GLU D 385 6.09 13.06 -34.00
CA GLU D 385 5.50 12.32 -35.10
C GLU D 385 6.08 10.91 -35.19
N HIS D 386 7.41 10.78 -35.10
CA HIS D 386 8.03 9.48 -35.22
C HIS D 386 8.13 8.74 -33.89
N GLY D 387 8.30 9.47 -32.79
CA GLY D 387 8.47 8.85 -31.51
C GLY D 387 9.92 8.46 -31.23
N LEU D 388 10.19 8.16 -29.97
CA LEU D 388 11.56 7.92 -29.53
C LEU D 388 12.10 6.59 -30.07
N THR D 389 11.26 5.55 -30.09
CA THR D 389 11.67 4.25 -30.60
C THR D 389 12.19 4.39 -32.02
N GLN D 390 11.43 5.06 -32.88
CA GLN D 390 11.86 5.25 -34.27
C GLN D 390 13.09 6.14 -34.35
N PHE D 391 13.17 7.17 -33.49
CA PHE D 391 14.36 7.99 -33.43
C PHE D 391 15.59 7.14 -33.14
N VAL D 392 15.50 6.27 -32.14
CA VAL D 392 16.63 5.42 -31.78
C VAL D 392 16.98 4.48 -32.93
N GLU D 393 15.98 3.79 -33.49
CA GLU D 393 16.25 2.87 -34.58
C GLU D 393 16.87 3.58 -35.77
N SER D 394 16.39 4.78 -36.09
CA SER D 394 16.90 5.52 -37.22
C SER D 394 18.30 6.07 -36.96
N PHE D 395 18.51 6.70 -35.80
CA PHE D 395 19.81 7.30 -35.52
C PHE D 395 20.87 6.24 -35.25
N THR D 396 20.48 5.06 -34.79
CA THR D 396 21.45 3.98 -34.64
C THR D 396 21.99 3.55 -36.00
N ARG D 397 21.19 3.69 -37.05
CA ARG D 397 21.57 3.27 -38.38
C ARG D 397 22.30 4.34 -39.17
N GLN D 398 22.11 5.62 -38.86
CA GLN D 398 22.64 6.68 -39.72
C GLN D 398 24.08 7.02 -39.36
N ILE D 399 24.94 6.97 -40.36
CA ILE D 399 26.37 7.13 -40.15
C ILE D 399 26.68 8.61 -39.95
N ALA D 400 27.64 8.88 -39.06
CA ALA D 400 28.11 10.23 -38.81
C ALA D 400 29.34 10.51 -39.66
N GLY D 401 29.65 11.80 -39.79
CA GLY D 401 30.78 12.21 -40.60
C GLY D 401 32.11 12.11 -39.86
N ARG D 402 33.17 11.98 -40.65
CA ARG D 402 34.52 12.01 -40.10
C ARG D 402 34.91 13.43 -39.70
N VAL D 403 35.66 13.54 -38.60
CA VAL D 403 36.00 14.83 -38.00
C VAL D 403 37.35 15.35 -38.46
N ALA D 404 38.41 14.54 -38.34
CA ALA D 404 39.70 14.91 -38.90
C ALA D 404 39.71 14.60 -40.40
N GLY D 405 40.82 14.88 -41.07
CA GLY D 405 40.94 14.56 -42.47
C GLY D 405 40.48 15.63 -43.42
N GLY D 406 39.87 16.71 -42.93
CA GLY D 406 39.64 17.88 -43.74
C GLY D 406 38.30 17.89 -44.46
N ARG D 407 37.83 19.11 -44.74
CA ARG D 407 36.74 19.37 -45.68
C ARG D 407 35.49 18.57 -45.37
N ASN D 408 35.04 18.61 -44.12
CA ASN D 408 33.83 17.86 -43.79
C ASN D 408 32.89 18.60 -42.85
N VAL D 409 33.04 19.92 -42.71
CA VAL D 409 32.07 20.70 -41.96
C VAL D 409 30.88 20.99 -42.88
N PRO D 410 29.66 20.58 -42.53
CA PRO D 410 28.53 20.87 -43.42
C PRO D 410 28.30 22.37 -43.48
N ILE D 411 28.02 22.86 -44.68
CA ILE D 411 27.91 24.30 -44.90
C ILE D 411 26.75 24.91 -44.11
N ALA D 412 25.79 24.08 -43.69
CA ALA D 412 24.69 24.58 -42.88
C ALA D 412 25.18 25.25 -41.60
N VAL D 413 26.33 24.83 -41.07
CA VAL D 413 26.85 25.41 -39.84
C VAL D 413 28.19 26.08 -40.10
N GLN D 414 28.38 26.62 -41.30
CA GLN D 414 29.65 27.26 -41.62
C GLN D 414 29.91 28.49 -40.74
N ALA D 415 28.85 29.18 -40.32
CA ALA D 415 29.03 30.33 -39.43
C ALA D 415 29.62 29.91 -38.10
N VAL D 416 29.29 28.71 -37.62
CA VAL D 416 29.86 28.23 -36.36
C VAL D 416 31.34 27.93 -36.54
N ALA D 417 31.71 27.32 -37.67
CA ALA D 417 33.12 27.03 -37.93
C ALA D 417 33.92 28.32 -38.11
N LYS D 418 33.34 29.32 -38.78
CA LYS D 418 34.04 30.59 -38.91
C LYS D 418 34.18 31.29 -37.56
N ALA D 419 33.15 31.16 -36.71
CA ALA D 419 33.22 31.75 -35.37
C ALA D 419 34.26 31.04 -34.50
N SER D 420 34.40 29.72 -34.64
CA SER D 420 35.45 29.02 -33.91
C SER D 420 36.83 29.56 -34.30
N ILE D 421 37.02 29.86 -35.58
CA ILE D 421 38.28 30.47 -36.00
C ILE D 421 38.41 31.88 -35.44
N ASP D 422 37.39 32.71 -35.64
CA ASP D 422 37.50 34.12 -35.25
C ASP D 422 37.66 34.27 -33.74
N GLN D 423 36.92 33.47 -32.96
CA GLN D 423 36.95 33.66 -31.52
C GLN D 423 38.16 32.98 -30.87
N SER D 424 38.69 31.94 -31.50
CA SER D 424 40.01 31.45 -31.11
C SER D 424 41.04 32.56 -31.22
N ARG D 425 40.95 33.37 -32.27
CA ARG D 425 41.87 34.48 -32.44
C ARG D 425 41.60 35.59 -31.43
N GLU D 426 40.32 35.90 -31.21
CA GLU D 426 39.97 36.91 -30.21
C GLU D 426 40.51 36.54 -28.83
N MET D 427 40.43 35.26 -28.48
CA MET D 427 40.94 34.76 -27.22
C MET D 427 42.46 34.59 -27.22
N LYS D 428 43.13 35.00 -28.29
CA LYS D 428 44.59 35.02 -28.38
C LYS D 428 45.19 33.63 -28.13
N TYR D 429 44.60 32.62 -28.79
CA TYR D 429 45.15 31.28 -28.74
C TYR D 429 46.58 31.24 -29.29
N GLN D 430 47.45 30.49 -28.62
CA GLN D 430 48.75 30.20 -29.19
C GLN D 430 48.59 29.25 -30.39
N SER D 431 49.71 28.98 -31.06
CA SER D 431 49.68 28.23 -32.30
C SER D 431 49.42 26.74 -32.05
N LEU D 432 49.09 26.04 -33.14
CA LEU D 432 48.96 24.58 -33.10
C LEU D 432 50.19 23.94 -32.49
N ASN D 433 51.37 24.34 -32.96
CA ASN D 433 52.59 23.70 -32.50
C ASN D 433 52.92 24.05 -31.05
N GLU D 434 52.52 25.23 -30.58
CA GLU D 434 52.66 25.52 -29.16
C GLU D 434 51.80 24.58 -28.34
N TYR D 435 50.56 24.32 -28.77
CA TYR D 435 49.71 23.39 -28.05
C TYR D 435 50.23 21.96 -28.14
N ARG D 436 50.76 21.56 -29.29
CA ARG D 436 51.36 20.23 -29.41
C ARG D 436 52.51 20.07 -28.42
N LYS D 437 53.43 21.04 -28.37
CA LYS D 437 54.50 20.99 -27.39
C LYS D 437 53.94 20.92 -25.97
N ARG D 438 52.87 21.67 -25.70
CA ARG D 438 52.31 21.70 -24.35
C ARG D 438 51.78 20.34 -23.91
N PHE D 439 51.39 19.48 -24.86
CA PHE D 439 50.90 18.16 -24.51
C PHE D 439 51.86 17.05 -24.97
N SER D 440 53.16 17.38 -25.00
CA SER D 440 54.24 16.43 -25.21
C SER D 440 54.23 15.81 -26.61
N LEU D 441 53.78 16.58 -27.60
CA LEU D 441 53.77 16.13 -28.98
C LEU D 441 54.86 16.85 -29.76
N LYS D 442 55.34 16.21 -30.81
CA LYS D 442 56.35 16.83 -31.67
C LYS D 442 55.70 17.93 -32.50
N PRO D 443 56.29 19.11 -32.59
CA PRO D 443 55.82 20.10 -33.57
C PRO D 443 55.84 19.51 -34.97
N TYR D 444 54.78 19.80 -35.72
CA TYR D 444 54.77 19.49 -37.15
C TYR D 444 55.80 20.36 -37.86
N THR D 445 56.51 19.77 -38.82
CA THR D 445 57.55 20.48 -39.54
C THR D 445 57.12 20.95 -40.93
N SER D 446 55.89 20.63 -41.34
CA SER D 446 55.36 21.08 -42.62
C SER D 446 53.85 20.92 -42.60
N PHE D 447 53.18 21.59 -43.53
CA PHE D 447 51.74 21.41 -43.65
C PHE D 447 51.39 20.04 -44.17
N GLU D 448 52.24 19.47 -45.02
CA GLU D 448 51.98 18.13 -45.54
C GLU D 448 52.07 17.08 -44.44
N GLU D 449 52.98 17.26 -43.48
CA GLU D 449 53.01 16.34 -42.36
C GLU D 449 51.72 16.44 -41.55
N LEU D 450 51.18 17.65 -41.44
CA LEU D 450 49.94 17.86 -40.69
C LEU D 450 48.77 17.14 -41.36
N THR D 451 48.58 17.35 -42.66
CA THR D 451 47.44 16.78 -43.36
C THR D 451 47.69 15.37 -43.87
N GLY D 452 48.93 15.00 -44.15
CA GLY D 452 49.18 13.72 -44.75
C GLY D 452 48.81 13.61 -46.20
N GLU D 453 48.45 14.72 -46.84
CA GLU D 453 48.17 14.78 -48.27
C GLU D 453 48.81 16.05 -48.83
N LYS D 454 48.48 16.38 -50.07
CA LYS D 454 49.16 17.48 -50.75
C LYS D 454 48.28 18.69 -51.04
N GLU D 455 47.00 18.51 -51.34
CA GLU D 455 46.17 19.60 -51.84
C GLU D 455 45.79 20.58 -50.73
N MET D 456 45.17 20.09 -49.66
CA MET D 456 44.85 20.96 -48.54
C MET D 456 46.12 21.58 -47.97
N ALA D 457 47.17 20.79 -47.84
CA ALA D 457 48.45 21.28 -47.32
C ALA D 457 48.94 22.48 -48.12
N ALA D 458 48.87 22.41 -49.46
CA ALA D 458 49.34 23.51 -50.29
C ALA D 458 48.46 24.76 -50.13
N GLU D 459 47.14 24.58 -50.10
CA GLU D 459 46.25 25.69 -49.80
C GLU D 459 46.61 26.32 -48.45
N LEU D 460 46.84 25.49 -47.44
CA LEU D 460 47.19 26.03 -46.12
C LEU D 460 48.56 26.69 -46.13
N LYS D 461 49.51 26.18 -46.91
CA LYS D 461 50.83 26.80 -46.95
C LYS D 461 50.77 28.16 -47.63
N ALA D 462 49.93 28.31 -48.65
CA ALA D 462 49.75 29.61 -49.28
C ALA D 462 49.09 30.61 -48.35
N LEU D 463 48.26 30.13 -47.42
CA LEU D 463 47.57 31.02 -46.49
C LEU D 463 48.45 31.39 -45.29
N TYR D 464 49.15 30.41 -44.72
CA TYR D 464 49.86 30.61 -43.47
C TYR D 464 51.37 30.79 -43.61
N SER D 465 51.95 30.44 -44.76
CA SER D 465 53.40 30.48 -44.99
C SER D 465 54.17 29.54 -44.08
N ASP D 466 54.09 29.76 -42.78
CA ASP D 466 54.87 29.04 -41.78
C ASP D 466 53.97 28.07 -41.03
N ILE D 467 54.42 26.82 -40.92
CA ILE D 467 53.67 25.81 -40.18
C ILE D 467 53.53 26.21 -38.71
N ASP D 468 54.53 26.91 -38.17
CA ASP D 468 54.49 27.31 -36.77
C ASP D 468 53.47 28.42 -36.51
N VAL D 469 52.81 28.91 -37.55
CA VAL D 469 51.74 29.88 -37.41
C VAL D 469 50.39 29.23 -37.62
N MET D 470 50.37 27.95 -38.01
CA MET D 470 49.11 27.22 -38.12
C MET D 470 48.35 27.27 -36.80
N GLU D 471 47.03 27.45 -36.92
CA GLU D 471 46.15 27.60 -35.77
C GLU D 471 45.63 26.25 -35.32
N LEU D 472 45.26 26.18 -34.03
CA LEU D 472 44.88 24.91 -33.42
C LEU D 472 43.56 24.38 -33.99
N TYR D 473 42.53 25.22 -34.05
CA TYR D 473 41.21 24.73 -34.45
C TYR D 473 41.17 24.22 -35.88
N PRO D 474 41.55 25.00 -36.91
CA PRO D 474 41.50 24.42 -38.27
C PRO D 474 42.37 23.18 -38.40
N ALA D 475 43.50 23.16 -37.70
CA ALA D 475 44.42 22.03 -37.81
C ALA D 475 43.78 20.75 -37.33
N LEU D 476 42.93 20.84 -36.29
CA LEU D 476 42.25 19.64 -35.81
C LEU D 476 41.34 19.03 -36.88
N LEU D 477 40.69 19.87 -37.68
CA LEU D 477 39.72 19.37 -38.64
C LEU D 477 40.36 18.98 -39.97
N VAL D 478 41.59 19.42 -40.25
CA VAL D 478 42.29 18.99 -41.46
C VAL D 478 43.36 17.96 -41.16
N GLU D 479 43.61 17.63 -39.89
CA GLU D 479 44.70 16.76 -39.53
C GLU D 479 44.55 15.39 -40.15
N LYS D 480 45.68 14.79 -40.51
CA LYS D 480 45.73 13.39 -40.93
C LYS D 480 45.17 12.51 -39.83
N PRO D 481 44.10 11.76 -40.08
CA PRO D 481 43.57 10.86 -39.06
C PRO D 481 44.50 9.68 -38.82
N ARG D 482 44.35 9.08 -37.64
CA ARG D 482 44.91 7.75 -37.42
C ARG D 482 44.32 6.78 -38.44
N PRO D 483 45.01 5.65 -38.70
CA PRO D 483 44.52 4.73 -39.76
C PRO D 483 43.07 4.33 -39.57
N ASP D 484 42.21 4.73 -40.51
CA ASP D 484 40.77 4.45 -40.46
C ASP D 484 40.12 4.96 -39.18
N ALA D 485 40.62 6.07 -38.63
CA ALA D 485 40.11 6.60 -37.38
C ALA D 485 39.38 7.91 -37.62
N ILE D 486 38.64 8.32 -36.60
CA ILE D 486 37.83 9.53 -36.73
C ILE D 486 38.65 10.79 -36.47
N PHE D 487 39.73 10.68 -35.69
CA PHE D 487 40.51 11.81 -35.24
C PHE D 487 41.98 11.62 -35.62
N GLY D 488 42.70 12.75 -35.65
CA GLY D 488 44.14 12.74 -35.72
C GLY D 488 44.76 12.77 -34.32
N GLU D 489 46.11 12.80 -34.30
CA GLU D 489 46.84 12.69 -33.04
C GLU D 489 46.53 13.85 -32.10
N THR D 490 46.53 15.07 -32.61
CA THR D 490 46.38 16.24 -31.75
C THR D 490 45.07 16.22 -30.99
N MET D 491 43.98 15.88 -31.69
CA MET D 491 42.66 15.79 -31.05
C MET D 491 42.68 14.83 -29.86
N VAL D 492 43.19 13.63 -30.08
CA VAL D 492 43.17 12.61 -29.03
C VAL D 492 44.05 13.05 -27.86
N GLU D 493 45.29 13.46 -28.16
CA GLU D 493 46.29 13.69 -27.12
C GLU D 493 46.01 14.95 -26.31
N LEU D 494 45.41 15.96 -26.93
CA LEU D 494 45.02 17.15 -26.19
C LEU D 494 43.69 16.94 -25.48
N GLY D 495 42.76 16.23 -26.13
CA GLY D 495 41.43 16.09 -25.58
C GLY D 495 41.30 15.04 -24.50
N ALA D 496 42.07 13.95 -24.58
CA ALA D 496 41.93 12.89 -23.59
C ALA D 496 42.20 13.36 -22.16
N PRO D 497 43.28 14.12 -21.87
CA PRO D 497 43.46 14.56 -20.48
C PRO D 497 42.31 15.38 -19.93
N PHE D 498 41.82 16.38 -20.68
CA PHE D 498 40.66 17.14 -20.21
C PHE D 498 39.47 16.24 -19.97
N SER D 499 39.23 15.29 -20.87
CA SER D 499 38.07 14.41 -20.79
C SER D 499 38.08 13.59 -19.51
N LEU D 500 39.17 12.87 -19.25
CA LEU D 500 39.24 12.01 -18.08
C LEU D 500 39.27 12.82 -16.80
N LYS D 501 39.88 14.00 -16.84
CA LYS D 501 39.88 14.89 -15.68
C LYS D 501 38.47 15.33 -15.34
N GLY D 502 37.68 15.70 -16.35
CA GLY D 502 36.31 16.12 -16.12
C GLY D 502 35.38 15.02 -15.66
N LEU D 503 35.73 13.76 -15.92
CA LEU D 503 34.94 12.62 -15.48
C LEU D 503 35.34 12.14 -14.09
N MET D 504 36.64 11.88 -13.88
CA MET D 504 37.09 11.38 -12.60
C MET D 504 37.19 12.48 -11.54
N GLY D 505 37.31 13.75 -11.94
CA GLY D 505 37.39 14.84 -10.99
C GLY D 505 36.09 15.13 -10.25
N ASN D 506 34.99 14.53 -10.68
CA ASN D 506 33.68 14.75 -10.07
C ASN D 506 33.68 14.27 -8.63
N PRO D 507 32.99 14.98 -7.72
CA PRO D 507 33.02 14.57 -6.30
C PRO D 507 32.47 13.18 -6.03
N ILE D 508 31.54 12.65 -6.83
CA ILE D 508 31.02 11.32 -6.55
C ILE D 508 32.06 10.23 -6.75
N CYS D 509 33.18 10.55 -7.39
CA CYS D 509 34.31 9.60 -7.48
C CYS D 509 35.24 9.69 -6.29
N SER D 510 35.06 10.68 -5.41
CA SER D 510 35.93 10.77 -4.26
C SER D 510 35.59 9.69 -3.24
N PRO D 511 36.56 9.27 -2.41
CA PRO D 511 36.32 8.14 -1.50
C PRO D 511 35.10 8.31 -0.61
N GLN D 512 34.86 9.52 -0.10
CA GLN D 512 33.74 9.70 0.83
C GLN D 512 32.39 9.67 0.11
N TYR D 513 32.37 9.87 -1.21
CA TYR D 513 31.14 9.74 -1.96
C TYR D 513 30.94 8.34 -2.56
N TRP D 514 32.02 7.68 -2.97
CA TRP D 514 31.90 6.45 -3.76
C TRP D 514 31.66 5.25 -2.83
N LYS D 515 30.43 5.19 -2.32
CA LYS D 515 30.02 4.11 -1.44
C LYS D 515 28.52 3.95 -1.56
N PRO D 516 27.98 2.75 -1.25
CA PRO D 516 26.57 2.47 -1.58
C PRO D 516 25.57 3.46 -0.99
N SER D 517 25.79 3.93 0.24
CA SER D 517 24.78 4.78 0.88
C SER D 517 24.64 6.15 0.22
N THR D 518 25.68 6.63 -0.46
CA THR D 518 25.53 7.86 -1.24
C THR D 518 24.38 7.76 -2.22
N PHE D 519 24.13 6.55 -2.73
CA PHE D 519 23.18 6.32 -3.81
C PHE D 519 21.94 5.58 -3.35
N GLY D 520 21.66 5.60 -2.05
CA GLY D 520 20.49 4.92 -1.52
C GLY D 520 20.66 3.44 -1.26
N GLY D 521 21.90 2.95 -1.22
CA GLY D 521 22.18 1.55 -0.95
C GLY D 521 22.68 0.82 -2.18
N GLU D 522 22.89 -0.48 -2.00
CA GLU D 522 23.49 -1.30 -3.05
C GLU D 522 22.66 -1.27 -4.34
N VAL D 523 21.35 -1.07 -4.22
CA VAL D 523 20.49 -1.01 -5.39
C VAL D 523 20.80 0.24 -6.22
N GLY D 524 20.94 1.39 -5.56
CA GLY D 524 21.30 2.60 -6.28
C GLY D 524 22.72 2.55 -6.83
N PHE D 525 23.65 1.99 -6.06
CA PHE D 525 25.03 1.82 -6.52
C PHE D 525 25.07 0.97 -7.78
N LYS D 526 24.25 -0.08 -7.82
CA LYS D 526 24.28 -1.01 -8.96
C LYS D 526 23.76 -0.36 -10.23
N ILE D 527 22.84 0.60 -10.12
CA ILE D 527 22.36 1.30 -11.31
C ILE D 527 23.53 2.00 -11.98
N ILE D 528 24.40 2.64 -11.18
CA ILE D 528 25.60 3.27 -11.73
C ILE D 528 26.50 2.22 -12.38
N ASN D 529 26.82 1.16 -11.64
CA ASN D 529 27.87 0.25 -12.05
C ASN D 529 27.45 -0.73 -13.15
N THR D 530 26.17 -0.76 -13.54
CA THR D 530 25.73 -1.56 -14.68
C THR D 530 25.16 -0.71 -15.82
N ALA D 531 25.25 0.61 -15.74
CA ALA D 531 24.68 1.46 -16.77
C ALA D 531 25.41 1.27 -18.09
N SER D 532 24.70 1.55 -19.18
CA SER D 532 25.24 1.48 -20.53
C SER D 532 24.30 2.27 -21.44
N ILE D 533 24.82 2.68 -22.60
CA ILE D 533 23.95 3.34 -23.56
C ILE D 533 22.81 2.41 -23.96
N GLN D 534 23.08 1.11 -24.04
CA GLN D 534 22.04 0.16 -24.41
C GLN D 534 20.96 0.06 -23.33
N SER D 535 21.36 -0.05 -22.07
CA SER D 535 20.35 -0.21 -21.03
C SER D 535 19.63 1.10 -20.76
N LEU D 536 20.31 2.24 -20.94
CA LEU D 536 19.63 3.54 -20.87
C LEU D 536 18.48 3.61 -21.84
N ILE D 537 18.70 3.17 -23.08
CA ILE D 537 17.64 3.18 -24.08
C ILE D 537 16.62 2.09 -23.76
N CYS D 538 17.09 0.92 -23.31
CA CYS D 538 16.18 -0.21 -23.12
C CYS D 538 15.15 0.06 -22.03
N ASN D 539 15.58 0.67 -20.92
CA ASN D 539 14.65 0.92 -19.82
C ASN D 539 13.71 2.07 -20.10
N ASN D 540 14.05 2.97 -21.03
CA ASN D 540 13.36 4.24 -21.16
C ASN D 540 12.72 4.48 -22.52
N VAL D 541 12.91 3.58 -23.48
CA VAL D 541 12.35 3.73 -24.82
C VAL D 541 11.45 2.53 -25.10
N LYS D 542 10.22 2.80 -25.52
CA LYS D 542 9.24 1.73 -25.73
C LYS D 542 9.75 0.67 -26.69
N GLY D 543 9.59 -0.58 -26.30
CA GLY D 543 10.03 -1.71 -27.11
C GLY D 543 11.47 -2.13 -26.88
N CYS D 544 12.24 -1.38 -26.10
CA CYS D 544 13.65 -1.65 -25.87
C CYS D 544 14.41 -1.90 -27.19
N PRO D 545 14.45 -0.91 -28.08
CA PRO D 545 15.16 -1.13 -29.34
C PRO D 545 16.66 -1.25 -29.11
N PHE D 546 17.30 -2.07 -29.92
CA PHE D 546 18.76 -2.15 -29.91
C PHE D 546 19.36 -0.78 -30.23
N THR D 547 20.44 -0.44 -29.54
CA THR D 547 21.23 0.72 -29.92
C THR D 547 22.68 0.50 -29.57
N SER D 548 23.52 1.41 -30.05
CA SER D 548 24.96 1.45 -29.79
C SER D 548 25.47 2.73 -30.43
N PHE D 549 26.77 2.96 -30.31
CA PHE D 549 27.37 4.17 -30.86
C PHE D 549 27.96 3.98 -32.25
N ASN D 550 27.91 2.78 -32.81
CA ASN D 550 28.39 2.53 -34.16
C ASN D 550 27.29 1.90 -35.01
N VAL D 551 27.33 2.18 -36.31
CA VAL D 551 26.35 1.60 -37.22
C VAL D 551 26.64 0.12 -37.32
N GLN D 552 25.59 -0.69 -37.46
CA GLN D 552 25.65 -2.16 -37.31
C GLN D 552 26.42 -2.56 -36.05
#